data_4IIC
#
_entry.id   4IIC
#
_cell.length_a   82.142
_cell.length_b   122.478
_cell.length_c   222.107
_cell.angle_alpha   90.00
_cell.angle_beta   90.00
_cell.angle_gamma   90.00
#
_symmetry.space_group_name_H-M   'P 21 21 21'
#
loop_
_entity.id
_entity.type
_entity.pdbx_description
1 polymer 'Beta-glucosidase 1'
2 branched alpha-D-mannopyranose-(1-3)-[alpha-D-mannopyranose-(1-6)]beta-D-mannopyranose-(1-4)-2-acetamido-2-deoxy-beta-D-glucopyranose-(1-4)-2-acetamido-2-deoxy-beta-D-glucopyranose
3 branched beta-D-mannopyranose-(1-4)-2-acetamido-2-deoxy-beta-D-glucopyranose-(1-4)-2-acetamido-2-deoxy-beta-D-glucopyranose
4 branched 2-acetamido-2-deoxy-beta-D-glucopyranose-(1-4)-2-acetamido-2-deoxy-beta-D-glucopyranose
5 branched alpha-D-mannopyranose-(1-2)-alpha-D-mannopyranose-(1-3)-[alpha-D-mannopyranose-(1-2)-alpha-D-mannopyranose-(1-6)]alpha-D-mannopyranose-(1-6)-[alpha-D-mannopyranose-(1-2)-alpha-D-mannopyranose-(1-3)]beta-D-mannopyranose-(1-4)-2-acetamido-2-deoxy-beta-D-glucopyranose-(1-4)-2-acetamido-2-deoxy-beta-D-glucopyranose
6 branched alpha-D-mannopyranose-(1-2)-alpha-D-mannopyranose-(1-6)-alpha-D-mannopyranose-(1-6)-[alpha-D-mannopyranose-(1-3)]beta-D-mannopyranose-(1-4)-2-acetamido-2-deoxy-beta-D-glucopyranose-(1-4)-2-acetamido-2-deoxy-beta-D-glucopyranose
7 branched alpha-D-mannopyranose-(1-2)-alpha-D-mannopyranose-(1-3)-[alpha-D-mannopyranose-(1-6)]alpha-D-mannopyranose-(1-6)-beta-D-mannopyranose-(1-4)-2-acetamido-2-deoxy-beta-D-glucopyranose-(1-4)-2-acetamido-2-deoxy-beta-D-glucopyranose
8 branched alpha-D-mannopyranose-(1-2)-alpha-D-mannopyranose-(1-2)-alpha-D-mannopyranose-(1-3)-[alpha-D-mannopyranose-(1-6)]beta-D-mannopyranose-(1-4)-2-acetamido-2-deoxy-beta-D-glucopyranose-(1-4)-2-acetamido-2-deoxy-beta-D-glucopyranose
9 branched alpha-D-mannopyranose-(1-6)-beta-D-mannopyranose-(1-4)-2-acetamido-2-deoxy-beta-D-glucopyranose-(1-4)-2-acetamido-2-deoxy-beta-D-glucopyranose
10 branched alpha-D-mannopyranose-(1-2)-alpha-D-mannopyranose-(1-3)-[alpha-D-mannopyranose-(1-6)]alpha-D-mannopyranose-(1-6)-[alpha-D-mannopyranose-(1-3)]beta-D-mannopyranose-(1-4)-2-acetamido-2-deoxy-beta-D-glucopyranose-(1-4)-2-acetamido-2-deoxy-beta-D-glucopyranose
11 non-polymer 2-acetamido-2-deoxy-beta-D-glucopyranose
12 non-polymer (4R)-2-METHYLPENTANE-2,4-DIOL
13 non-polymer (4S)-2-METHYL-2,4-PENTANEDIOL
14 non-polymer 'SODIUM ION'
15 non-polymer 5-HYDROXYMETHYL-3,4-DIHYDROXYPIPERIDINE
16 water water
#
_entity_poly.entity_id   1
_entity_poly.type   'polypeptide(L)'
_entity_poly.pdbx_seq_one_letter_code
;DELAFSPPFYPSPWANGQGEWAEAYQRAVAIVSQMTLDEKVNLTTGTGWELEKCVGQTGGVPRLNIGGMCLQDSPLGIRD
SDYNSAFPAGVNVAATWDKNLAYLRGQAMGQEFSDKGIDVQLGPAAGPLGRSPDGGRNWEGFSPDPALTGVLFAETIKGI
QDAGVVATAKHYILNEQEHFRQVAEAAGYGFNISDTISSNVDDKTIHEMYLWPFADAVRAGVGAIMCSYNQINNSYGCQN
SYTLNKLLKAELGFQGFVMSDWGAHHSGVGSALAGLDMSMPGDITFDSATSFWGTNLTIAVLNGTVPQWRVDDMAVRIMA
AYYKVGRDRLYQPPNFSSWTRDEYGFKYFYPQEGPYEKVNHFVNVQRNHSEVIRKLGADSTVLLKNNNALPLTGKERKVA
ILGEDAGSNSYGANGCSDRGCDNGTLAMAWGSGTAEFPYLVTPEQAIQAEVLKHKGSVYAITDNWALSQVETLAKQASVS
LVFVNSDAGEGYISVDGNEGDRNNLTLWKNGDNLIKAAANNCNNTIVVIHSVGPVLVDEWYDHPNVTAILWAGLPGQESG
NSLADVLYGRVNPGAKSPFTWGKTREAYGDYLVRELNNGNGAPQDDFSEGVFIDYRGFDKRNETPIYEFGHGLSYTTFNY
SGLHIQVLNASSNAQVATETGAAPTFGQVGNASDYVYPEGLTRISKFIYPWLNSTDLKASSGDPYYGVDTAEHVPEGATD
GSPQPVLPAGGGSGGNPRLYDELIRVSVTVKNTGRVAGDAVPQLYVSLGGPNEPKVVLRKFDRLTLKPSEETVWTTTLTR
RDLSNWDVAAQDWVITSYPKKVHVGSSSRQLPLHAALPKVQ
;
_entity_poly.pdbx_strand_id   A,B
#
# COMPACT_ATOMS: atom_id res chain seq x y z
N LEU A 3 25.80 -11.58 -47.45
CA LEU A 3 25.41 -10.74 -46.24
C LEU A 3 24.80 -9.46 -46.80
N ALA A 4 23.69 -9.00 -46.24
CA ALA A 4 23.16 -7.67 -46.65
C ALA A 4 24.29 -6.60 -46.67
N PHE A 5 24.17 -5.66 -47.62
CA PHE A 5 25.20 -4.66 -47.89
C PHE A 5 24.53 -3.31 -47.94
N SER A 6 25.23 -2.29 -47.47
CA SER A 6 24.66 -0.96 -47.34
C SER A 6 25.43 -0.08 -48.34
N PRO A 7 24.78 0.30 -49.45
CA PRO A 7 25.52 1.03 -50.52
C PRO A 7 25.88 2.46 -50.04
N PRO A 8 26.97 3.06 -50.60
CA PRO A 8 27.49 4.32 -50.10
C PRO A 8 26.64 5.47 -50.63
N PHE A 9 26.57 6.57 -49.88
CA PHE A 9 25.99 7.76 -50.40
C PHE A 9 26.77 8.93 -49.84
N TYR A 10 27.51 9.58 -50.75
CA TYR A 10 28.39 10.69 -50.38
C TYR A 10 28.27 11.79 -51.43
N PRO A 11 28.49 13.08 -51.08
CA PRO A 11 28.96 13.55 -49.84
C PRO A 11 27.80 13.73 -48.83
N SER A 12 28.21 13.98 -47.60
CA SER A 12 27.26 14.26 -46.52
C SER A 12 26.55 15.65 -46.76
N PRO A 13 25.23 15.67 -47.01
CA PRO A 13 24.65 16.97 -47.40
C PRO A 13 24.88 18.05 -46.35
N TRP A 14 25.16 19.26 -46.84
CA TRP A 14 25.32 20.42 -45.93
C TRP A 14 24.00 21.17 -45.74
N ALA A 15 23.85 21.74 -44.53
CA ALA A 15 22.68 22.57 -44.22
C ALA A 15 22.49 23.71 -45.22
N ASN A 16 21.26 24.17 -45.35
CA ASN A 16 21.05 25.29 -46.27
C ASN A 16 19.99 26.30 -45.87
N GLY A 17 19.59 26.32 -44.59
CA GLY A 17 18.49 27.20 -44.19
C GLY A 17 17.11 26.86 -44.74
N GLN A 18 16.85 25.58 -45.03
CA GLN A 18 15.57 25.13 -45.60
C GLN A 18 14.36 25.63 -44.76
N GLY A 19 13.37 26.23 -45.42
CA GLY A 19 12.01 26.42 -44.80
C GLY A 19 12.05 27.16 -43.45
N GLU A 20 11.62 26.50 -42.36
CA GLU A 20 11.53 27.21 -41.07
C GLU A 20 12.91 27.40 -40.41
N TRP A 21 13.96 26.87 -41.04
CA TRP A 21 15.34 26.97 -40.47
C TRP A 21 16.12 28.17 -40.96
N ALA A 22 15.50 29.01 -41.80
CA ALA A 22 16.22 30.15 -42.41
C ALA A 22 16.87 31.05 -41.35
N GLU A 23 16.14 31.44 -40.33
CA GLU A 23 16.76 32.39 -39.39
C GLU A 23 17.80 31.73 -38.50
N ALA A 24 17.45 30.54 -37.96
CA ALA A 24 18.37 29.79 -37.07
C ALA A 24 19.67 29.52 -37.88
N TYR A 25 19.54 29.20 -39.17
CA TYR A 25 20.75 28.87 -39.95
C TYR A 25 21.66 30.13 -40.11
N GLN A 26 21.04 31.27 -40.37
CA GLN A 26 21.82 32.52 -40.51
C GLN A 26 22.50 32.82 -39.23
N ARG A 27 21.79 32.63 -38.12
CA ARG A 27 22.48 32.94 -36.86
C ARG A 27 23.58 31.95 -36.53
N ALA A 28 23.39 30.66 -36.86
CA ALA A 28 24.46 29.65 -36.62
C ALA A 28 25.71 29.96 -37.49
N VAL A 29 25.48 30.30 -38.76
CA VAL A 29 26.61 30.63 -39.68
C VAL A 29 27.42 31.81 -39.15
N ALA A 30 26.70 32.82 -38.66
CA ALA A 30 27.31 34.04 -38.19
C ALA A 30 28.22 33.72 -36.99
N ILE A 31 27.78 32.80 -36.12
CA ILE A 31 28.59 32.55 -34.92
C ILE A 31 29.72 31.50 -35.16
N VAL A 32 29.42 30.49 -35.99
CA VAL A 32 30.40 29.46 -36.27
C VAL A 32 31.56 30.11 -37.14
N SER A 33 31.23 31.14 -37.93
CA SER A 33 32.25 31.92 -38.72
C SER A 33 33.26 32.57 -37.83
N GLN A 34 32.88 32.83 -36.55
CA GLN A 34 33.81 33.39 -35.59
C GLN A 34 34.67 32.36 -34.79
N MET A 35 34.44 31.09 -34.97
CA MET A 35 35.06 30.09 -34.10
C MET A 35 36.33 29.53 -34.65
N THR A 36 37.23 29.11 -33.76
CA THR A 36 38.43 28.41 -34.13
C THR A 36 38.11 26.93 -34.37
N LEU A 37 39.02 26.16 -34.96
CA LEU A 37 38.71 24.72 -35.27
C LEU A 37 38.45 23.92 -33.95
N ASP A 38 39.27 24.16 -32.92
CA ASP A 38 39.06 23.45 -31.62
C ASP A 38 37.71 23.81 -30.95
N GLU A 39 37.27 25.07 -31.10
CA GLU A 39 35.92 25.45 -30.66
C GLU A 39 34.80 24.68 -31.39
N LYS A 40 34.84 24.67 -32.73
CA LYS A 40 33.94 23.85 -33.51
C LYS A 40 33.95 22.39 -33.02
N VAL A 41 35.14 21.84 -32.80
CA VAL A 41 35.25 20.42 -32.41
C VAL A 41 34.59 20.22 -31.01
N ASN A 42 34.75 21.20 -30.14
CA ASN A 42 34.12 21.17 -28.80
C ASN A 42 32.59 20.97 -28.89
N LEU A 43 31.95 21.59 -29.87
CA LEU A 43 30.50 21.47 -30.04
C LEU A 43 30.09 20.05 -30.42
N THR A 44 30.95 19.32 -31.15
CA THR A 44 30.62 18.00 -31.72
C THR A 44 30.87 16.81 -30.78
N THR A 45 31.62 17.01 -29.71
CA THR A 45 32.08 15.87 -28.91
C THR A 45 31.74 16.02 -27.43
N GLY A 46 31.11 14.99 -26.83
CA GLY A 46 30.81 15.09 -25.40
C GLY A 46 32.10 15.01 -24.60
N THR A 47 32.04 15.38 -23.30
CA THR A 47 33.24 15.48 -22.50
C THR A 47 33.69 14.23 -21.76
N GLY A 48 32.97 13.12 -21.91
CA GLY A 48 33.31 11.88 -21.21
C GLY A 48 32.18 11.40 -20.28
N TRP A 49 32.04 10.08 -20.13
CA TRP A 49 30.91 9.51 -19.36
C TRP A 49 31.02 10.01 -17.89
N GLU A 50 29.97 10.70 -17.41
CA GLU A 50 29.89 11.21 -15.98
C GLU A 50 30.97 12.25 -15.61
N LEU A 51 31.45 13.00 -16.61
CA LEU A 51 32.49 13.99 -16.31
C LEU A 51 31.81 15.26 -15.86
N GLU A 52 30.59 15.52 -16.35
CA GLU A 52 29.96 16.79 -15.94
C GLU A 52 28.52 16.48 -15.29
N LYS A 53 27.47 17.23 -15.60
CA LYS A 53 26.17 17.02 -14.87
C LYS A 53 25.21 16.10 -15.62
N CYS A 54 25.20 16.14 -16.95
CA CYS A 54 24.10 15.58 -17.74
C CYS A 54 24.46 14.25 -18.31
N VAL A 55 23.44 13.46 -18.63
CA VAL A 55 23.72 12.19 -19.27
C VAL A 55 24.70 12.30 -20.47
N GLY A 56 24.46 13.31 -21.30
CA GLY A 56 25.54 13.72 -22.29
C GLY A 56 25.81 15.20 -22.05
N GLN A 57 27.05 15.65 -22.32
CA GLN A 57 27.27 17.05 -22.10
C GLN A 57 28.49 17.42 -23.02
N THR A 58 28.38 18.50 -23.78
CA THR A 58 29.55 19.00 -24.51
C THR A 58 30.22 20.15 -23.72
N GLY A 59 31.44 20.54 -24.16
CA GLY A 59 32.19 21.62 -23.47
C GLY A 59 31.77 23.05 -23.80
N GLY A 60 31.02 23.21 -24.85
CA GLY A 60 30.61 24.50 -25.41
C GLY A 60 31.83 25.29 -25.92
N VAL A 61 31.61 26.57 -26.06
CA VAL A 61 32.60 27.51 -26.60
C VAL A 61 32.65 28.70 -25.62
N PRO A 62 33.51 28.64 -24.58
CA PRO A 62 33.40 29.74 -23.59
C PRO A 62 33.81 31.14 -24.06
N ARG A 63 34.68 31.21 -25.07
CA ARG A 63 35.15 32.46 -25.59
C ARG A 63 33.98 33.17 -26.23
N LEU A 64 33.02 32.46 -26.81
CA LEU A 64 31.85 33.13 -27.38
C LEU A 64 30.56 33.03 -26.51
N ASN A 65 30.77 32.64 -25.24
CA ASN A 65 29.69 32.61 -24.23
C ASN A 65 28.63 31.57 -24.64
N ILE A 66 29.07 30.45 -25.21
CA ILE A 66 28.15 29.34 -25.53
C ILE A 66 28.42 28.35 -24.44
N GLY A 67 27.43 28.07 -23.60
CA GLY A 67 27.59 27.10 -22.50
C GLY A 67 27.58 25.70 -23.13
N GLY A 68 28.23 24.76 -22.47
CA GLY A 68 28.24 23.38 -22.88
C GLY A 68 26.77 22.90 -22.99
N MET A 69 26.50 22.04 -23.96
CA MET A 69 25.10 21.59 -24.19
C MET A 69 24.83 20.48 -23.24
N CYS A 70 23.70 20.58 -22.50
CA CYS A 70 23.35 19.53 -21.53
C CYS A 70 22.28 18.64 -22.18
N LEU A 71 22.54 17.36 -22.36
CA LEU A 71 21.57 16.42 -23.02
C LEU A 71 21.10 15.46 -21.92
N GLN A 72 19.78 15.33 -21.73
CA GLN A 72 19.28 14.45 -20.68
C GLN A 72 18.13 13.53 -21.17
N ASP A 73 18.17 12.27 -20.78
CA ASP A 73 16.96 11.39 -20.86
C ASP A 73 15.84 12.01 -19.97
N SER A 74 14.56 11.63 -20.16
CA SER A 74 14.06 10.59 -21.01
C SER A 74 12.85 11.07 -21.82
N PRO A 75 12.31 10.21 -22.75
CA PRO A 75 11.10 10.53 -23.47
C PRO A 75 9.86 10.77 -22.59
N LEU A 76 9.87 10.38 -21.29
CA LEU A 76 8.66 10.59 -20.44
C LEU A 76 8.93 11.42 -19.18
N GLY A 77 10.07 12.13 -19.12
CA GLY A 77 10.34 12.97 -17.96
C GLY A 77 11.85 13.01 -17.70
N ILE A 78 12.32 14.01 -16.92
CA ILE A 78 13.76 14.14 -16.67
C ILE A 78 14.30 12.94 -15.84
N ARG A 79 15.37 12.34 -16.35
CA ARG A 79 15.98 11.16 -15.73
C ARG A 79 17.01 11.63 -14.69
N ASP A 80 17.23 10.79 -13.64
CA ASP A 80 18.40 10.93 -12.77
C ASP A 80 18.42 12.31 -12.09
N SER A 81 17.24 12.83 -11.75
CA SER A 81 17.21 14.20 -11.16
C SER A 81 16.30 14.25 -9.96
N ASP A 82 15.84 15.46 -9.54
CA ASP A 82 14.94 15.48 -8.42
C ASP A 82 13.87 16.50 -8.59
N TYR A 83 12.74 16.31 -7.90
CA TYR A 83 11.60 17.29 -7.95
C TYR A 83 11.22 17.52 -9.38
N ASN A 84 11.05 16.42 -10.10
CA ASN A 84 10.56 16.44 -11.49
C ASN A 84 9.32 15.55 -11.51
N SER A 85 8.59 15.61 -12.62
CA SER A 85 7.45 14.71 -12.81
C SER A 85 7.77 13.44 -13.56
N ALA A 86 6.87 12.46 -13.50
CA ALA A 86 7.06 11.21 -14.20
C ALA A 86 5.82 11.04 -15.06
N PHE A 87 5.93 11.28 -16.38
CA PHE A 87 4.74 11.34 -17.20
C PHE A 87 4.39 9.92 -17.71
N PRO A 88 3.18 9.70 -18.30
CA PRO A 88 2.91 8.34 -18.81
C PRO A 88 3.88 8.06 -20.03
N ALA A 89 4.08 6.80 -20.36
CA ALA A 89 4.98 6.43 -21.50
C ALA A 89 4.43 6.81 -22.87
N GLY A 90 5.31 6.85 -23.90
CA GLY A 90 4.85 7.24 -25.25
C GLY A 90 3.70 6.27 -25.68
N VAL A 91 3.74 5.00 -25.29
CA VAL A 91 2.64 4.08 -25.72
C VAL A 91 1.28 4.58 -25.20
N ASN A 92 1.22 5.14 -23.98
CA ASN A 92 -0.02 5.66 -23.53
C ASN A 92 -0.41 6.85 -24.42
N VAL A 93 0.54 7.70 -24.77
CA VAL A 93 0.17 8.86 -25.68
C VAL A 93 -0.49 8.27 -26.95
N ALA A 94 0.09 7.22 -27.51
CA ALA A 94 -0.47 6.55 -28.71
C ALA A 94 -1.94 6.11 -28.43
N ALA A 95 -2.16 5.50 -27.25
CA ALA A 95 -3.51 5.01 -26.88
C ALA A 95 -4.48 6.14 -26.77
N THR A 96 -4.02 7.38 -26.50
CA THR A 96 -5.01 8.46 -26.41
C THR A 96 -5.55 8.84 -27.80
N TRP A 97 -4.76 8.57 -28.84
CA TRP A 97 -5.16 9.01 -30.25
C TRP A 97 -5.45 10.54 -30.23
N ASP A 98 -4.72 11.30 -29.39
CA ASP A 98 -5.07 12.69 -29.08
C ASP A 98 -3.85 13.59 -29.32
N LYS A 99 -3.84 14.30 -30.48
CA LYS A 99 -2.72 15.16 -30.90
C LYS A 99 -2.57 16.24 -29.89
N ASN A 100 -3.69 16.77 -29.37
CA ASN A 100 -3.58 17.85 -28.37
C ASN A 100 -2.86 17.39 -27.05
N LEU A 101 -3.28 16.27 -26.50
CA LEU A 101 -2.61 15.75 -25.31
C LEU A 101 -1.15 15.42 -25.61
N ALA A 102 -0.85 14.88 -26.81
CA ALA A 102 0.56 14.66 -27.15
C ALA A 102 1.37 15.97 -27.06
N TYR A 103 0.85 17.04 -27.67
CA TYR A 103 1.51 18.36 -27.67
C TYR A 103 1.63 18.85 -26.20
N LEU A 104 0.57 18.73 -25.45
CA LEU A 104 0.57 19.26 -24.05
C LEU A 104 1.54 18.52 -23.19
N ARG A 105 1.59 17.19 -23.32
CA ARG A 105 2.68 16.44 -22.62
C ARG A 105 4.10 16.92 -23.04
N GLY A 106 4.34 17.13 -24.36
CA GLY A 106 5.69 17.60 -24.80
C GLY A 106 5.98 18.96 -24.14
N GLN A 107 4.95 19.88 -24.16
CA GLN A 107 5.14 21.23 -23.56
C GLN A 107 5.45 21.12 -22.06
N ALA A 108 4.69 20.29 -21.35
CA ALA A 108 4.91 20.25 -19.86
C ALA A 108 6.36 19.64 -19.65
N MET A 109 6.74 18.60 -20.45
CA MET A 109 8.12 18.06 -20.34
C MET A 109 9.16 19.13 -20.71
N GLY A 110 9.02 19.81 -21.85
CA GLY A 110 10.02 20.84 -22.19
C GLY A 110 10.18 21.88 -21.08
N GLN A 111 9.08 22.29 -20.49
CA GLN A 111 9.18 23.29 -19.38
C GLN A 111 10.02 22.76 -18.25
N GLU A 112 9.78 21.52 -17.81
CA GLU A 112 10.60 20.93 -16.73
C GLU A 112 12.08 20.85 -17.11
N PHE A 113 12.35 20.27 -18.28
CA PHE A 113 13.77 20.12 -18.73
C PHE A 113 14.38 21.53 -18.73
N SER A 114 13.64 22.52 -19.25
CA SER A 114 14.30 23.87 -19.46
C SER A 114 14.69 24.43 -18.07
N ASP A 115 13.76 24.28 -17.11
CA ASP A 115 13.96 24.78 -15.76
C ASP A 115 15.06 24.11 -14.95
N LYS A 116 15.55 22.93 -15.39
CA LYS A 116 16.70 22.28 -14.75
C LYS A 116 18.05 22.70 -15.44
N GLY A 117 17.96 23.53 -16.47
CA GLY A 117 19.19 23.94 -17.20
C GLY A 117 19.55 22.86 -18.23
N ILE A 118 18.53 22.12 -18.76
CA ILE A 118 18.82 21.05 -19.81
C ILE A 118 18.49 21.71 -21.14
N ASP A 119 19.39 21.54 -22.08
CA ASP A 119 19.23 22.10 -23.48
C ASP A 119 18.59 21.18 -24.47
N VAL A 120 18.77 19.91 -24.24
CA VAL A 120 18.35 18.91 -25.25
C VAL A 120 17.67 17.76 -24.51
N GLN A 121 16.41 17.45 -24.87
CA GLN A 121 15.76 16.26 -24.31
C GLN A 121 16.03 15.07 -25.21
N LEU A 122 16.51 13.98 -24.63
CA LEU A 122 16.73 12.74 -25.40
C LEU A 122 15.41 11.98 -25.63
N GLY A 123 14.53 12.56 -26.46
CA GLY A 123 13.25 11.93 -26.83
C GLY A 123 12.54 13.06 -27.58
N PRO A 124 11.39 12.73 -28.18
CA PRO A 124 10.73 11.41 -28.01
C PRO A 124 11.23 10.31 -28.97
N ALA A 125 10.55 9.15 -28.99
CA ALA A 125 11.04 7.92 -29.70
C ALA A 125 9.99 7.47 -30.63
N ALA A 126 10.45 7.10 -31.86
CA ALA A 126 9.57 6.49 -32.87
C ALA A 126 10.31 5.28 -33.49
N GLY A 127 11.43 4.95 -32.86
CA GLY A 127 12.22 3.81 -33.30
C GLY A 127 12.77 3.23 -31.99
N PRO A 128 12.41 2.00 -31.63
CA PRO A 128 11.59 1.00 -32.38
C PRO A 128 10.19 1.52 -32.69
N LEU A 129 9.76 1.23 -33.92
CA LEU A 129 8.37 1.48 -34.32
C LEU A 129 7.52 0.41 -33.66
N GLY A 130 8.03 -0.85 -33.59
CA GLY A 130 7.28 -1.97 -32.98
C GLY A 130 7.08 -3.15 -33.94
N ARG A 131 8.12 -3.47 -34.72
CA ARG A 131 8.12 -4.77 -35.48
C ARG A 131 7.62 -6.01 -34.72
N SER A 132 8.05 -6.20 -33.47
CA SER A 132 7.77 -7.46 -32.69
C SER A 132 7.06 -7.04 -31.37
N PRO A 133 5.94 -7.68 -31.02
CA PRO A 133 5.21 -7.30 -29.82
C PRO A 133 6.02 -7.50 -28.55
N ASP A 134 7.01 -8.38 -28.55
CA ASP A 134 7.94 -8.58 -27.44
C ASP A 134 9.23 -7.75 -27.43
N GLY A 135 9.40 -6.84 -28.39
CA GLY A 135 10.57 -5.94 -28.41
C GLY A 135 10.65 -5.13 -27.08
N GLY A 136 11.84 -5.00 -26.49
CA GLY A 136 11.92 -4.51 -25.11
C GLY A 136 11.59 -3.02 -24.94
N ARG A 137 11.57 -2.24 -26.04
CA ARG A 137 11.47 -0.77 -25.91
C ARG A 137 10.34 -0.17 -26.71
N ASN A 138 9.46 -0.98 -27.25
CA ASN A 138 8.35 -0.41 -27.99
C ASN A 138 7.58 0.62 -27.24
N TRP A 139 7.40 0.34 -25.95
CA TRP A 139 6.64 1.19 -25.04
C TRP A 139 7.15 2.63 -24.95
N GLU A 140 8.42 2.85 -25.24
CA GLU A 140 8.94 4.25 -25.15
C GLU A 140 8.45 5.07 -26.35
N GLY A 141 8.12 4.35 -27.47
CA GLY A 141 7.68 5.01 -28.72
C GLY A 141 6.14 5.17 -28.68
N PHE A 142 5.46 4.87 -29.79
CA PHE A 142 4.03 5.12 -29.85
C PHE A 142 3.27 3.86 -30.28
N SER A 143 3.36 3.52 -31.59
CA SER A 143 2.50 2.44 -32.16
C SER A 143 3.24 1.76 -33.32
N PRO A 144 2.97 0.48 -33.61
CA PRO A 144 3.58 -0.14 -34.79
C PRO A 144 3.00 0.52 -36.07
N ASP A 145 2.03 1.38 -35.93
CA ASP A 145 1.44 2.07 -37.13
C ASP A 145 2.18 3.35 -37.44
N PRO A 146 2.72 3.52 -38.69
CA PRO A 146 3.51 4.73 -38.93
C PRO A 146 2.67 6.01 -38.95
N ALA A 147 1.40 5.97 -39.37
CA ALA A 147 0.63 7.25 -39.45
C ALA A 147 0.29 7.79 -38.02
N LEU A 148 -0.17 6.87 -37.19
CA LEU A 148 -0.52 7.20 -35.73
C LEU A 148 0.78 7.66 -35.08
N THR A 149 1.84 6.86 -35.18
CA THR A 149 3.12 7.27 -34.58
C THR A 149 3.66 8.57 -35.06
N GLY A 150 3.73 8.73 -36.40
CA GLY A 150 4.34 9.99 -36.90
C GLY A 150 3.63 11.25 -36.46
N VAL A 151 2.32 11.24 -36.45
CA VAL A 151 1.60 12.43 -36.08
C VAL A 151 1.80 12.75 -34.54
N LEU A 152 1.70 11.70 -33.72
CA LEU A 152 1.86 12.01 -32.25
C LEU A 152 3.34 12.29 -31.85
N PHE A 153 4.26 11.67 -32.56
CA PHE A 153 5.73 11.98 -32.44
C PHE A 153 5.94 13.46 -32.76
N ALA A 154 5.47 13.88 -33.93
CA ALA A 154 5.55 15.30 -34.31
C ALA A 154 4.95 16.26 -33.30
N GLU A 155 3.75 15.95 -32.80
CA GLU A 155 3.11 16.91 -31.85
C GLU A 155 3.97 16.91 -30.57
N THR A 156 4.55 15.73 -30.18
CA THR A 156 5.35 15.71 -28.95
C THR A 156 6.58 16.63 -29.15
N ILE A 157 7.26 16.49 -30.30
CA ILE A 157 8.42 17.34 -30.59
C ILE A 157 8.02 18.83 -30.57
N LYS A 158 6.89 19.18 -31.17
CA LYS A 158 6.51 20.62 -31.23
C LYS A 158 6.25 21.13 -29.82
N GLY A 159 5.62 20.32 -28.97
CA GLY A 159 5.40 20.81 -27.54
C GLY A 159 6.75 21.05 -26.84
N ILE A 160 7.64 20.08 -26.89
CA ILE A 160 8.98 20.28 -26.28
C ILE A 160 9.72 21.52 -26.84
N GLN A 161 9.80 21.64 -28.19
CA GLN A 161 10.62 22.71 -28.81
C GLN A 161 9.95 24.06 -28.64
N ASP A 162 8.66 24.08 -28.66
CA ASP A 162 7.91 25.39 -28.32
C ASP A 162 8.15 25.85 -26.89
N ALA A 163 8.54 24.88 -26.02
CA ALA A 163 8.89 25.21 -24.62
C ALA A 163 10.40 25.54 -24.49
N GLY A 164 11.14 25.53 -25.60
CA GLY A 164 12.47 26.10 -25.59
C GLY A 164 13.53 25.03 -25.33
N VAL A 165 13.25 23.75 -25.63
CA VAL A 165 14.30 22.73 -25.40
C VAL A 165 14.43 21.99 -26.74
N VAL A 166 15.65 21.64 -27.14
CA VAL A 166 15.80 20.84 -28.38
C VAL A 166 15.28 19.40 -28.18
N ALA A 167 14.35 18.91 -29.04
CA ALA A 167 13.99 17.50 -28.96
C ALA A 167 14.90 16.64 -29.82
N THR A 168 15.04 15.40 -29.41
CA THR A 168 15.89 14.40 -30.12
C THR A 168 14.98 13.25 -30.57
N ALA A 169 14.79 13.15 -31.90
CA ALA A 169 14.01 12.03 -32.44
C ALA A 169 14.92 10.81 -32.41
N LYS A 170 14.52 9.74 -31.71
CA LYS A 170 15.42 8.57 -31.57
C LYS A 170 14.53 7.29 -31.85
N HIS A 171 15.09 6.12 -32.06
CA HIS A 171 16.51 5.89 -32.39
C HIS A 171 16.50 5.67 -33.90
N TYR A 172 17.42 6.33 -34.58
CA TYR A 172 17.36 6.29 -36.07
C TYR A 172 18.48 5.31 -36.52
N ILE A 173 18.17 4.07 -36.94
CA ILE A 173 16.81 3.56 -37.27
C ILE A 173 16.86 2.04 -37.31
N LEU A 174 15.70 1.36 -37.19
CA LEU A 174 15.63 -0.10 -37.24
C LEU A 174 16.17 -0.77 -36.01
N ASN A 175 16.24 -0.04 -34.87
CA ASN A 175 16.63 -0.70 -33.61
C ASN A 175 15.38 -1.42 -33.02
N GLU A 176 14.91 -2.50 -33.68
CA GLU A 176 13.60 -3.06 -33.36
C GLU A 176 13.62 -4.12 -32.26
N GLN A 177 14.82 -4.41 -31.77
CA GLN A 177 14.96 -5.39 -30.63
C GLN A 177 16.17 -5.09 -29.78
N GLU A 178 16.13 -5.55 -28.52
CA GLU A 178 17.27 -5.28 -27.62
C GLU A 178 18.35 -6.36 -27.72
N HIS A 179 17.96 -7.61 -28.00
CA HIS A 179 18.99 -8.71 -28.06
C HIS A 179 20.04 -8.42 -29.16
N PHE A 180 21.33 -8.52 -28.76
CA PHE A 180 22.52 -8.31 -29.63
C PHE A 180 22.68 -6.86 -30.11
N ARG A 181 22.06 -5.90 -29.39
CA ARG A 181 22.14 -4.54 -29.85
C ARG A 181 23.53 -3.94 -29.58
N GLN A 182 24.25 -4.43 -28.56
CA GLN A 182 25.62 -3.97 -28.22
C GLN A 182 26.47 -5.21 -27.95
N VAL A 183 27.75 -5.18 -28.38
CA VAL A 183 28.63 -6.35 -28.27
C VAL A 183 28.88 -6.63 -26.78
N ALA A 184 29.22 -5.60 -25.99
CA ALA A 184 29.59 -5.86 -24.57
C ALA A 184 28.37 -6.30 -23.78
N GLU A 185 27.17 -5.80 -24.12
CA GLU A 185 25.95 -6.34 -23.49
C GLU A 185 25.73 -7.80 -23.81
N ALA A 186 25.92 -8.13 -25.11
CA ALA A 186 25.72 -9.53 -25.53
C ALA A 186 26.73 -10.46 -24.73
N ALA A 187 27.98 -10.00 -24.53
CA ALA A 187 29.05 -10.78 -23.87
C ALA A 187 28.62 -10.99 -22.40
N GLY A 188 28.13 -9.93 -21.73
CA GLY A 188 27.54 -10.02 -20.35
C GLY A 188 26.41 -11.05 -20.25
N TYR A 189 25.70 -11.28 -21.33
CA TYR A 189 24.67 -12.32 -21.33
C TYR A 189 25.15 -13.70 -21.89
N GLY A 190 26.44 -13.83 -22.16
CA GLY A 190 26.99 -15.15 -22.59
C GLY A 190 27.13 -15.31 -24.10
N PHE A 191 26.94 -14.25 -24.88
CA PHE A 191 27.00 -14.38 -26.33
C PHE A 191 28.21 -13.61 -26.86
N ASN A 192 28.94 -14.29 -27.75
CA ASN A 192 30.21 -13.74 -28.26
C ASN A 192 29.96 -13.27 -29.70
N ILE A 193 29.87 -11.96 -29.91
CA ILE A 193 29.55 -11.48 -31.32
C ILE A 193 30.53 -10.46 -31.67
N SER A 194 30.94 -10.36 -32.95
CA SER A 194 32.01 -9.37 -33.14
C SER A 194 31.47 -7.94 -33.41
N ASP A 195 30.20 -7.82 -33.78
CA ASP A 195 29.57 -6.52 -34.15
C ASP A 195 28.06 -6.68 -33.82
N THR A 196 27.33 -5.56 -33.84
CA THR A 196 25.92 -5.62 -33.37
C THR A 196 24.99 -6.13 -34.39
N ILE A 197 23.83 -6.57 -33.90
CA ILE A 197 22.77 -7.02 -34.79
C ILE A 197 22.56 -6.11 -36.01
N SER A 198 22.39 -6.74 -37.19
CA SER A 198 22.11 -6.02 -38.40
C SER A 198 20.67 -6.14 -38.85
N SER A 199 19.97 -5.01 -38.92
CA SER A 199 18.59 -5.06 -39.38
C SER A 199 18.71 -4.96 -40.90
N ASN A 200 18.08 -5.86 -41.61
CA ASN A 200 18.27 -5.88 -43.05
C ASN A 200 16.91 -5.70 -43.64
N VAL A 201 16.70 -4.57 -44.31
CA VAL A 201 15.34 -4.19 -44.71
C VAL A 201 15.36 -3.63 -46.15
N ASP A 202 14.31 -3.91 -46.88
CA ASP A 202 14.21 -3.47 -48.29
C ASP A 202 13.81 -1.98 -48.36
N ASP A 203 14.03 -1.36 -49.52
CA ASP A 203 13.91 0.08 -49.59
C ASP A 203 12.44 0.54 -49.50
N LYS A 204 11.51 -0.20 -50.06
CA LYS A 204 10.15 0.21 -50.04
C LYS A 204 9.67 0.16 -48.52
N THR A 205 9.99 -0.93 -47.86
CA THR A 205 9.54 -1.14 -46.41
C THR A 205 10.08 -0.03 -45.54
N ILE A 206 11.35 0.34 -45.69
CA ILE A 206 11.87 1.37 -44.80
C ILE A 206 11.11 2.66 -45.12
N HIS A 207 10.79 2.97 -46.41
CA HIS A 207 10.11 4.26 -46.65
C HIS A 207 8.69 4.24 -46.16
N GLU A 208 8.02 3.09 -46.30
CA GLU A 208 6.59 3.06 -46.01
C GLU A 208 6.30 2.91 -44.51
N MET A 209 7.32 2.43 -43.79
CA MET A 209 7.10 2.04 -42.36
C MET A 209 8.04 2.82 -41.44
N TYR A 210 9.29 2.38 -41.31
CA TYR A 210 10.15 2.85 -40.25
C TYR A 210 10.59 4.33 -40.46
N LEU A 211 10.69 4.76 -41.73
CA LEU A 211 11.26 6.06 -42.00
C LEU A 211 10.11 7.13 -41.86
N TRP A 212 8.85 6.69 -42.05
CA TRP A 212 7.76 7.65 -42.17
C TRP A 212 7.60 8.59 -40.95
N PRO A 213 7.61 8.05 -39.73
CA PRO A 213 7.52 8.99 -38.56
C PRO A 213 8.71 9.90 -38.46
N PHE A 214 9.87 9.46 -38.98
CA PHE A 214 10.98 10.41 -38.94
C PHE A 214 10.84 11.52 -39.96
N ALA A 215 10.18 11.25 -41.08
CA ALA A 215 9.87 12.31 -42.06
C ALA A 215 8.93 13.33 -41.33
N ASP A 216 7.89 12.81 -40.66
CA ASP A 216 7.04 13.72 -39.84
C ASP A 216 7.89 14.55 -38.81
N ALA A 217 8.75 13.89 -38.02
CA ALA A 217 9.67 14.61 -37.05
C ALA A 217 10.44 15.73 -37.75
N VAL A 218 11.08 15.40 -38.86
CA VAL A 218 11.88 16.38 -39.56
C VAL A 218 10.95 17.55 -40.00
N ARG A 219 9.78 17.24 -40.57
CA ARG A 219 8.91 18.30 -41.12
C ARG A 219 8.33 19.20 -39.95
N ALA A 220 8.15 18.60 -38.79
CA ALA A 220 7.65 19.35 -37.63
C ALA A 220 8.75 20.20 -37.00
N GLY A 221 9.98 20.05 -37.49
CA GLY A 221 11.07 20.92 -37.10
C GLY A 221 12.02 20.40 -36.00
N VAL A 222 12.06 19.05 -35.77
CA VAL A 222 12.91 18.43 -34.72
C VAL A 222 14.37 18.91 -34.90
N GLY A 223 15.03 19.29 -33.79
CA GLY A 223 16.37 19.86 -33.85
C GLY A 223 17.43 18.78 -33.97
N ALA A 224 17.24 17.61 -33.31
CA ALA A 224 18.28 16.58 -33.22
C ALA A 224 17.69 15.23 -33.54
N ILE A 225 18.57 14.31 -33.99
CA ILE A 225 18.19 12.92 -34.29
C ILE A 225 19.27 12.05 -33.59
N MET A 226 18.92 10.90 -33.02
CA MET A 226 19.97 10.10 -32.35
C MET A 226 20.02 8.81 -33.18
N CYS A 227 21.20 8.46 -33.73
CA CYS A 227 21.34 7.30 -34.61
C CYS A 227 21.55 6.09 -33.67
N SER A 228 21.32 4.88 -34.18
CA SER A 228 21.13 3.71 -33.38
C SER A 228 22.32 2.77 -33.19
N TYR A 229 22.20 1.90 -32.15
CA TYR A 229 23.26 0.88 -31.87
C TYR A 229 23.35 -0.25 -32.93
N ASN A 230 22.22 -0.61 -33.51
CA ASN A 230 22.24 -1.71 -34.46
C ASN A 230 22.94 -1.25 -35.75
N GLN A 231 23.30 -2.22 -36.60
CA GLN A 231 23.61 -1.92 -38.00
C GLN A 231 22.38 -2.02 -38.83
N ILE A 232 22.46 -1.43 -40.04
CA ILE A 232 21.45 -1.57 -41.06
C ILE A 232 22.18 -2.09 -42.29
N ASN A 233 21.79 -3.26 -42.77
CA ASN A 233 22.59 -3.92 -43.82
C ASN A 233 24.08 -3.93 -43.51
N ASN A 234 24.45 -4.26 -42.25
CA ASN A 234 25.84 -4.40 -41.91
C ASN A 234 26.67 -3.14 -42.03
N SER A 235 26.08 -1.97 -41.82
CA SER A 235 26.82 -0.78 -41.60
C SER A 235 26.18 -0.11 -40.35
N TYR A 236 27.00 0.25 -39.33
CA TYR A 236 26.50 0.77 -38.05
C TYR A 236 25.63 2.03 -38.23
N GLY A 237 24.56 2.14 -37.41
CA GLY A 237 23.66 3.21 -37.49
C GLY A 237 24.28 4.59 -37.44
N CYS A 238 25.37 4.72 -36.67
CA CYS A 238 26.00 6.04 -36.52
C CYS A 238 27.17 6.29 -37.53
N GLN A 239 27.18 5.53 -38.59
CA GLN A 239 28.14 5.79 -39.73
C GLN A 239 27.54 5.14 -40.98
N ASN A 240 26.19 5.12 -41.06
CA ASN A 240 25.55 4.55 -42.19
C ASN A 240 25.23 5.67 -43.18
N SER A 241 26.01 5.73 -44.26
CA SER A 241 25.84 6.90 -45.15
C SER A 241 24.51 6.82 -45.87
N TYR A 242 24.05 5.60 -46.18
CA TYR A 242 22.78 5.48 -46.80
C TYR A 242 21.62 6.06 -45.89
N THR A 243 21.51 5.60 -44.62
CA THR A 243 20.37 6.10 -43.81
C THR A 243 20.64 7.55 -43.40
N LEU A 244 21.89 7.95 -43.06
CA LEU A 244 22.18 9.32 -42.58
C LEU A 244 22.34 10.32 -43.73
N ASN A 245 23.23 10.03 -44.71
CA ASN A 245 23.37 11.00 -45.86
C ASN A 245 22.24 11.00 -46.83
N LYS A 246 21.85 9.80 -47.29
CA LYS A 246 20.83 9.78 -48.31
C LYS A 246 19.38 9.93 -47.73
N LEU A 247 18.97 9.02 -46.83
CA LEU A 247 17.49 9.07 -46.45
C LEU A 247 17.23 10.31 -45.61
N LEU A 248 18.05 10.58 -44.58
CA LEU A 248 17.72 11.63 -43.58
C LEU A 248 18.08 13.01 -44.07
N LYS A 249 19.33 13.18 -44.56
CA LYS A 249 19.78 14.52 -44.87
C LYS A 249 19.41 14.89 -46.34
N ALA A 250 19.61 14.01 -47.32
CA ALA A 250 19.19 14.40 -48.69
C ALA A 250 17.74 14.23 -49.02
N GLU A 251 17.14 13.09 -48.70
CA GLU A 251 15.78 12.89 -49.12
C GLU A 251 14.81 13.62 -48.15
N LEU A 252 14.96 13.41 -46.85
CA LEU A 252 14.07 14.10 -45.88
C LEU A 252 14.49 15.55 -45.67
N GLY A 253 15.71 15.88 -46.09
CA GLY A 253 16.15 17.30 -45.98
C GLY A 253 16.42 17.81 -44.57
N PHE A 254 16.80 16.90 -43.67
CA PHE A 254 17.01 17.28 -42.25
C PHE A 254 18.11 18.30 -42.09
N GLN A 255 17.74 19.40 -41.40
CA GLN A 255 18.67 20.55 -41.15
C GLN A 255 19.37 20.57 -39.79
N GLY A 256 18.87 19.77 -38.81
CA GLY A 256 19.51 19.74 -37.49
C GLY A 256 20.71 18.80 -37.39
N PHE A 257 20.99 18.32 -36.20
CA PHE A 257 22.20 17.54 -36.04
C PHE A 257 21.97 16.09 -35.62
N VAL A 258 22.85 15.18 -36.02
CA VAL A 258 22.70 13.73 -35.68
C VAL A 258 23.67 13.43 -34.54
N MET A 259 23.18 13.02 -33.36
CA MET A 259 24.05 12.49 -32.26
C MET A 259 24.07 10.96 -32.22
N SER A 260 25.19 10.39 -31.71
CA SER A 260 25.23 8.97 -31.57
C SER A 260 24.46 8.56 -30.33
N ASP A 261 23.89 7.36 -30.39
CA ASP A 261 23.57 6.68 -29.10
C ASP A 261 24.88 6.43 -28.29
N TRP A 262 24.78 6.10 -26.96
CA TRP A 262 25.89 6.13 -26.06
C TRP A 262 26.71 4.84 -26.16
N GLY A 263 27.86 4.92 -26.86
CA GLY A 263 28.62 3.71 -27.27
C GLY A 263 28.25 3.26 -28.71
N ALA A 264 27.41 4.01 -29.45
CA ALA A 264 27.12 3.71 -30.84
C ALA A 264 28.11 4.35 -31.82
N HIS A 265 29.02 5.17 -31.33
CA HIS A 265 30.05 5.85 -32.19
C HIS A 265 31.17 4.83 -32.44
N HIS A 266 31.45 4.49 -33.71
CA HIS A 266 32.41 3.37 -33.95
C HIS A 266 33.66 3.74 -34.82
N SER A 267 33.78 5.02 -35.17
CA SER A 267 34.97 5.48 -35.99
C SER A 267 34.98 7.00 -36.02
N GLY A 268 36.16 7.65 -36.19
CA GLY A 268 36.24 9.11 -36.30
C GLY A 268 35.92 9.56 -37.73
N VAL A 269 36.88 9.32 -38.61
CA VAL A 269 36.71 9.71 -40.03
C VAL A 269 35.46 9.12 -40.67
N GLY A 270 35.25 7.83 -40.50
CA GLY A 270 34.20 7.15 -41.23
C GLY A 270 32.84 7.74 -40.85
N SER A 271 32.58 7.90 -39.53
CA SER A 271 31.33 8.51 -39.08
C SER A 271 31.15 9.95 -39.51
N ALA A 272 32.17 10.83 -39.38
CA ALA A 272 32.03 12.21 -39.76
C ALA A 272 31.64 12.30 -41.24
N LEU A 273 32.34 11.52 -42.10
CA LEU A 273 32.01 11.54 -43.57
C LEU A 273 30.61 10.90 -43.92
N ALA A 274 30.15 9.99 -43.05
CA ALA A 274 28.86 9.28 -43.30
C ALA A 274 27.65 10.03 -42.68
N GLY A 275 27.90 11.16 -42.05
CA GLY A 275 26.83 12.09 -41.62
C GLY A 275 26.55 12.24 -40.15
N LEU A 276 27.40 11.67 -39.29
CA LEU A 276 27.29 11.98 -37.86
C LEU A 276 27.68 13.44 -37.57
N ASP A 277 27.02 14.07 -36.59
CA ASP A 277 27.36 15.41 -36.19
C ASP A 277 27.85 15.56 -34.75
N MET A 278 27.51 14.57 -33.88
CA MET A 278 27.86 14.75 -32.44
C MET A 278 28.10 13.41 -31.78
N SER A 279 29.20 13.31 -31.03
CA SER A 279 29.61 12.02 -30.44
C SER A 279 29.23 12.05 -28.91
N MET A 280 28.40 11.11 -28.47
CA MET A 280 27.91 11.04 -27.07
C MET A 280 28.22 9.63 -26.52
N PRO A 281 28.72 9.55 -25.28
CA PRO A 281 28.97 10.65 -24.38
C PRO A 281 30.35 11.28 -24.63
N GLY A 282 31.05 10.85 -25.70
CA GLY A 282 32.22 11.63 -26.13
C GLY A 282 33.46 10.79 -26.18
N ASP A 283 33.49 9.76 -25.35
CA ASP A 283 34.60 8.82 -25.33
C ASP A 283 34.33 7.54 -26.15
N ILE A 284 35.33 6.70 -26.30
CA ILE A 284 35.14 5.52 -27.12
C ILE A 284 34.41 4.47 -26.30
N THR A 285 34.86 4.24 -25.09
CA THR A 285 34.07 3.42 -24.15
C THR A 285 34.00 4.28 -22.90
N PHE A 286 33.01 4.03 -22.02
CA PHE A 286 32.85 4.95 -20.88
C PHE A 286 34.13 5.15 -20.06
N ASP A 287 34.54 6.41 -19.89
CA ASP A 287 35.74 6.76 -19.18
C ASP A 287 37.05 6.22 -19.72
N SER A 288 37.14 6.04 -21.05
CA SER A 288 38.39 5.51 -21.60
C SER A 288 39.37 6.61 -21.78
N ALA A 289 38.99 7.87 -21.59
CA ALA A 289 39.93 9.02 -21.81
C ALA A 289 40.45 9.03 -23.27
N THR A 290 39.76 8.33 -24.15
CA THR A 290 40.01 8.37 -25.63
C THR A 290 38.70 8.76 -26.32
N SER A 291 38.79 9.31 -27.51
CA SER A 291 37.62 9.69 -28.30
C SER A 291 37.90 9.50 -29.77
N PHE A 292 36.89 9.05 -30.49
CA PHE A 292 36.99 8.98 -31.96
C PHE A 292 37.03 10.40 -32.51
N TRP A 293 36.41 11.36 -31.78
CA TRP A 293 36.46 12.79 -32.16
C TRP A 293 37.31 13.57 -31.18
N GLY A 294 36.87 14.74 -30.70
CA GLY A 294 37.71 15.56 -29.86
C GLY A 294 39.09 15.74 -30.54
N THR A 295 40.15 15.53 -29.80
CA THR A 295 41.55 15.54 -30.45
C THR A 295 41.67 14.89 -31.86
N ASN A 296 41.08 13.69 -32.09
CA ASN A 296 41.16 13.01 -33.38
C ASN A 296 40.46 13.73 -34.50
N LEU A 297 39.35 14.40 -34.18
CA LEU A 297 38.63 15.13 -35.23
C LEU A 297 39.42 16.41 -35.62
N THR A 298 39.89 17.16 -34.64
CA THR A 298 40.80 18.30 -34.91
C THR A 298 41.96 17.83 -35.85
N ILE A 299 42.60 16.72 -35.50
CA ILE A 299 43.70 16.16 -36.31
C ILE A 299 43.24 15.76 -37.71
N ALA A 300 42.04 15.14 -37.82
CA ALA A 300 41.51 14.70 -39.11
C ALA A 300 41.23 15.89 -40.06
N VAL A 301 40.96 17.06 -39.52
CA VAL A 301 40.79 18.20 -40.39
C VAL A 301 42.22 18.72 -40.75
N LEU A 302 43.09 18.85 -39.75
CA LEU A 302 44.47 19.33 -39.94
C LEU A 302 45.23 18.51 -40.99
N ASN A 303 44.96 17.22 -41.10
CA ASN A 303 45.79 16.36 -41.98
C ASN A 303 45.15 16.15 -43.34
N GLY A 304 44.08 16.88 -43.59
CA GLY A 304 43.41 16.84 -44.88
C GLY A 304 42.36 15.78 -45.06
N THR A 305 42.05 14.96 -44.04
CA THR A 305 41.24 13.76 -44.34
C THR A 305 39.72 14.06 -44.25
N VAL A 306 39.30 14.87 -43.28
CA VAL A 306 37.90 15.31 -43.20
C VAL A 306 37.94 16.78 -43.65
N PRO A 307 37.19 17.12 -44.71
CA PRO A 307 37.12 18.50 -45.21
C PRO A 307 36.66 19.44 -44.14
N GLN A 308 37.27 20.60 -44.07
CA GLN A 308 36.78 21.62 -43.19
C GLN A 308 35.22 21.85 -43.38
N TRP A 309 34.70 21.85 -44.59
CA TRP A 309 33.27 22.09 -44.76
C TRP A 309 32.43 21.10 -43.95
N ARG A 310 32.97 19.90 -43.68
CA ARG A 310 32.17 18.81 -43.03
C ARG A 310 32.05 19.20 -41.57
N VAL A 311 33.18 19.50 -40.95
CA VAL A 311 33.19 19.96 -39.51
C VAL A 311 32.48 21.28 -39.32
N ASP A 312 32.56 22.20 -40.28
CA ASP A 312 31.81 23.47 -40.14
C ASP A 312 30.31 23.16 -40.23
N ASP A 313 29.93 22.24 -41.09
CA ASP A 313 28.53 21.84 -41.17
C ASP A 313 27.99 21.19 -39.84
N MET A 314 28.81 20.39 -39.19
CA MET A 314 28.40 19.83 -37.88
C MET A 314 28.08 20.95 -36.93
N ALA A 315 29.03 21.89 -36.81
CA ALA A 315 28.86 23.04 -35.98
C ALA A 315 27.66 23.87 -36.34
N VAL A 316 27.41 24.08 -37.62
CA VAL A 316 26.28 24.93 -38.01
C VAL A 316 24.96 24.17 -37.71
N ARG A 317 24.92 22.84 -37.92
CA ARG A 317 23.67 22.08 -37.68
C ARG A 317 23.35 22.12 -36.12
N ILE A 318 24.40 22.06 -35.30
CA ILE A 318 24.28 22.06 -33.82
C ILE A 318 23.82 23.44 -33.31
N MET A 319 24.49 24.52 -33.74
CA MET A 319 24.09 25.84 -33.34
C MET A 319 22.73 26.23 -33.90
N ALA A 320 22.40 25.74 -35.09
CA ALA A 320 21.11 26.08 -35.68
C ALA A 320 19.94 25.45 -34.85
N ALA A 321 20.13 24.21 -34.39
CA ALA A 321 19.08 23.51 -33.58
C ALA A 321 18.95 24.31 -32.26
N TYR A 322 20.07 24.69 -31.68
CA TYR A 322 20.08 25.44 -30.43
C TYR A 322 19.35 26.80 -30.60
N TYR A 323 19.66 27.51 -31.70
CA TYR A 323 18.94 28.76 -31.91
C TYR A 323 17.49 28.62 -32.28
N LYS A 324 17.18 27.57 -33.05
CA LYS A 324 15.86 27.38 -33.57
C LYS A 324 14.83 27.27 -32.47
N VAL A 325 15.18 26.63 -31.37
CA VAL A 325 14.22 26.54 -30.21
C VAL A 325 14.42 27.73 -29.26
N GLY A 326 15.33 28.69 -29.58
CA GLY A 326 15.60 29.82 -28.64
C GLY A 326 16.26 29.44 -27.34
N ARG A 327 17.05 28.36 -27.37
CA ARG A 327 17.78 27.99 -26.18
C ARG A 327 18.69 29.08 -25.58
N ASP A 328 19.33 29.86 -26.45
CA ASP A 328 20.24 30.91 -26.01
C ASP A 328 19.45 31.88 -25.10
N ARG A 329 18.13 32.03 -25.27
CA ARG A 329 17.37 32.97 -24.45
C ARG A 329 16.98 32.42 -23.09
N LEU A 330 17.13 31.10 -22.89
CA LEU A 330 16.78 30.43 -21.62
C LEU A 330 17.98 29.77 -20.94
N TYR A 331 19.20 29.98 -21.46
CA TYR A 331 20.38 29.22 -21.01
C TYR A 331 20.68 29.40 -19.56
N GLN A 332 20.93 28.29 -18.87
CA GLN A 332 21.55 28.34 -17.57
C GLN A 332 22.27 27.02 -17.43
N PRO A 333 23.39 26.97 -16.70
CA PRO A 333 24.04 25.66 -16.52
C PRO A 333 23.06 24.67 -15.82
N PRO A 334 23.33 23.33 -15.97
CA PRO A 334 22.41 22.35 -15.42
C PRO A 334 22.49 22.53 -13.90
N ASN A 335 21.33 22.61 -13.25
CA ASN A 335 21.34 22.97 -11.81
C ASN A 335 21.10 21.75 -10.91
N PHE A 336 21.43 20.55 -11.42
CA PHE A 336 21.37 19.29 -10.68
C PHE A 336 22.53 18.46 -11.21
N SER A 337 22.82 17.34 -10.55
CA SER A 337 23.72 16.37 -11.13
C SER A 337 22.99 15.04 -11.38
N SER A 338 23.25 14.35 -12.50
CA SER A 338 22.66 13.05 -12.76
C SER A 338 23.34 12.00 -11.89
N TRP A 339 24.47 12.32 -11.21
CA TRP A 339 25.30 11.24 -10.66
C TRP A 339 25.25 11.17 -9.12
N THR A 340 24.70 12.20 -8.53
CA THR A 340 24.58 12.25 -7.08
C THR A 340 23.39 13.15 -6.75
N ARG A 341 22.77 12.86 -5.60
CA ARG A 341 21.75 13.75 -5.08
C ARG A 341 22.29 14.68 -3.99
N ASP A 342 23.59 14.62 -3.68
CA ASP A 342 24.16 15.49 -2.62
C ASP A 342 24.10 16.95 -3.03
N GLU A 343 23.93 17.84 -2.07
CA GLU A 343 23.97 19.24 -2.40
C GLU A 343 25.39 19.71 -2.97
N TYR A 344 26.45 19.22 -2.33
CA TYR A 344 27.83 19.58 -2.73
C TYR A 344 28.59 18.38 -3.22
N GLY A 345 29.56 18.63 -4.09
CA GLY A 345 30.36 17.53 -4.62
C GLY A 345 31.51 18.14 -5.42
N PHE A 346 32.44 17.29 -5.83
CA PHE A 346 33.42 17.74 -6.82
C PHE A 346 32.71 18.00 -8.14
N LYS A 347 33.11 19.10 -8.79
CA LYS A 347 32.53 19.52 -10.11
C LYS A 347 32.53 18.37 -11.19
N TYR A 348 33.60 17.57 -11.22
CA TYR A 348 33.79 16.55 -12.27
C TYR A 348 33.61 15.20 -11.58
N PHE A 349 32.39 14.65 -11.74
CA PHE A 349 31.99 13.54 -10.88
C PHE A 349 32.89 12.30 -11.01
N TYR A 350 33.07 11.76 -12.21
CA TYR A 350 33.68 10.49 -12.31
C TYR A 350 35.09 10.43 -11.62
N PRO A 351 36.04 11.35 -11.97
CA PRO A 351 37.36 11.32 -11.33
C PRO A 351 37.33 12.02 -9.93
N GLN A 352 36.20 12.62 -9.49
CA GLN A 352 36.16 13.40 -8.26
C GLN A 352 37.24 14.50 -8.26
N GLU A 353 37.24 15.31 -9.32
CA GLU A 353 38.17 16.41 -9.43
C GLU A 353 37.45 17.67 -9.67
N GLY A 354 38.23 18.78 -9.69
CA GLY A 354 37.76 20.12 -9.97
C GLY A 354 37.35 20.76 -8.65
N PRO A 355 36.80 21.95 -8.70
CA PRO A 355 36.43 22.62 -7.46
C PRO A 355 35.34 21.83 -6.71
N TYR A 356 35.31 21.87 -5.38
CA TYR A 356 34.26 21.32 -4.57
C TYR A 356 33.22 22.39 -4.43
N GLU A 357 31.99 22.17 -4.86
CA GLU A 357 31.05 23.28 -4.93
C GLU A 357 29.61 22.67 -4.93
N LYS A 358 28.65 23.55 -5.09
CA LYS A 358 27.23 23.13 -5.15
C LYS A 358 27.00 22.44 -6.53
N VAL A 359 26.52 21.22 -6.50
CA VAL A 359 26.23 20.38 -7.75
C VAL A 359 24.70 20.18 -7.79
N ASN A 360 23.98 20.33 -6.65
CA ASN A 360 22.46 20.21 -6.72
C ASN A 360 21.81 21.42 -6.11
N HIS A 361 20.80 21.96 -6.79
CA HIS A 361 20.05 23.13 -6.27
C HIS A 361 18.60 22.74 -5.92
N PHE A 362 18.25 21.48 -6.17
CA PHE A 362 16.92 20.97 -5.72
C PHE A 362 15.81 21.86 -6.20
N VAL A 363 15.84 22.23 -7.48
CA VAL A 363 14.83 23.14 -8.05
C VAL A 363 13.55 22.31 -8.35
N ASN A 364 12.44 22.78 -7.80
CA ASN A 364 11.14 22.08 -8.02
C ASN A 364 10.58 22.53 -9.33
N VAL A 365 10.64 21.70 -10.38
CA VAL A 365 10.21 22.14 -11.73
C VAL A 365 8.81 21.56 -12.10
N GLN A 366 8.13 20.92 -11.14
CA GLN A 366 6.89 20.11 -11.50
C GLN A 366 5.70 21.01 -11.79
N ARG A 367 5.71 22.24 -11.27
CA ARG A 367 4.51 23.12 -11.40
C ARG A 367 3.23 22.31 -11.03
N ASN A 368 2.16 22.46 -11.82
CA ASN A 368 0.96 21.61 -11.70
C ASN A 368 0.87 20.55 -12.80
N HIS A 369 2.03 20.05 -13.22
CA HIS A 369 2.01 18.97 -14.25
C HIS A 369 1.39 17.66 -13.81
N SER A 370 1.13 17.45 -12.52
CA SER A 370 0.37 16.26 -12.15
C SER A 370 -1.01 16.25 -12.83
N GLU A 371 -1.52 17.43 -13.18
CA GLU A 371 -2.90 17.51 -13.73
C GLU A 371 -2.89 16.94 -15.14
N VAL A 372 -1.96 17.35 -15.97
CA VAL A 372 -1.94 16.77 -17.37
C VAL A 372 -1.60 15.27 -17.33
N ILE A 373 -0.78 14.88 -16.32
CA ILE A 373 -0.43 13.43 -16.18
C ILE A 373 -1.67 12.61 -15.82
N ARG A 374 -2.35 13.07 -14.77
CA ARG A 374 -3.63 12.49 -14.37
C ARG A 374 -4.64 12.36 -15.54
N LYS A 375 -4.85 13.48 -16.26
CA LYS A 375 -5.74 13.47 -17.39
C LYS A 375 -5.25 12.52 -18.55
N LEU A 376 -3.97 12.56 -18.87
CA LEU A 376 -3.48 11.74 -19.97
C LEU A 376 -3.52 10.22 -19.57
N GLY A 377 -3.27 9.86 -18.27
CA GLY A 377 -3.41 8.44 -17.86
C GLY A 377 -4.86 8.06 -18.05
N ALA A 378 -5.81 8.92 -17.64
CA ALA A 378 -7.26 8.54 -17.75
C ALA A 378 -7.59 8.38 -19.24
N ASP A 379 -7.15 9.36 -20.04
CA ASP A 379 -7.50 9.39 -21.46
C ASP A 379 -6.75 8.34 -22.33
N SER A 380 -5.83 7.59 -21.71
CA SER A 380 -5.08 6.51 -22.37
C SER A 380 -5.53 5.12 -21.84
N THR A 381 -6.58 5.08 -20.98
CA THR A 381 -7.04 3.84 -20.46
C THR A 381 -8.04 3.29 -21.42
N VAL A 382 -7.67 2.19 -22.08
CA VAL A 382 -8.50 1.60 -23.13
C VAL A 382 -9.48 0.57 -22.47
N LEU A 383 -10.78 0.82 -22.68
CA LEU A 383 -11.81 -0.13 -22.23
C LEU A 383 -11.97 -1.21 -23.32
N LEU A 384 -11.42 -2.42 -23.10
CA LEU A 384 -11.41 -3.48 -24.09
C LEU A 384 -12.74 -4.25 -24.08
N LYS A 385 -13.32 -4.41 -22.89
CA LYS A 385 -14.55 -5.26 -22.75
C LYS A 385 -15.34 -4.51 -21.64
N ASN A 386 -16.67 -4.46 -21.76
CA ASN A 386 -17.46 -3.92 -20.67
C ASN A 386 -18.87 -4.52 -20.88
N ASN A 387 -19.17 -5.58 -20.14
CA ASN A 387 -20.58 -6.05 -20.13
C ASN A 387 -21.48 -5.38 -19.15
N ASN A 388 -21.72 -4.11 -19.41
CA ASN A 388 -22.47 -3.23 -18.56
C ASN A 388 -21.99 -3.27 -17.03
N ALA A 389 -20.68 -3.33 -16.80
CA ALA A 389 -20.15 -3.45 -15.46
C ALA A 389 -19.62 -2.12 -15.07
N LEU A 390 -19.22 -1.30 -16.03
CA LEU A 390 -18.63 0.01 -15.66
C LEU A 390 -19.46 1.12 -16.29
N PRO A 391 -19.52 2.33 -15.66
CA PRO A 391 -18.68 2.72 -14.57
C PRO A 391 -19.28 2.21 -13.26
N LEU A 392 -18.42 2.08 -12.26
CA LEU A 392 -18.89 1.85 -10.87
C LEU A 392 -19.69 3.03 -10.36
N THR A 393 -20.59 2.83 -9.36
CA THR A 393 -21.44 3.92 -8.87
C THR A 393 -20.89 4.40 -7.58
N GLY A 394 -20.05 3.63 -6.87
CA GLY A 394 -19.75 4.10 -5.51
C GLY A 394 -20.65 3.39 -4.48
N LYS A 395 -21.70 2.71 -4.94
CA LYS A 395 -22.62 2.03 -4.04
C LYS A 395 -22.22 0.54 -3.87
N GLU A 396 -21.09 0.10 -4.46
CA GLU A 396 -20.69 -1.31 -4.35
C GLU A 396 -20.40 -1.54 -2.84
N ARG A 397 -20.96 -2.60 -2.31
CA ARG A 397 -20.97 -2.71 -0.82
C ARG A 397 -19.64 -3.22 -0.31
N LYS A 398 -19.00 -4.07 -1.13
CA LYS A 398 -17.67 -4.62 -0.78
C LYS A 398 -16.80 -4.78 -2.02
N VAL A 399 -15.64 -4.11 -2.02
CA VAL A 399 -14.80 -4.05 -3.24
C VAL A 399 -13.51 -4.86 -2.95
N ALA A 400 -13.17 -5.89 -3.75
CA ALA A 400 -11.88 -6.57 -3.60
C ALA A 400 -10.89 -6.07 -4.60
N ILE A 401 -9.81 -5.51 -4.15
CA ILE A 401 -8.75 -5.02 -5.03
C ILE A 401 -7.72 -6.15 -4.99
N LEU A 402 -7.43 -6.79 -6.13
CA LEU A 402 -6.66 -8.02 -6.13
C LEU A 402 -5.46 -7.94 -7.08
N GLY A 403 -4.25 -8.28 -6.59
CA GLY A 403 -3.06 -8.27 -7.44
C GLY A 403 -1.96 -7.37 -6.96
N GLU A 404 -0.76 -7.87 -7.04
CA GLU A 404 0.40 -7.04 -6.74
C GLU A 404 0.42 -5.73 -7.56
N ASP A 405 0.02 -5.80 -8.83
CA ASP A 405 -0.02 -4.61 -9.65
C ASP A 405 -0.97 -3.47 -9.12
N ALA A 406 -1.79 -3.74 -8.06
CA ALA A 406 -2.58 -2.67 -7.44
C ALA A 406 -1.81 -1.95 -6.41
N GLY A 407 -0.71 -2.57 -5.91
CA GLY A 407 -0.14 -2.10 -4.64
C GLY A 407 1.19 -1.40 -4.76
N SER A 408 1.83 -1.15 -3.62
CA SER A 408 3.08 -0.37 -3.65
C SER A 408 4.27 -1.23 -3.95
N ASN A 409 5.33 -0.61 -4.49
CA ASN A 409 6.62 -1.33 -4.56
C ASN A 409 7.22 -1.26 -3.15
N SER A 410 7.47 -2.42 -2.49
CA SER A 410 8.00 -2.33 -1.07
C SER A 410 9.38 -1.71 -0.93
N TYR A 411 10.11 -1.50 -2.05
CA TYR A 411 11.41 -0.80 -2.01
C TYR A 411 11.24 0.72 -2.14
N GLY A 412 9.97 1.16 -2.28
CA GLY A 412 9.58 2.60 -2.54
C GLY A 412 9.42 2.75 -4.06
N ALA A 413 8.65 3.75 -4.53
CA ALA A 413 8.40 3.84 -5.97
C ALA A 413 9.71 3.87 -6.85
N ASN A 414 10.78 4.47 -6.30
CA ASN A 414 12.07 4.61 -7.01
C ASN A 414 13.08 3.57 -6.57
N GLY A 415 12.63 2.54 -5.87
CA GLY A 415 13.58 1.65 -5.08
C GLY A 415 14.32 0.68 -6.00
N CYS A 416 14.00 0.65 -7.32
CA CYS A 416 14.74 -0.22 -8.23
C CYS A 416 15.41 0.74 -9.21
N SER A 417 16.74 0.57 -9.36
CA SER A 417 17.53 1.50 -10.14
C SER A 417 17.03 1.46 -11.59
N ASP A 418 16.80 2.63 -12.21
CA ASP A 418 16.26 2.68 -13.61
C ASP A 418 14.95 1.86 -13.75
N ARG A 419 14.22 1.67 -12.62
CA ARG A 419 12.92 0.95 -12.62
C ARG A 419 13.13 -0.52 -12.97
N GLY A 420 14.35 -1.01 -12.72
CA GLY A 420 14.69 -2.41 -13.12
C GLY A 420 14.10 -3.51 -12.23
N CYS A 421 12.80 -3.47 -11.95
CA CYS A 421 12.12 -4.62 -11.32
C CYS A 421 10.65 -4.50 -11.72
N ASP A 422 9.88 -5.56 -11.50
CA ASP A 422 8.42 -5.41 -11.68
C ASP A 422 7.70 -5.64 -10.32
N ASN A 423 7.87 -4.73 -9.40
CA ASN A 423 7.30 -4.91 -8.06
C ASN A 423 6.29 -3.87 -7.78
N GLY A 424 5.18 -4.32 -7.23
CA GLY A 424 4.03 -3.41 -7.06
C GLY A 424 3.47 -2.88 -8.40
N THR A 425 2.68 -1.79 -8.36
CA THR A 425 1.98 -1.32 -9.57
C THR A 425 3.02 -0.88 -10.66
N LEU A 426 2.77 -1.33 -11.90
CA LEU A 426 3.70 -0.97 -12.98
C LEU A 426 3.26 0.34 -13.60
N ALA A 427 4.01 1.45 -13.35
CA ALA A 427 3.59 2.71 -13.93
C ALA A 427 4.71 3.24 -14.83
N MET A 428 5.85 2.51 -14.86
CA MET A 428 6.99 3.00 -15.67
C MET A 428 7.83 1.76 -15.91
N ALA A 429 8.20 1.51 -17.19
CA ALA A 429 9.08 0.37 -17.54
C ALA A 429 10.56 0.76 -17.39
N TRP A 430 11.48 -0.14 -17.77
CA TRP A 430 12.88 0.05 -17.32
C TRP A 430 13.90 0.52 -18.31
N GLY A 431 14.99 1.09 -17.80
CA GLY A 431 16.16 1.42 -18.65
C GLY A 431 16.42 2.93 -18.63
N SER A 432 16.91 3.48 -19.75
CA SER A 432 17.21 4.91 -19.81
C SER A 432 15.90 5.68 -19.96
N GLY A 433 14.81 5.01 -20.38
CA GLY A 433 13.58 5.79 -20.73
C GLY A 433 12.73 6.03 -19.47
N THR A 434 13.37 6.53 -18.43
CA THR A 434 12.75 6.61 -17.07
C THR A 434 13.01 7.94 -16.40
N ALA A 435 12.25 8.21 -15.32
CA ALA A 435 12.52 9.39 -14.58
C ALA A 435 12.24 8.97 -13.09
N GLU A 436 12.75 9.72 -12.13
CA GLU A 436 12.42 9.49 -10.68
C GLU A 436 11.03 9.98 -10.41
N PHE A 437 10.14 9.09 -9.92
CA PHE A 437 8.82 9.57 -9.52
C PHE A 437 8.98 10.60 -8.37
N PRO A 438 8.16 11.65 -8.40
CA PRO A 438 8.02 12.50 -7.19
C PRO A 438 7.26 11.80 -6.07
N TYR A 439 6.41 10.83 -6.50
CA TYR A 439 5.53 10.01 -5.63
C TYR A 439 4.85 9.06 -6.62
N LEU A 440 4.11 8.06 -6.18
CA LEU A 440 3.37 7.24 -7.15
C LEU A 440 2.06 6.88 -6.44
N VAL A 441 0.95 7.37 -6.94
CA VAL A 441 -0.41 6.99 -6.37
C VAL A 441 -0.77 5.60 -6.97
N THR A 442 -0.95 4.62 -6.13
CA THR A 442 -1.24 3.26 -6.58
C THR A 442 -2.77 3.10 -6.78
N PRO A 443 -3.19 2.12 -7.59
CA PRO A 443 -4.62 1.84 -7.74
C PRO A 443 -5.21 1.51 -6.35
N GLU A 444 -4.48 0.74 -5.55
CA GLU A 444 -4.98 0.44 -4.16
C GLU A 444 -5.35 1.73 -3.42
N GLN A 445 -4.45 2.72 -3.40
CA GLN A 445 -4.67 3.96 -2.68
C GLN A 445 -5.93 4.69 -3.25
N ALA A 446 -5.99 4.87 -4.58
CA ALA A 446 -7.01 5.76 -5.11
C ALA A 446 -8.38 5.01 -5.00
N ILE A 447 -8.40 3.70 -5.28
CA ILE A 447 -9.64 2.96 -5.19
C ILE A 447 -10.15 2.79 -3.75
N GLN A 448 -9.25 2.43 -2.81
CA GLN A 448 -9.71 2.41 -1.41
C GLN A 448 -10.21 3.77 -0.97
N ALA A 449 -9.52 4.86 -1.34
CA ALA A 449 -10.04 6.20 -0.96
C ALA A 449 -11.51 6.46 -1.53
N GLU A 450 -11.75 6.08 -2.79
CA GLU A 450 -13.04 6.31 -3.41
C GLU A 450 -14.14 5.53 -2.64
N VAL A 451 -13.86 4.28 -2.32
CA VAL A 451 -14.83 3.40 -1.64
C VAL A 451 -15.12 4.01 -0.24
N LEU A 452 -14.07 4.46 0.46
CA LEU A 452 -14.25 5.04 1.89
C LEU A 452 -15.01 6.31 1.80
N LYS A 453 -14.90 7.02 0.67
CA LYS A 453 -15.71 8.27 0.59
C LYS A 453 -17.22 7.90 0.54
N HIS A 454 -17.54 6.73 -0.01
CA HIS A 454 -18.92 6.26 0.01
C HIS A 454 -19.35 5.35 1.18
N LYS A 455 -18.48 5.22 2.18
CA LYS A 455 -18.72 4.35 3.33
C LYS A 455 -18.82 2.84 2.94
N GLY A 456 -18.13 2.44 1.85
CA GLY A 456 -18.12 1.01 1.54
C GLY A 456 -17.05 0.23 2.33
N SER A 457 -17.03 -1.07 2.02
CA SER A 457 -15.97 -1.94 2.57
C SER A 457 -14.99 -2.32 1.45
N VAL A 458 -13.70 -2.44 1.79
CA VAL A 458 -12.71 -2.55 0.70
C VAL A 458 -11.43 -3.13 1.31
N TYR A 459 -10.72 -3.87 0.48
CA TYR A 459 -9.45 -4.45 0.91
C TYR A 459 -8.57 -4.64 -0.35
N ALA A 460 -7.24 -4.77 -0.14
CA ALA A 460 -6.34 -5.08 -1.24
C ALA A 460 -5.48 -6.31 -0.88
N ILE A 461 -5.45 -7.30 -1.78
CA ILE A 461 -4.59 -8.47 -1.56
C ILE A 461 -3.51 -8.32 -2.67
N THR A 462 -2.23 -8.33 -2.30
CA THR A 462 -1.24 -7.88 -3.31
C THR A 462 -0.13 -8.96 -3.44
N ASP A 463 -0.38 -10.17 -2.94
CA ASP A 463 0.55 -11.30 -3.13
C ASP A 463 -0.17 -12.27 -4.08
N ASN A 464 0.32 -12.41 -5.34
CA ASN A 464 -0.41 -13.15 -6.34
C ASN A 464 -0.35 -14.68 -6.23
N TRP A 465 0.37 -15.15 -5.21
CA TRP A 465 0.27 -16.58 -4.86
C TRP A 465 -0.57 -16.78 -3.55
N ALA A 466 -1.18 -15.71 -3.04
CA ALA A 466 -2.10 -15.85 -1.86
C ALA A 466 -3.51 -16.20 -2.32
N LEU A 467 -3.66 -17.31 -3.07
CA LEU A 467 -4.90 -17.57 -3.76
C LEU A 467 -6.00 -18.02 -2.82
N SER A 468 -5.65 -18.66 -1.70
CA SER A 468 -6.69 -18.93 -0.73
C SER A 468 -7.40 -17.64 -0.27
N GLN A 469 -6.61 -16.61 0.11
CA GLN A 469 -7.23 -15.37 0.53
C GLN A 469 -7.98 -14.74 -0.61
N VAL A 470 -7.40 -14.80 -1.82
CA VAL A 470 -8.09 -14.18 -2.97
C VAL A 470 -9.47 -14.80 -3.20
N GLU A 471 -9.52 -16.11 -3.13
CA GLU A 471 -10.78 -16.82 -3.46
C GLU A 471 -11.80 -16.54 -2.36
N THR A 472 -11.35 -16.59 -1.12
CA THR A 472 -12.28 -16.23 0.03
C THR A 472 -12.85 -14.82 -0.12
N LEU A 473 -12.02 -13.85 -0.43
CA LEU A 473 -12.52 -12.48 -0.50
C LEU A 473 -13.42 -12.29 -1.76
N ALA A 474 -12.96 -12.90 -2.88
CA ALA A 474 -13.73 -12.75 -4.10
C ALA A 474 -15.17 -13.28 -3.85
N LYS A 475 -15.31 -14.44 -3.18
CA LYS A 475 -16.70 -14.90 -2.85
C LYS A 475 -17.59 -13.89 -2.10
N GLN A 476 -16.98 -12.92 -1.39
CA GLN A 476 -17.71 -11.99 -0.48
C GLN A 476 -17.97 -10.63 -1.13
N ALA A 477 -17.34 -10.43 -2.29
CA ALA A 477 -17.24 -9.10 -2.87
C ALA A 477 -18.38 -8.76 -3.83
N SER A 478 -18.73 -7.46 -3.91
CA SER A 478 -19.68 -6.95 -4.95
C SER A 478 -18.99 -6.87 -6.35
N VAL A 479 -17.73 -6.47 -6.34
CA VAL A 479 -16.92 -6.33 -7.58
C VAL A 479 -15.49 -6.72 -7.17
N SER A 480 -14.80 -7.44 -8.03
CA SER A 480 -13.38 -7.72 -7.82
C SER A 480 -12.60 -7.08 -8.93
N LEU A 481 -11.67 -6.23 -8.55
CA LEU A 481 -10.82 -5.46 -9.50
C LEU A 481 -9.45 -6.11 -9.44
N VAL A 482 -9.03 -6.77 -10.54
CA VAL A 482 -7.87 -7.65 -10.53
C VAL A 482 -6.81 -7.00 -11.43
N PHE A 483 -5.65 -6.79 -10.86
CA PHE A 483 -4.60 -6.02 -11.48
C PHE A 483 -3.46 -6.92 -11.88
N VAL A 484 -3.03 -6.77 -13.13
CA VAL A 484 -2.01 -7.67 -13.65
C VAL A 484 -1.08 -6.88 -14.61
N ASN A 485 0.14 -7.34 -14.81
CA ASN A 485 1.05 -6.59 -15.60
C ASN A 485 2.01 -7.46 -16.39
N SER A 486 2.74 -6.81 -17.28
CA SER A 486 3.81 -7.49 -18.05
C SER A 486 4.82 -6.34 -18.37
N ASP A 487 6.11 -6.53 -18.04
CA ASP A 487 7.06 -5.39 -18.09
C ASP A 487 8.16 -5.68 -19.17
N ALA A 488 9.03 -4.71 -19.46
CA ALA A 488 10.18 -4.89 -20.41
C ALA A 488 10.98 -3.66 -20.26
N GLY A 489 12.11 -3.63 -20.98
CA GLY A 489 12.87 -2.33 -20.96
C GLY A 489 14.12 -2.43 -21.79
N GLU A 490 15.06 -1.53 -21.57
CA GLU A 490 16.25 -1.47 -22.36
C GLU A 490 17.14 -2.68 -22.04
N GLY A 491 17.85 -3.18 -23.05
CA GLY A 491 18.60 -4.45 -22.92
C GLY A 491 19.69 -4.56 -21.87
N TYR A 492 20.23 -3.43 -21.34
CA TYR A 492 21.34 -3.54 -20.36
C TYR A 492 20.83 -4.03 -18.99
N ILE A 493 19.49 -4.08 -18.80
CA ILE A 493 18.91 -4.57 -17.53
C ILE A 493 18.15 -5.85 -17.85
N SER A 494 18.33 -6.89 -17.02
CA SER A 494 17.47 -8.13 -17.14
C SER A 494 16.65 -8.29 -15.86
N VAL A 495 15.33 -8.45 -15.98
CA VAL A 495 14.48 -8.79 -14.83
C VAL A 495 13.88 -10.17 -15.04
N ASP A 496 14.16 -11.09 -14.12
CA ASP A 496 13.71 -12.50 -14.29
C ASP A 496 14.09 -13.10 -15.63
N GLY A 497 15.33 -12.84 -16.10
CA GLY A 497 15.79 -13.44 -17.33
C GLY A 497 15.27 -12.79 -18.56
N ASN A 498 14.43 -11.71 -18.45
CA ASN A 498 14.00 -10.99 -19.66
C ASN A 498 15.05 -9.93 -19.94
N GLU A 499 15.90 -10.17 -20.95
CA GLU A 499 17.04 -9.31 -21.22
C GLU A 499 16.52 -8.16 -22.06
N GLY A 500 15.79 -7.24 -21.42
CA GLY A 500 15.22 -6.07 -22.10
C GLY A 500 13.95 -6.54 -22.82
N ASP A 501 14.14 -7.20 -23.96
CA ASP A 501 13.00 -7.85 -24.65
C ASP A 501 12.19 -8.77 -23.70
N ARG A 502 10.89 -8.90 -23.93
CA ARG A 502 10.09 -9.86 -23.16
C ARG A 502 10.29 -11.26 -23.68
N ASN A 503 10.42 -12.20 -22.76
CA ASN A 503 10.55 -13.65 -23.21
C ASN A 503 9.22 -14.20 -23.64
N ASN A 504 8.10 -13.59 -23.17
CA ASN A 504 6.78 -14.07 -23.64
C ASN A 504 5.76 -12.94 -23.52
N LEU A 505 4.51 -13.16 -23.96
CA LEU A 505 3.48 -12.11 -23.86
C LEU A 505 2.46 -12.53 -22.80
N THR A 506 2.87 -13.41 -21.90
CA THR A 506 2.01 -13.87 -20.81
C THR A 506 2.09 -12.99 -19.58
N LEU A 507 0.97 -12.79 -18.86
CA LEU A 507 1.05 -11.92 -17.63
C LEU A 507 2.09 -12.39 -16.69
N TRP A 508 2.79 -11.43 -16.04
CA TRP A 508 3.82 -11.77 -15.10
C TRP A 508 3.15 -12.01 -13.75
N LYS A 509 3.93 -12.58 -12.86
CA LYS A 509 3.55 -12.72 -11.39
C LYS A 509 2.25 -13.45 -11.28
N ASN A 510 2.13 -14.60 -11.99
CA ASN A 510 0.94 -15.47 -11.81
C ASN A 510 -0.36 -14.79 -12.20
N GLY A 511 -0.30 -13.85 -13.18
CA GLY A 511 -1.50 -13.08 -13.44
C GLY A 511 -2.65 -13.90 -13.98
N ASP A 512 -2.43 -14.81 -14.96
CA ASP A 512 -3.57 -15.60 -15.48
C ASP A 512 -4.24 -16.40 -14.32
N ASN A 513 -3.43 -17.06 -13.53
CA ASN A 513 -4.01 -17.79 -12.37
C ASN A 513 -4.76 -16.93 -11.36
N LEU A 514 -4.29 -15.69 -11.14
CA LEU A 514 -4.98 -14.76 -10.24
C LEU A 514 -6.34 -14.41 -10.77
N ILE A 515 -6.43 -14.03 -12.07
CA ILE A 515 -7.67 -13.72 -12.68
C ILE A 515 -8.63 -14.90 -12.61
N LYS A 516 -8.14 -16.10 -12.90
CA LYS A 516 -9.03 -17.31 -12.87
C LYS A 516 -9.51 -17.61 -11.44
N ALA A 517 -8.65 -17.38 -10.45
CA ALA A 517 -9.04 -17.55 -8.99
C ALA A 517 -10.13 -16.57 -8.63
N ALA A 518 -10.02 -15.32 -9.08
CA ALA A 518 -11.10 -14.36 -8.81
C ALA A 518 -12.33 -14.71 -9.60
N ALA A 519 -12.21 -14.92 -10.94
CA ALA A 519 -13.43 -15.15 -11.76
C ALA A 519 -14.20 -16.47 -11.43
N ASN A 520 -13.50 -17.43 -10.86
CA ASN A 520 -14.15 -18.67 -10.47
C ASN A 520 -15.10 -18.39 -9.29
N ASN A 521 -14.88 -17.29 -8.59
CA ASN A 521 -15.60 -17.04 -7.30
C ASN A 521 -16.45 -15.81 -7.28
N CYS A 522 -16.42 -14.96 -8.32
CA CYS A 522 -17.01 -13.64 -8.25
C CYS A 522 -17.57 -13.41 -9.65
N ASN A 523 -18.87 -13.11 -9.70
CA ASN A 523 -19.49 -12.93 -10.97
C ASN A 523 -19.34 -11.53 -11.58
N ASN A 524 -18.53 -10.68 -10.96
CA ASN A 524 -18.32 -9.32 -11.47
C ASN A 524 -16.78 -9.01 -11.33
N THR A 525 -15.96 -9.75 -12.09
CA THR A 525 -14.53 -9.63 -12.04
C THR A 525 -14.12 -8.70 -13.14
N ILE A 526 -13.34 -7.66 -12.79
CA ILE A 526 -12.99 -6.62 -13.77
C ILE A 526 -11.46 -6.63 -13.86
N VAL A 527 -10.89 -6.78 -15.07
CA VAL A 527 -9.42 -7.00 -15.12
C VAL A 527 -8.78 -5.64 -15.54
N VAL A 528 -7.73 -5.20 -14.85
CA VAL A 528 -7.00 -3.99 -15.25
C VAL A 528 -5.54 -4.39 -15.53
N ILE A 529 -5.06 -4.10 -16.78
CA ILE A 529 -3.75 -4.50 -17.24
C ILE A 529 -2.83 -3.26 -17.32
N HIS A 530 -1.70 -3.29 -16.64
CA HIS A 530 -0.62 -2.31 -16.89
C HIS A 530 0.49 -3.08 -17.62
N SER A 531 0.84 -2.62 -18.83
CA SER A 531 1.88 -3.33 -19.55
C SER A 531 2.51 -2.45 -20.60
N VAL A 532 3.65 -2.94 -21.08
CA VAL A 532 4.43 -2.23 -22.08
C VAL A 532 3.85 -2.43 -23.50
N GLY A 533 2.90 -3.34 -23.62
CA GLY A 533 2.43 -3.72 -24.95
C GLY A 533 1.34 -4.78 -24.80
N PRO A 534 1.03 -5.47 -25.89
CA PRO A 534 -0.04 -6.43 -25.72
C PRO A 534 0.36 -7.63 -24.87
N VAL A 535 -0.65 -8.30 -24.29
CA VAL A 535 -0.42 -9.53 -23.51
C VAL A 535 -1.49 -10.51 -24.00
N LEU A 536 -1.25 -11.82 -23.80
CA LEU A 536 -2.20 -12.84 -24.26
C LEU A 536 -3.38 -12.92 -23.31
N VAL A 537 -4.60 -12.70 -23.77
CA VAL A 537 -5.74 -12.70 -22.82
C VAL A 537 -6.68 -13.91 -23.07
N ASP A 538 -6.25 -14.79 -23.99
CA ASP A 538 -7.13 -15.89 -24.48
C ASP A 538 -7.64 -16.79 -23.37
N GLU A 539 -6.90 -16.98 -22.31
CA GLU A 539 -7.36 -17.91 -21.26
C GLU A 539 -8.48 -17.38 -20.40
N TRP A 540 -8.82 -16.09 -20.43
CA TRP A 540 -9.83 -15.68 -19.44
C TRP A 540 -10.64 -14.55 -19.96
N TYR A 541 -10.33 -13.98 -21.13
CA TYR A 541 -11.08 -12.76 -21.52
C TYR A 541 -12.54 -13.02 -21.73
N ASP A 542 -12.85 -14.27 -22.09
CA ASP A 542 -14.25 -14.58 -22.42
C ASP A 542 -14.88 -15.37 -21.28
N HIS A 543 -14.30 -15.32 -20.10
CA HIS A 543 -14.88 -16.06 -18.93
C HIS A 543 -16.19 -15.38 -18.61
N PRO A 544 -17.27 -16.15 -18.33
CA PRO A 544 -18.57 -15.48 -18.14
C PRO A 544 -18.57 -14.48 -16.94
N ASN A 545 -17.64 -14.65 -16.00
CA ASN A 545 -17.64 -13.73 -14.79
C ASN A 545 -16.63 -12.56 -14.97
N VAL A 546 -15.84 -12.60 -16.08
CA VAL A 546 -15.01 -11.43 -16.46
C VAL A 546 -15.87 -10.39 -17.19
N THR A 547 -16.31 -9.36 -16.45
CA THR A 547 -17.31 -8.45 -16.95
C THR A 547 -16.77 -7.19 -17.57
N ALA A 548 -15.49 -6.88 -17.32
CA ALA A 548 -14.87 -5.72 -17.99
C ALA A 548 -13.37 -5.92 -17.98
N ILE A 549 -12.72 -5.38 -19.02
CA ILE A 549 -11.21 -5.55 -19.08
C ILE A 549 -10.71 -4.17 -19.58
N LEU A 550 -9.61 -3.67 -18.93
CA LEU A 550 -9.05 -2.36 -19.35
C LEU A 550 -7.54 -2.54 -19.51
N TRP A 551 -6.97 -1.82 -20.43
CA TRP A 551 -5.52 -1.79 -20.49
C TRP A 551 -5.09 -0.34 -20.23
N ALA A 552 -4.28 -0.11 -19.20
CA ALA A 552 -3.99 1.30 -18.84
C ALA A 552 -2.47 1.59 -19.11
N GLY A 553 -1.74 0.68 -19.73
CA GLY A 553 -0.40 1.18 -20.17
C GLY A 553 0.55 1.36 -18.96
N LEU A 554 1.35 2.44 -19.04
CA LEU A 554 2.34 2.81 -18.08
C LEU A 554 2.00 4.29 -17.70
N PRO A 555 1.18 4.51 -16.65
CA PRO A 555 0.51 5.83 -16.52
C PRO A 555 1.38 6.89 -15.85
N GLY A 556 2.56 6.55 -15.34
CA GLY A 556 3.37 7.54 -14.57
C GLY A 556 2.73 7.85 -13.21
N GLN A 557 3.02 9.01 -12.63
CA GLN A 557 2.96 9.14 -11.17
C GLN A 557 1.53 9.17 -10.58
N GLU A 558 0.55 9.55 -11.43
CA GLU A 558 -0.87 9.64 -11.02
C GLU A 558 -1.67 8.36 -11.35
N SER A 559 -0.98 7.24 -11.46
CA SER A 559 -1.65 6.05 -12.03
C SER A 559 -3.01 5.77 -11.37
N GLY A 560 -3.03 5.61 -10.05
CA GLY A 560 -4.26 5.18 -9.38
C GLY A 560 -5.40 6.19 -9.59
N ASN A 561 -5.10 7.45 -9.57
CA ASN A 561 -6.14 8.52 -9.76
C ASN A 561 -6.66 8.54 -11.21
N SER A 562 -5.74 8.41 -12.16
CA SER A 562 -6.16 8.29 -13.59
C SER A 562 -7.16 7.15 -13.69
N LEU A 563 -6.82 6.00 -13.13
CA LEU A 563 -7.70 4.81 -13.28
C LEU A 563 -9.05 5.03 -12.53
N ALA A 564 -8.98 5.56 -11.30
CA ALA A 564 -10.26 5.76 -10.54
C ALA A 564 -11.16 6.75 -11.32
N ASP A 565 -10.58 7.77 -11.94
CA ASP A 565 -11.40 8.73 -12.73
C ASP A 565 -12.21 7.96 -13.80
N VAL A 566 -11.59 6.98 -14.46
CA VAL A 566 -12.27 6.13 -15.46
C VAL A 566 -13.29 5.15 -14.82
N LEU A 567 -12.84 4.38 -13.83
CA LEU A 567 -13.71 3.32 -13.26
C LEU A 567 -14.98 3.94 -12.66
N TYR A 568 -14.83 5.15 -12.10
CA TYR A 568 -16.03 5.81 -11.43
C TYR A 568 -16.76 6.79 -12.34
N GLY A 569 -16.31 6.88 -13.61
CA GLY A 569 -17.04 7.68 -14.61
C GLY A 569 -16.85 9.14 -14.54
N ARG A 570 -15.88 9.66 -13.77
CA ARG A 570 -15.56 11.07 -13.93
C ARG A 570 -14.98 11.27 -15.35
N VAL A 571 -14.29 10.26 -15.90
CA VAL A 571 -13.76 10.41 -17.27
C VAL A 571 -14.44 9.25 -18.01
N ASN A 572 -15.01 9.55 -19.19
CA ASN A 572 -15.54 8.47 -20.04
C ASN A 572 -14.35 8.00 -20.93
N PRO A 573 -13.91 6.70 -20.88
CA PRO A 573 -12.73 6.30 -21.62
C PRO A 573 -13.00 6.52 -23.10
N GLY A 574 -12.05 7.17 -23.75
CA GLY A 574 -12.06 7.39 -25.25
C GLY A 574 -10.81 6.78 -25.89
N ALA A 575 -9.90 6.15 -25.09
CA ALA A 575 -8.64 5.67 -25.65
C ALA A 575 -8.95 4.46 -26.58
N LYS A 576 -8.02 4.20 -27.49
CA LYS A 576 -8.23 3.15 -28.52
C LYS A 576 -6.92 2.32 -28.60
N SER A 577 -6.98 0.96 -28.78
CA SER A 577 -5.72 0.18 -28.68
C SER A 577 -4.80 0.67 -29.84
N PRO A 578 -3.53 0.96 -29.56
CA PRO A 578 -2.63 1.37 -30.64
C PRO A 578 -1.82 0.19 -31.20
N PHE A 579 -2.23 -1.03 -30.88
CA PHE A 579 -1.60 -2.27 -31.37
C PHE A 579 -2.66 -3.39 -31.27
N THR A 580 -2.29 -4.57 -31.80
CA THR A 580 -3.22 -5.66 -31.95
C THR A 580 -3.10 -6.56 -30.70
N TRP A 581 -4.22 -7.05 -30.21
CA TRP A 581 -4.24 -8.07 -29.14
C TRP A 581 -4.51 -9.43 -29.84
N GLY A 582 -3.47 -10.24 -30.06
CA GLY A 582 -3.73 -11.55 -30.81
C GLY A 582 -4.00 -12.74 -29.87
N LYS A 583 -4.48 -13.85 -30.46
CA LYS A 583 -4.74 -15.05 -29.68
C LYS A 583 -3.52 -15.70 -29.20
N THR A 584 -2.40 -15.63 -29.95
CA THR A 584 -1.19 -16.35 -29.64
C THR A 584 0.01 -15.48 -30.02
N ARG A 585 1.20 -15.82 -29.56
CA ARG A 585 2.41 -15.08 -29.98
C ARG A 585 2.60 -15.33 -31.48
N GLU A 586 2.36 -16.58 -31.95
CA GLU A 586 2.57 -16.89 -33.39
C GLU A 586 1.75 -15.99 -34.30
N ALA A 587 0.55 -15.56 -33.89
CA ALA A 587 -0.29 -14.69 -34.71
C ALA A 587 0.37 -13.35 -35.13
N TYR A 588 1.35 -12.87 -34.37
CA TYR A 588 1.98 -11.60 -34.72
C TYR A 588 3.14 -11.85 -35.69
N GLY A 589 3.66 -13.09 -35.77
CA GLY A 589 4.85 -13.36 -36.61
C GLY A 589 6.03 -12.49 -36.09
N ASP A 590 6.84 -12.00 -37.00
CA ASP A 590 7.96 -11.12 -36.63
C ASP A 590 8.71 -11.55 -35.38
N TYR A 591 9.29 -12.75 -35.42
CA TYR A 591 10.04 -13.24 -34.28
C TYR A 591 11.34 -12.47 -34.03
N LEU A 592 11.64 -12.26 -32.75
CA LEU A 592 12.93 -11.66 -32.42
C LEU A 592 14.06 -12.62 -32.81
N VAL A 593 15.27 -12.09 -33.00
CA VAL A 593 16.45 -12.91 -33.22
C VAL A 593 17.01 -13.12 -31.81
N ARG A 594 16.98 -14.37 -31.36
CA ARG A 594 17.38 -14.67 -29.99
C ARG A 594 18.56 -15.59 -29.87
N GLU A 595 19.11 -16.00 -30.99
CA GLU A 595 20.27 -16.91 -31.01
C GLU A 595 21.25 -16.41 -32.06
N LEU A 596 22.54 -16.73 -31.95
CA LEU A 596 23.51 -16.36 -33.02
C LEU A 596 23.15 -17.11 -34.32
N ASN A 597 22.98 -16.41 -35.45
CA ASN A 597 22.70 -17.10 -36.70
C ASN A 597 23.76 -16.76 -37.71
N ASN A 598 24.86 -16.12 -37.29
CA ASN A 598 25.97 -15.74 -38.20
C ASN A 598 27.25 -16.08 -37.54
N GLY A 599 27.32 -17.27 -36.93
CA GLY A 599 28.52 -17.62 -36.15
C GLY A 599 28.85 -16.63 -35.06
N ASN A 600 30.12 -16.19 -34.98
CA ASN A 600 30.38 -15.16 -34.01
C ASN A 600 30.43 -13.76 -34.63
N GLY A 601 29.91 -13.61 -35.86
CA GLY A 601 29.85 -12.25 -36.44
C GLY A 601 28.47 -11.63 -36.02
N ALA A 602 28.19 -10.44 -36.55
CA ALA A 602 26.87 -9.78 -36.29
C ALA A 602 25.72 -10.72 -36.59
N PRO A 603 24.81 -10.93 -35.61
CA PRO A 603 23.56 -11.64 -35.93
C PRO A 603 22.77 -10.88 -36.97
N GLN A 604 22.06 -11.63 -37.81
CA GLN A 604 21.35 -11.00 -38.92
C GLN A 604 19.86 -10.98 -38.68
N ASP A 605 19.25 -9.81 -38.80
CA ASP A 605 17.79 -9.68 -38.56
C ASP A 605 17.10 -9.25 -39.81
N ASP A 606 16.68 -10.22 -40.63
CA ASP A 606 16.07 -9.89 -41.91
C ASP A 606 14.59 -9.54 -41.68
N PHE A 607 14.15 -8.34 -42.07
CA PHE A 607 12.73 -7.93 -41.91
C PHE A 607 11.96 -8.53 -43.07
N SER A 608 11.85 -9.85 -43.07
CA SER A 608 11.33 -10.52 -44.30
C SER A 608 9.82 -10.40 -44.49
N GLU A 609 9.10 -9.99 -43.41
CA GLU A 609 7.71 -9.64 -43.53
C GLU A 609 7.46 -8.35 -44.31
N GLY A 610 8.50 -7.58 -44.61
CA GLY A 610 8.27 -6.30 -45.31
C GLY A 610 7.37 -5.36 -44.47
N VAL A 611 6.33 -4.76 -45.07
CA VAL A 611 5.50 -3.84 -44.29
C VAL A 611 4.52 -4.57 -43.31
N PHE A 612 4.47 -5.91 -43.33
CA PHE A 612 3.37 -6.64 -42.69
C PHE A 612 3.64 -6.87 -41.20
N ILE A 613 3.61 -5.74 -40.43
CA ILE A 613 3.79 -5.86 -38.97
C ILE A 613 2.45 -5.54 -38.30
N ASP A 614 2.25 -6.01 -37.06
CA ASP A 614 1.00 -5.75 -36.26
C ASP A 614 -0.23 -5.92 -37.14
N TYR A 615 -1.19 -4.96 -37.19
CA TYR A 615 -2.49 -5.31 -37.77
C TYR A 615 -2.35 -5.65 -39.29
N ARG A 616 -1.41 -5.01 -39.96
CA ARG A 616 -1.22 -5.33 -41.45
C ARG A 616 -0.91 -6.85 -41.62
N GLY A 617 -0.13 -7.44 -40.68
CA GLY A 617 0.19 -8.89 -40.72
C GLY A 617 -1.02 -9.74 -40.41
N PHE A 618 -1.76 -9.34 -39.39
CA PHE A 618 -3.00 -10.11 -39.02
C PHE A 618 -3.95 -10.07 -40.21
N ASP A 619 -4.14 -8.88 -40.78
CA ASP A 619 -5.13 -8.75 -41.89
C ASP A 619 -4.64 -9.55 -43.16
N LYS A 620 -3.35 -9.48 -43.45
CA LYS A 620 -2.77 -10.27 -44.56
C LYS A 620 -3.01 -11.79 -44.35
N ARG A 621 -2.78 -12.27 -43.13
CA ARG A 621 -2.97 -13.67 -42.83
C ARG A 621 -4.39 -14.06 -42.56
N ASN A 622 -5.34 -13.12 -42.71
CA ASN A 622 -6.79 -13.39 -42.41
C ASN A 622 -6.99 -13.89 -40.97
N GLU A 623 -6.21 -13.40 -40.00
CA GLU A 623 -6.34 -13.86 -38.60
C GLU A 623 -7.28 -12.85 -37.90
N THR A 624 -8.07 -13.31 -36.97
CA THR A 624 -8.96 -12.44 -36.21
C THR A 624 -8.27 -12.13 -34.86
N PRO A 625 -7.99 -10.83 -34.63
CA PRO A 625 -7.49 -10.41 -33.30
C PRO A 625 -8.62 -10.61 -32.25
N ILE A 626 -8.24 -10.74 -31.00
CA ILE A 626 -9.25 -10.65 -29.90
C ILE A 626 -9.69 -9.19 -29.83
N TYR A 627 -8.73 -8.25 -29.76
CA TYR A 627 -8.99 -6.85 -29.87
C TYR A 627 -8.15 -6.28 -30.97
N GLU A 628 -8.80 -5.68 -31.99
CA GLU A 628 -8.02 -5.19 -33.14
C GLU A 628 -7.37 -3.79 -32.88
N PHE A 629 -6.35 -3.42 -33.68
CA PHE A 629 -5.86 -2.07 -33.70
C PHE A 629 -7.01 -1.07 -33.88
N GLY A 630 -7.04 -0.04 -33.01
CA GLY A 630 -8.11 1.01 -33.08
C GLY A 630 -9.33 0.68 -32.19
N HIS A 631 -9.31 -0.46 -31.52
CA HIS A 631 -10.51 -0.87 -30.70
C HIS A 631 -10.47 -0.20 -29.32
N GLY A 632 -11.60 0.33 -28.89
CA GLY A 632 -11.79 0.83 -27.51
C GLY A 632 -13.29 1.10 -27.31
N LEU A 633 -13.82 0.78 -26.13
CA LEU A 633 -15.27 1.01 -25.92
C LEU A 633 -15.38 2.31 -25.17
N SER A 634 -16.62 2.78 -24.99
CA SER A 634 -16.95 4.02 -24.32
C SER A 634 -18.16 3.77 -23.41
N TYR A 635 -18.45 4.72 -22.50
CA TYR A 635 -19.67 4.58 -21.72
C TYR A 635 -20.86 5.21 -22.54
N THR A 636 -20.61 5.68 -23.76
CA THR A 636 -21.73 6.06 -24.65
C THR A 636 -21.50 5.31 -25.97
N THR A 637 -22.32 5.59 -26.99
CA THR A 637 -22.16 4.95 -28.32
C THR A 637 -22.12 6.05 -29.33
N PHE A 638 -21.54 5.74 -30.51
CA PHE A 638 -21.41 6.74 -31.55
C PHE A 638 -21.87 6.11 -32.87
N ASN A 639 -22.35 6.90 -33.81
CA ASN A 639 -22.77 6.39 -35.14
C ASN A 639 -22.02 7.26 -36.17
N TYR A 640 -21.54 6.61 -37.22
CA TYR A 640 -20.87 7.32 -38.31
C TYR A 640 -21.76 7.26 -39.53
N SER A 641 -22.06 8.38 -40.20
CA SER A 641 -22.90 8.29 -41.43
C SER A 641 -22.45 9.36 -42.44
N GLY A 642 -22.96 9.25 -43.66
CA GLY A 642 -22.81 10.40 -44.55
C GLY A 642 -21.36 10.58 -45.00
N LEU A 643 -20.69 9.51 -45.52
CA LEU A 643 -19.30 9.70 -46.03
C LEU A 643 -19.33 10.45 -47.38
N HIS A 644 -18.52 11.51 -47.56
CA HIS A 644 -18.37 12.22 -48.85
C HIS A 644 -16.94 12.50 -49.13
N ILE A 645 -16.59 12.60 -50.42
CA ILE A 645 -15.20 12.71 -50.86
C ILE A 645 -15.21 13.87 -51.86
N GLN A 646 -14.22 14.77 -51.78
CA GLN A 646 -14.19 15.89 -52.70
C GLN A 646 -12.79 15.99 -53.23
N VAL A 647 -12.60 15.91 -54.56
CA VAL A 647 -11.27 16.19 -55.13
C VAL A 647 -10.89 17.65 -54.92
N LEU A 648 -9.65 17.94 -54.61
CA LEU A 648 -9.22 19.34 -54.38
C LEU A 648 -8.28 19.78 -55.53
N ASN A 649 -8.13 21.10 -55.69
CA ASN A 649 -7.23 21.62 -56.71
C ASN A 649 -5.79 21.54 -56.16
N VAL A 656 10.99 24.29 -56.21
CA VAL A 656 11.87 23.17 -55.75
C VAL A 656 13.17 23.12 -56.59
N ALA A 657 14.28 23.42 -55.96
CA ALA A 657 15.58 23.40 -56.65
C ALA A 657 15.94 21.99 -57.14
N THR A 658 16.65 21.93 -58.25
CA THR A 658 17.19 20.65 -58.77
C THR A 658 18.65 20.46 -58.37
N GLU A 659 19.32 21.48 -57.82
CA GLU A 659 20.75 21.30 -57.38
C GLU A 659 20.99 22.05 -56.12
N THR A 660 21.90 21.54 -55.29
CA THR A 660 22.35 22.29 -54.09
C THR A 660 23.36 23.38 -54.41
N GLY A 661 23.70 24.23 -53.44
CA GLY A 661 24.92 25.05 -53.53
C GLY A 661 26.17 24.21 -53.22
N ALA A 662 27.36 24.78 -53.44
CA ALA A 662 28.63 24.12 -53.10
C ALA A 662 28.77 24.18 -51.57
N ALA A 663 29.55 23.30 -50.95
CA ALA A 663 29.69 23.23 -49.50
C ALA A 663 30.46 24.45 -49.01
N PRO A 664 29.88 25.23 -48.08
CA PRO A 664 30.65 26.40 -47.63
C PRO A 664 31.62 26.09 -46.50
N THR A 665 32.61 26.95 -46.30
CA THR A 665 33.39 26.86 -45.09
C THR A 665 33.16 28.16 -44.35
N PHE A 666 33.25 28.12 -43.02
CA PHE A 666 32.98 29.33 -42.21
C PHE A 666 34.10 29.51 -41.26
N GLY A 667 34.80 30.65 -41.33
CA GLY A 667 35.97 30.84 -40.45
C GLY A 667 37.23 30.15 -41.01
N GLN A 668 38.35 30.22 -40.31
CA GLN A 668 39.70 29.76 -40.83
C GLN A 668 40.31 28.65 -39.98
N VAL A 669 41.01 27.72 -40.62
CA VAL A 669 41.86 26.77 -39.92
C VAL A 669 43.36 27.18 -40.06
N GLY A 670 44.09 27.21 -38.96
CA GLY A 670 45.53 27.53 -38.95
C GLY A 670 46.43 26.33 -38.70
N ASN A 671 47.65 26.59 -38.22
CA ASN A 671 48.69 25.54 -38.06
C ASN A 671 48.28 24.68 -36.86
N ALA A 672 48.73 23.41 -36.87
CA ALA A 672 48.68 22.51 -35.69
C ALA A 672 49.04 23.17 -34.34
N SER A 673 50.04 24.05 -34.31
CA SER A 673 50.38 24.74 -33.05
C SER A 673 49.22 25.61 -32.52
N ASP A 674 48.28 26.10 -33.33
CA ASP A 674 47.15 26.84 -32.70
C ASP A 674 46.30 25.95 -31.77
N TYR A 675 46.41 24.64 -31.90
CA TYR A 675 45.44 23.66 -31.31
C TYR A 675 46.08 22.73 -30.28
N VAL A 676 47.26 23.11 -29.81
CA VAL A 676 47.98 22.32 -28.85
C VAL A 676 47.35 22.67 -27.49
N TYR A 677 47.30 21.76 -26.52
CA TYR A 677 46.79 22.14 -25.17
C TYR A 677 47.31 23.47 -24.64
N PRO A 678 46.41 24.44 -24.29
CA PRO A 678 46.82 25.76 -23.72
C PRO A 678 47.66 25.53 -22.48
N GLU A 679 48.71 26.32 -22.30
CA GLU A 679 49.71 25.97 -21.30
C GLU A 679 49.21 26.05 -19.87
N GLY A 680 48.34 27.04 -19.60
CA GLY A 680 47.86 27.15 -18.21
C GLY A 680 46.54 26.42 -17.85
N LEU A 681 46.25 25.29 -18.48
CA LEU A 681 44.97 24.55 -18.21
C LEU A 681 45.20 23.20 -17.53
N THR A 682 44.54 22.99 -16.40
CA THR A 682 44.65 21.69 -15.73
C THR A 682 43.78 20.69 -16.51
N ARG A 683 44.35 19.60 -16.96
CA ARG A 683 43.54 18.64 -17.73
C ARG A 683 42.89 17.66 -16.75
N ILE A 684 41.55 17.58 -16.75
CA ILE A 684 40.81 16.73 -15.81
C ILE A 684 40.89 15.28 -16.24
N SER A 685 41.14 14.34 -15.32
CA SER A 685 41.30 12.91 -15.70
C SER A 685 39.97 12.45 -16.39
N LYS A 686 40.12 11.70 -17.49
CA LYS A 686 39.04 11.14 -18.32
C LYS A 686 38.29 12.18 -19.11
N PHE A 687 38.59 13.48 -18.92
CA PHE A 687 37.80 14.50 -19.62
C PHE A 687 38.26 14.52 -21.10
N ILE A 688 37.33 14.60 -22.02
CA ILE A 688 37.65 14.67 -23.49
C ILE A 688 37.79 16.11 -23.95
N TYR A 689 38.99 16.37 -24.54
CA TYR A 689 39.35 17.69 -25.05
C TYR A 689 39.56 17.70 -26.60
N PRO A 690 39.50 18.90 -27.22
CA PRO A 690 39.64 18.93 -28.66
C PRO A 690 41.18 19.10 -29.08
N TRP A 691 42.04 19.22 -28.07
CA TRP A 691 43.46 19.65 -28.22
C TRP A 691 44.48 18.56 -28.48
N LEU A 692 45.64 18.99 -28.99
CA LEU A 692 46.63 18.03 -29.44
C LEU A 692 47.76 18.02 -28.42
N ASN A 693 48.40 16.86 -28.17
CA ASN A 693 49.58 16.92 -27.25
C ASN A 693 50.75 17.75 -27.80
N SER A 694 50.94 17.69 -29.12
CA SER A 694 52.04 18.45 -29.78
C SER A 694 51.69 18.61 -31.24
N THR A 695 52.58 19.26 -32.01
CA THR A 695 52.37 19.41 -33.42
C THR A 695 52.64 18.13 -34.18
N ASP A 696 53.13 17.07 -33.55
CA ASP A 696 53.23 15.82 -34.24
C ASP A 696 51.77 15.26 -34.32
N LEU A 697 51.18 15.21 -35.50
CA LEU A 697 49.80 14.70 -35.67
C LEU A 697 49.65 13.26 -35.38
N LYS A 698 50.58 12.43 -35.87
CA LYS A 698 50.53 11.02 -35.68
C LYS A 698 50.58 10.68 -34.20
N ALA A 699 51.57 11.22 -33.48
CA ALA A 699 51.80 10.91 -32.06
C ALA A 699 50.63 11.53 -31.21
N SER A 700 50.10 12.70 -31.58
CA SER A 700 48.97 13.31 -30.81
C SER A 700 47.63 12.51 -30.97
N SER A 701 47.49 11.76 -32.10
CA SER A 701 46.30 11.00 -32.30
C SER A 701 46.34 9.75 -31.50
N GLY A 702 47.54 9.22 -31.22
CA GLY A 702 47.62 7.90 -30.58
C GLY A 702 46.85 6.81 -31.35
N ASP A 703 46.58 6.96 -32.63
CA ASP A 703 45.74 5.99 -33.32
C ASP A 703 46.61 4.93 -33.99
N PRO A 704 46.44 3.62 -33.62
CA PRO A 704 47.27 2.62 -34.28
C PRO A 704 47.08 2.61 -35.82
N TYR A 705 45.95 3.03 -36.36
CA TYR A 705 45.78 3.06 -37.80
C TYR A 705 46.06 4.41 -38.45
N TYR A 706 46.72 5.32 -37.73
CA TYR A 706 46.93 6.68 -38.27
C TYR A 706 47.72 6.61 -39.61
N GLY A 707 47.21 7.25 -40.67
CA GLY A 707 47.89 7.33 -41.98
C GLY A 707 48.01 5.99 -42.68
N VAL A 708 47.38 4.96 -42.14
CA VAL A 708 47.29 3.65 -42.82
C VAL A 708 46.31 3.49 -43.94
N ASP A 709 46.82 3.28 -45.20
CA ASP A 709 45.96 3.16 -46.39
C ASP A 709 44.82 4.22 -46.41
N THR A 710 45.11 5.44 -46.04
CA THR A 710 43.99 6.38 -45.84
C THR A 710 43.03 6.55 -47.01
N ALA A 711 43.59 6.79 -48.18
CA ALA A 711 42.82 7.01 -49.40
C ALA A 711 41.82 5.88 -49.61
N GLU A 712 42.27 4.64 -49.34
CA GLU A 712 41.42 3.48 -49.59
C GLU A 712 40.26 3.48 -48.58
N HIS A 713 40.45 4.11 -47.42
CA HIS A 713 39.36 4.13 -46.36
C HIS A 713 38.37 5.33 -46.40
N VAL A 714 38.64 6.21 -47.36
CA VAL A 714 37.81 7.36 -47.62
C VAL A 714 36.91 7.07 -48.85
N PRO A 715 35.58 6.85 -48.62
CA PRO A 715 34.74 6.47 -49.76
C PRO A 715 34.68 7.49 -50.87
N GLU A 716 34.43 7.01 -52.06
CA GLU A 716 34.36 7.89 -53.21
C GLU A 716 33.26 8.92 -53.03
N GLY A 717 33.53 10.22 -53.20
CA GLY A 717 32.44 11.24 -53.10
C GLY A 717 32.45 11.88 -51.72
N ALA A 718 33.11 11.21 -50.76
CA ALA A 718 33.07 11.60 -49.34
C ALA A 718 33.69 12.93 -49.04
N THR A 719 34.62 13.41 -49.91
CA THR A 719 35.16 14.74 -49.69
C THR A 719 34.71 15.71 -50.77
N ASP A 720 33.72 15.34 -51.57
CA ASP A 720 33.22 16.20 -52.69
C ASP A 720 32.31 17.37 -52.21
N GLY A 721 32.88 18.58 -52.11
CA GLY A 721 32.16 19.82 -51.76
C GLY A 721 31.44 20.57 -52.89
N SER A 722 31.29 19.93 -54.04
CA SER A 722 30.65 20.62 -55.17
C SER A 722 29.12 20.44 -55.11
N PRO A 723 28.40 21.27 -55.91
CA PRO A 723 26.93 21.21 -55.95
C PRO A 723 26.47 19.82 -56.22
N GLN A 724 25.41 19.36 -55.55
CA GLN A 724 24.87 18.04 -55.80
C GLN A 724 23.46 18.08 -56.34
N PRO A 725 23.05 16.99 -57.02
CA PRO A 725 21.65 16.90 -57.50
C PRO A 725 20.72 16.84 -56.29
N VAL A 726 19.53 17.39 -56.43
CA VAL A 726 18.50 17.22 -55.39
C VAL A 726 17.71 15.95 -55.77
N LEU A 727 17.51 15.04 -54.82
CA LEU A 727 16.84 13.80 -55.14
C LEU A 727 15.38 14.07 -55.55
N PRO A 728 14.80 13.23 -56.44
CA PRO A 728 13.39 13.45 -56.87
C PRO A 728 12.44 13.51 -55.62
N ALA A 729 12.72 12.68 -54.58
CA ALA A 729 11.84 12.63 -53.39
C ALA A 729 12.25 13.68 -52.30
N GLY A 730 13.26 14.52 -52.59
CA GLY A 730 13.83 15.44 -51.64
C GLY A 730 13.42 16.85 -52.02
N GLY A 731 14.17 17.81 -51.49
CA GLY A 731 13.89 19.23 -51.75
C GLY A 731 12.96 20.00 -50.85
N GLY A 732 12.51 19.42 -49.74
CA GLY A 732 11.60 20.18 -48.82
C GLY A 732 11.91 19.67 -47.43
N SER A 733 10.95 19.65 -46.53
CA SER A 733 11.26 19.23 -45.15
C SER A 733 10.38 18.05 -44.93
N GLY A 734 10.99 16.88 -44.68
CA GLY A 734 10.22 15.58 -44.57
C GLY A 734 9.85 15.10 -45.98
N GLY A 735 10.58 15.63 -46.95
CA GLY A 735 10.45 15.16 -48.38
C GLY A 735 9.96 16.31 -49.31
N ASN A 736 9.99 16.08 -50.63
CA ASN A 736 9.62 17.07 -51.63
C ASN A 736 8.27 17.67 -51.26
N PRO A 737 8.17 19.01 -51.31
CA PRO A 737 6.90 19.60 -50.79
C PRO A 737 5.66 19.14 -51.57
N ARG A 738 5.80 18.66 -52.79
CA ARG A 738 4.61 18.18 -53.51
C ARG A 738 3.96 16.98 -52.80
N LEU A 739 4.73 16.24 -51.98
CA LEU A 739 4.15 15.15 -51.22
C LEU A 739 3.04 15.58 -50.27
N TYR A 740 3.04 16.85 -49.89
CA TYR A 740 2.10 17.37 -48.86
C TYR A 740 0.98 18.15 -49.46
N ASP A 741 0.89 18.21 -50.79
CA ASP A 741 -0.29 18.81 -51.43
C ASP A 741 -1.52 17.99 -51.03
N GLU A 742 -2.60 18.68 -50.70
CA GLU A 742 -3.85 18.01 -50.35
C GLU A 742 -4.67 17.69 -51.58
N LEU A 743 -4.95 16.40 -51.85
CA LEU A 743 -5.61 16.03 -53.09
C LEU A 743 -7.08 15.68 -52.92
N ILE A 744 -7.48 15.26 -51.69
CA ILE A 744 -8.83 14.78 -51.52
C ILE A 744 -9.35 15.24 -50.17
N ARG A 745 -10.57 15.77 -50.08
CA ARG A 745 -11.12 16.14 -48.77
C ARG A 745 -12.14 15.06 -48.45
N VAL A 746 -12.15 14.57 -47.21
CA VAL A 746 -13.08 13.50 -46.85
C VAL A 746 -13.94 14.02 -45.66
N SER A 747 -15.25 13.77 -45.61
CA SER A 747 -16.03 14.22 -44.49
C SER A 747 -17.02 13.14 -44.07
N VAL A 748 -17.42 13.14 -42.80
CA VAL A 748 -18.36 12.11 -42.35
C VAL A 748 -19.01 12.70 -41.09
N THR A 749 -20.29 12.36 -40.83
CA THR A 749 -20.97 12.87 -39.62
C THR A 749 -20.79 11.84 -38.49
N VAL A 750 -20.47 12.33 -37.30
CA VAL A 750 -20.27 11.39 -36.17
C VAL A 750 -21.25 11.94 -35.13
N LYS A 751 -22.07 11.05 -34.58
CA LYS A 751 -23.11 11.40 -33.67
C LYS A 751 -22.94 10.59 -32.34
N ASN A 752 -23.16 11.23 -31.20
CA ASN A 752 -23.21 10.41 -29.93
C ASN A 752 -24.65 10.00 -29.78
N THR A 753 -24.89 8.71 -29.88
CA THR A 753 -26.23 8.17 -29.89
C THR A 753 -26.60 7.65 -28.50
N GLY A 754 -25.77 7.95 -27.47
CA GLY A 754 -26.00 7.31 -26.15
C GLY A 754 -26.38 8.36 -25.14
N ARG A 755 -26.24 8.08 -23.85
CA ARG A 755 -26.79 8.94 -22.79
C ARG A 755 -25.79 9.80 -22.02
N VAL A 756 -24.51 9.68 -22.32
CA VAL A 756 -23.46 10.34 -21.53
C VAL A 756 -22.50 11.02 -22.53
N ALA A 757 -21.98 12.21 -22.20
CA ALA A 757 -20.93 12.86 -22.99
C ALA A 757 -19.72 11.93 -23.11
N GLY A 758 -19.03 12.00 -24.24
CA GLY A 758 -17.80 11.23 -24.43
C GLY A 758 -17.04 11.62 -25.70
N ASP A 759 -15.89 10.98 -25.91
CA ASP A 759 -15.00 11.25 -27.04
C ASP A 759 -15.12 10.08 -27.99
N ALA A 760 -15.37 10.42 -29.25
CA ALA A 760 -15.31 9.45 -30.37
C ALA A 760 -13.87 9.61 -30.99
N VAL A 761 -13.34 8.53 -31.56
CA VAL A 761 -12.04 8.57 -32.30
C VAL A 761 -12.36 8.02 -33.70
N PRO A 762 -12.85 8.92 -34.56
CA PRO A 762 -13.07 8.47 -35.95
C PRO A 762 -11.75 8.07 -36.56
N GLN A 763 -11.72 6.99 -37.37
CA GLN A 763 -10.47 6.55 -37.98
C GLN A 763 -10.74 6.41 -39.48
N LEU A 764 -9.81 6.91 -40.27
CA LEU A 764 -9.89 6.90 -41.79
C LEU A 764 -8.75 6.04 -42.22
N TYR A 765 -9.07 4.92 -42.84
CA TYR A 765 -8.11 4.01 -43.50
C TYR A 765 -8.21 4.12 -45.04
N VAL A 766 -7.11 3.85 -45.71
CA VAL A 766 -7.21 3.73 -47.18
C VAL A 766 -6.87 2.34 -47.59
N SER A 767 -7.26 1.94 -48.81
CA SER A 767 -6.72 0.69 -49.37
C SER A 767 -6.03 1.22 -50.63
N LEU A 768 -4.74 1.08 -50.70
CA LEU A 768 -3.98 1.59 -51.84
C LEU A 768 -4.04 0.71 -53.12
N GLY A 769 -4.45 -0.54 -52.96
CA GLY A 769 -4.65 -1.48 -54.08
C GLY A 769 -3.33 -2.12 -54.44
N GLY A 770 -3.41 -3.21 -55.20
CA GLY A 770 -2.17 -3.86 -55.62
C GLY A 770 -2.01 -5.18 -54.93
N PRO A 771 -1.38 -6.17 -55.61
CA PRO A 771 -1.20 -7.49 -55.01
C PRO A 771 -0.38 -7.50 -53.68
N ASN A 772 0.63 -6.66 -53.49
CA ASN A 772 1.31 -6.86 -52.20
C ASN A 772 1.10 -5.70 -51.15
N GLU A 773 -0.05 -5.00 -51.22
CA GLU A 773 -0.40 -3.86 -50.27
C GLU A 773 -1.31 -4.35 -49.19
N PRO A 774 -1.16 -3.81 -47.96
CA PRO A 774 -2.10 -4.18 -46.88
C PRO A 774 -3.54 -3.89 -47.31
N LYS A 775 -4.48 -4.69 -46.85
CA LYS A 775 -5.89 -4.45 -47.14
C LYS A 775 -6.34 -3.03 -46.72
N VAL A 776 -6.00 -2.60 -45.48
CA VAL A 776 -6.25 -1.22 -45.09
C VAL A 776 -5.02 -0.68 -44.39
N VAL A 777 -4.84 0.65 -44.46
CA VAL A 777 -3.79 1.34 -43.71
C VAL A 777 -4.35 2.62 -43.15
N LEU A 778 -4.07 2.85 -41.87
CA LEU A 778 -4.54 4.07 -41.20
C LEU A 778 -3.95 5.30 -41.91
N ARG A 779 -4.77 6.33 -42.14
CA ARG A 779 -4.22 7.62 -42.56
C ARG A 779 -4.59 8.83 -41.73
N LYS A 780 -5.86 8.92 -41.27
CA LYS A 780 -6.24 10.11 -40.52
C LYS A 780 -7.04 9.67 -39.30
N PHE A 781 -7.06 10.54 -38.31
CA PHE A 781 -7.87 10.25 -37.10
C PHE A 781 -8.03 11.59 -36.33
N ASP A 782 -9.00 11.67 -35.40
CA ASP A 782 -9.01 12.79 -34.50
C ASP A 782 -9.82 12.35 -33.28
N ARG A 783 -9.87 13.16 -32.24
CA ARG A 783 -10.64 12.71 -31.07
C ARG A 783 -11.60 13.82 -30.78
N LEU A 784 -12.90 13.54 -30.76
CA LEU A 784 -13.91 14.60 -30.83
C LEU A 784 -14.84 14.42 -29.63
N THR A 785 -14.98 15.47 -28.83
CA THR A 785 -15.89 15.42 -27.66
C THR A 785 -17.33 15.73 -28.05
N LEU A 786 -18.28 14.85 -27.71
CA LEU A 786 -19.66 15.06 -28.11
C LEU A 786 -20.61 14.83 -26.88
N LYS A 787 -21.61 15.72 -26.74
CA LYS A 787 -22.67 15.55 -25.70
C LYS A 787 -23.66 14.59 -26.23
N PRO A 788 -24.52 13.98 -25.37
CA PRO A 788 -25.53 13.01 -25.78
C PRO A 788 -26.35 13.67 -26.90
N SER A 789 -26.61 12.92 -27.95
CA SER A 789 -27.27 13.44 -29.18
C SER A 789 -26.52 14.40 -30.08
N GLU A 790 -25.36 14.90 -29.66
CA GLU A 790 -24.71 15.91 -30.46
C GLU A 790 -24.08 15.25 -31.71
N GLU A 791 -24.04 16.02 -32.80
CA GLU A 791 -23.43 15.59 -34.09
C GLU A 791 -22.36 16.58 -34.49
N THR A 792 -21.40 16.11 -35.27
CA THR A 792 -20.44 17.04 -35.78
C THR A 792 -19.94 16.47 -37.10
N VAL A 793 -19.45 17.31 -38.01
CA VAL A 793 -18.92 16.77 -39.28
C VAL A 793 -17.40 16.79 -39.13
N TRP A 794 -16.78 15.61 -39.24
CA TRP A 794 -15.35 15.44 -39.17
C TRP A 794 -14.82 15.57 -40.60
N THR A 795 -13.95 16.58 -40.83
CA THR A 795 -13.40 16.75 -42.17
C THR A 795 -11.92 16.61 -42.15
N THR A 796 -11.33 15.82 -43.02
CA THR A 796 -9.83 15.71 -43.02
C THR A 796 -9.41 15.70 -44.50
N THR A 797 -8.12 15.65 -44.78
CA THR A 797 -7.68 15.63 -46.19
C THR A 797 -6.61 14.56 -46.35
N LEU A 798 -6.55 13.97 -47.54
CA LEU A 798 -5.49 13.05 -47.93
C LEU A 798 -4.48 13.77 -48.81
N THR A 799 -3.20 13.58 -48.48
CA THR A 799 -2.18 14.24 -49.25
C THR A 799 -1.68 13.32 -50.35
N ARG A 800 -0.80 13.85 -51.22
CA ARG A 800 -0.22 13.00 -52.24
C ARG A 800 0.56 11.85 -51.56
N ARG A 801 1.34 12.16 -50.53
CA ARG A 801 2.06 11.09 -49.81
C ARG A 801 1.08 10.01 -49.30
N ASP A 802 -0.06 10.45 -48.76
CA ASP A 802 -1.06 9.50 -48.15
C ASP A 802 -1.53 8.46 -49.12
N LEU A 803 -1.51 8.82 -50.42
CA LEU A 803 -2.02 7.92 -51.46
C LEU A 803 -0.92 7.20 -52.27
N SER A 804 0.34 7.41 -51.91
CA SER A 804 1.45 6.91 -52.71
C SER A 804 2.06 5.64 -52.14
N ASN A 805 2.85 5.00 -52.96
CA ASN A 805 3.72 3.91 -52.53
C ASN A 805 5.11 4.27 -52.95
N TRP A 806 6.08 3.70 -52.26
CA TRP A 806 7.48 3.96 -52.58
C TRP A 806 7.90 3.05 -53.78
N ASP A 807 8.35 3.69 -54.84
CA ASP A 807 8.75 2.98 -56.10
C ASP A 807 10.30 2.97 -56.06
N VAL A 808 10.90 1.81 -55.88
CA VAL A 808 12.35 1.74 -55.74
C VAL A 808 13.08 2.08 -57.08
N ALA A 809 12.45 1.70 -58.19
CA ALA A 809 12.97 2.11 -59.55
C ALA A 809 13.03 3.64 -59.77
N ALA A 810 11.97 4.35 -59.43
CA ALA A 810 11.91 5.81 -59.55
C ALA A 810 12.65 6.51 -58.44
N GLN A 811 12.88 5.85 -57.27
CA GLN A 811 13.28 6.55 -56.03
C GLN A 811 12.39 7.71 -55.73
N ASP A 812 11.07 7.43 -55.68
CA ASP A 812 10.17 8.47 -55.41
C ASP A 812 8.86 7.84 -55.03
N TRP A 813 8.00 8.63 -54.39
CA TRP A 813 6.67 8.20 -54.06
C TRP A 813 5.81 8.36 -55.33
N VAL A 814 4.93 7.38 -55.61
CA VAL A 814 4.14 7.33 -56.82
C VAL A 814 2.74 6.92 -56.41
N ILE A 815 1.71 7.53 -57.02
CA ILE A 815 0.33 7.09 -56.79
C ILE A 815 0.12 6.02 -57.82
N THR A 816 0.03 4.78 -57.40
CA THR A 816 -0.01 3.70 -58.40
C THR A 816 -1.36 3.68 -59.12
N SER A 817 -1.45 2.95 -60.25
CA SER A 817 -2.68 2.94 -61.01
C SER A 817 -3.79 1.98 -60.47
N TYR A 818 -3.50 1.13 -59.46
CA TYR A 818 -4.59 0.40 -58.80
C TYR A 818 -5.64 1.35 -58.20
N PRO A 819 -6.92 1.01 -58.30
CA PRO A 819 -8.02 1.78 -57.74
C PRO A 819 -7.89 1.81 -56.19
N LYS A 820 -8.14 3.00 -55.65
CA LYS A 820 -7.97 3.21 -54.19
C LYS A 820 -9.35 3.38 -53.54
N LYS A 821 -9.45 3.09 -52.23
CA LYS A 821 -10.76 3.22 -51.53
C LYS A 821 -10.45 3.85 -50.19
N VAL A 822 -11.42 4.60 -49.69
CA VAL A 822 -11.40 5.16 -48.28
C VAL A 822 -12.40 4.38 -47.42
N HIS A 823 -12.09 4.22 -46.10
CA HIS A 823 -12.96 3.43 -45.20
C HIS A 823 -12.96 4.24 -43.89
N VAL A 824 -14.12 4.48 -43.29
CA VAL A 824 -14.11 5.29 -42.08
C VAL A 824 -14.88 4.54 -41.03
N GLY A 825 -14.49 4.61 -39.75
CA GLY A 825 -15.27 3.88 -38.78
C GLY A 825 -14.56 3.94 -37.44
N SER A 826 -14.83 2.99 -36.58
CA SER A 826 -14.39 3.15 -35.21
C SER A 826 -13.19 2.25 -34.90
N SER A 827 -12.80 1.34 -35.82
CA SER A 827 -11.55 0.54 -35.56
C SER A 827 -11.01 0.02 -36.91
N SER A 828 -9.88 -0.68 -36.93
CA SER A 828 -9.33 -1.24 -38.22
C SER A 828 -10.26 -2.34 -38.71
N ARG A 829 -11.17 -2.84 -37.87
CA ARG A 829 -12.09 -3.95 -38.30
C ARG A 829 -13.57 -3.55 -38.28
N GLN A 830 -13.87 -2.34 -37.82
CA GLN A 830 -15.29 -1.82 -37.75
C GLN A 830 -15.36 -0.59 -38.62
N LEU A 831 -15.58 -0.78 -39.92
CA LEU A 831 -15.49 0.30 -40.86
C LEU A 831 -16.79 0.26 -41.67
N PRO A 832 -17.88 0.87 -41.18
CA PRO A 832 -19.19 0.71 -41.90
C PRO A 832 -19.24 1.55 -43.18
N LEU A 833 -18.35 2.53 -43.36
CA LEU A 833 -18.46 3.53 -44.52
C LEU A 833 -17.27 3.31 -45.45
N HIS A 834 -17.52 3.20 -46.76
CA HIS A 834 -16.48 2.98 -47.72
C HIS A 834 -16.87 3.87 -48.91
N ALA A 835 -15.87 4.31 -49.63
CA ALA A 835 -16.10 5.07 -50.87
C ALA A 835 -14.91 4.82 -51.78
N ALA A 836 -15.20 4.59 -53.05
CA ALA A 836 -14.13 4.59 -54.08
C ALA A 836 -13.53 5.99 -54.22
N LEU A 837 -12.21 6.08 -54.45
CA LEU A 837 -11.57 7.37 -54.67
C LEU A 837 -11.36 7.59 -56.19
N PRO A 838 -11.54 8.81 -56.69
CA PRO A 838 -11.32 9.05 -58.13
C PRO A 838 -9.83 9.16 -58.35
N LYS A 839 -9.42 8.96 -59.61
CA LYS A 839 -8.00 9.05 -59.98
C LYS A 839 -7.47 10.43 -59.72
N VAL A 840 -6.34 10.52 -59.04
CA VAL A 840 -5.70 11.79 -58.71
C VAL A 840 -4.22 11.43 -58.91
N GLN A 841 -3.33 12.39 -59.15
CA GLN A 841 -1.89 12.06 -59.31
C GLN A 841 -0.94 12.95 -58.50
N LEU B 3 1.80 -28.05 47.82
CA LEU B 3 1.19 -27.19 46.72
C LEU B 3 0.13 -26.23 47.29
N ALA B 4 0.01 -25.07 46.67
CA ALA B 4 -1.04 -24.11 47.01
C ALA B 4 -2.41 -24.75 47.06
N PHE B 5 -3.27 -24.31 47.99
CA PHE B 5 -4.58 -24.96 48.22
C PHE B 5 -5.63 -23.85 48.18
N SER B 6 -6.82 -24.19 47.68
CA SER B 6 -7.91 -23.22 47.54
C SER B 6 -9.02 -23.62 48.52
N PRO B 7 -9.20 -22.84 49.57
CA PRO B 7 -10.14 -23.34 50.58
C PRO B 7 -11.58 -23.20 50.16
N PRO B 8 -12.50 -24.02 50.76
CA PRO B 8 -13.89 -24.00 50.27
C PRO B 8 -14.65 -22.79 50.76
N PHE B 9 -15.60 -22.28 49.97
CA PHE B 9 -16.59 -21.33 50.50
C PHE B 9 -17.96 -21.66 49.95
N TYR B 10 -18.88 -22.08 50.85
CA TYR B 10 -20.19 -22.58 50.43
C TYR B 10 -21.16 -22.15 51.50
N PRO B 11 -22.46 -21.97 51.16
CA PRO B 11 -23.10 -22.26 49.85
C PRO B 11 -22.84 -21.14 48.82
N SER B 12 -23.18 -21.44 47.56
CA SER B 12 -23.12 -20.42 46.51
C SER B 12 -24.18 -19.37 46.77
N PRO B 13 -23.76 -18.10 46.99
CA PRO B 13 -24.82 -17.18 47.35
C PRO B 13 -25.91 -16.99 46.29
N TRP B 14 -27.15 -16.78 46.73
CA TRP B 14 -28.22 -16.56 45.75
C TRP B 14 -28.43 -15.04 45.56
N ALA B 15 -28.95 -14.67 44.38
CA ALA B 15 -29.28 -13.31 44.09
C ALA B 15 -30.34 -12.77 45.05
N ASN B 16 -30.34 -11.46 45.25
CA ASN B 16 -31.36 -10.89 46.12
C ASN B 16 -31.89 -9.54 45.67
N GLY B 17 -31.77 -9.17 44.39
CA GLY B 17 -32.37 -7.88 43.93
C GLY B 17 -31.54 -6.69 44.46
N GLN B 18 -30.28 -6.91 44.86
CA GLN B 18 -29.42 -5.79 45.42
C GLN B 18 -29.50 -4.45 44.61
N GLY B 19 -29.57 -3.27 45.25
CA GLY B 19 -29.33 -1.96 44.55
C GLY B 19 -30.08 -1.79 43.20
N GLU B 20 -29.31 -1.59 42.15
CA GLU B 20 -29.91 -1.24 40.87
C GLU B 20 -30.45 -2.55 40.15
N TRP B 21 -30.32 -3.70 40.81
CA TRP B 21 -30.86 -4.94 40.26
C TRP B 21 -32.32 -5.26 40.68
N ALA B 22 -32.90 -4.45 41.55
CA ALA B 22 -34.27 -4.81 42.13
C ALA B 22 -35.31 -5.09 41.07
N GLU B 23 -35.49 -4.17 40.12
CA GLU B 23 -36.51 -4.40 39.09
C GLU B 23 -36.18 -5.66 38.22
N ALA B 24 -34.93 -5.79 37.73
CA ALA B 24 -34.56 -6.89 36.83
C ALA B 24 -34.73 -8.21 37.58
N TYR B 25 -34.39 -8.20 38.89
CA TYR B 25 -34.48 -9.45 39.66
C TYR B 25 -36.00 -9.77 39.82
N GLN B 26 -36.82 -8.76 40.16
CA GLN B 26 -38.27 -9.15 40.25
C GLN B 26 -38.83 -9.75 38.94
N ARG B 27 -38.53 -9.14 37.78
CA ARG B 27 -38.96 -9.68 36.49
C ARG B 27 -38.37 -11.11 36.22
N ALA B 28 -37.12 -11.31 36.56
CA ALA B 28 -36.49 -12.62 36.35
C ALA B 28 -37.21 -13.70 37.24
N VAL B 29 -37.41 -13.39 38.52
CA VAL B 29 -38.14 -14.37 39.40
C VAL B 29 -39.54 -14.63 38.87
N ALA B 30 -40.22 -13.60 38.30
CA ALA B 30 -41.60 -13.80 37.78
C ALA B 30 -41.56 -14.77 36.58
N ILE B 31 -40.54 -14.67 35.73
CA ILE B 31 -40.56 -15.55 34.58
C ILE B 31 -39.96 -16.94 34.90
N VAL B 32 -38.94 -16.96 35.75
CA VAL B 32 -38.28 -18.25 36.09
C VAL B 32 -39.34 -19.11 36.82
N SER B 33 -40.19 -18.46 37.62
CA SER B 33 -41.30 -19.15 38.35
C SER B 33 -42.24 -19.91 37.45
N GLN B 34 -42.36 -19.49 36.19
CA GLN B 34 -43.17 -20.18 35.22
C GLN B 34 -42.45 -21.35 34.52
N MET B 35 -41.16 -21.51 34.72
CA MET B 35 -40.36 -22.46 33.92
C MET B 35 -40.33 -23.86 34.49
N THR B 36 -40.35 -24.84 33.61
CA THR B 36 -39.99 -26.21 33.97
C THR B 36 -38.48 -26.43 34.20
N LEU B 37 -38.10 -27.58 34.82
CA LEU B 37 -36.69 -27.78 35.08
C LEU B 37 -35.87 -27.80 33.75
N ASP B 38 -36.36 -28.49 32.75
CA ASP B 38 -35.60 -28.57 31.46
C ASP B 38 -35.43 -27.17 30.82
N GLU B 39 -36.39 -26.26 31.04
CA GLU B 39 -36.32 -24.89 30.51
C GLU B 39 -35.24 -24.09 31.25
N LYS B 40 -35.21 -24.17 32.56
CA LYS B 40 -34.14 -23.55 33.36
C LYS B 40 -32.80 -24.04 32.86
N VAL B 41 -32.66 -25.36 32.76
CA VAL B 41 -31.38 -25.93 32.34
C VAL B 41 -31.00 -25.43 30.93
N ASN B 42 -31.97 -25.32 30.02
CA ASN B 42 -31.67 -24.69 28.68
C ASN B 42 -31.00 -23.31 28.83
N LEU B 43 -31.40 -22.50 29.82
CA LEU B 43 -30.75 -21.16 29.94
C LEU B 43 -29.27 -21.26 30.34
N THR B 44 -28.91 -22.34 31.06
CA THR B 44 -27.60 -22.46 31.68
C THR B 44 -26.60 -23.12 30.76
N THR B 45 -27.04 -23.75 29.65
CA THR B 45 -26.03 -24.55 28.91
C THR B 45 -26.02 -24.22 27.39
N GLY B 46 -24.84 -23.97 26.87
CA GLY B 46 -24.74 -23.74 25.39
C GLY B 46 -25.18 -24.96 24.61
N THR B 47 -25.41 -24.81 23.29
CA THR B 47 -25.97 -25.91 22.54
C THR B 47 -24.90 -26.65 21.80
N GLY B 48 -23.60 -26.29 21.99
CA GLY B 48 -22.53 -27.13 21.38
C GLY B 48 -21.74 -26.29 20.40
N TRP B 49 -20.45 -26.58 20.31
CA TRP B 49 -19.56 -25.75 19.47
C TRP B 49 -19.97 -25.68 17.99
N GLU B 50 -20.30 -24.46 17.54
CA GLU B 50 -20.64 -24.15 16.12
C GLU B 50 -21.96 -24.86 15.74
N LEU B 51 -22.84 -25.10 16.71
CA LEU B 51 -24.12 -25.74 16.37
C LEU B 51 -25.15 -24.69 15.89
N GLU B 52 -24.99 -23.42 16.35
CA GLU B 52 -25.94 -22.38 15.90
C GLU B 52 -25.16 -21.25 15.25
N LYS B 53 -25.48 -19.98 15.55
CA LYS B 53 -24.80 -18.80 14.87
C LYS B 53 -23.65 -18.21 15.63
N CYS B 54 -23.78 -18.12 16.97
CA CYS B 54 -22.82 -17.26 17.77
C CYS B 54 -21.73 -18.08 18.42
N VAL B 55 -20.61 -17.42 18.77
CA VAL B 55 -19.50 -18.12 19.35
C VAL B 55 -19.98 -18.92 20.56
N GLY B 56 -20.93 -18.39 21.31
CA GLY B 56 -21.60 -19.18 22.33
C GLY B 56 -23.10 -18.96 22.13
N GLN B 57 -23.93 -20.01 22.31
CA GLN B 57 -25.41 -19.74 22.15
C GLN B 57 -26.17 -20.81 23.00
N THR B 58 -27.13 -20.36 23.77
CA THR B 58 -27.99 -21.25 24.52
C THR B 58 -29.31 -21.41 23.69
N GLY B 59 -30.08 -22.40 24.12
CA GLY B 59 -31.32 -22.76 23.37
C GLY B 59 -32.49 -21.90 23.70
N GLY B 60 -32.42 -21.19 24.82
CA GLY B 60 -33.52 -20.31 25.22
C GLY B 60 -34.72 -21.11 25.74
N VAL B 61 -35.87 -20.42 25.82
CA VAL B 61 -37.08 -21.08 26.41
C VAL B 61 -38.21 -20.73 25.46
N PRO B 62 -38.38 -21.52 24.41
CA PRO B 62 -39.31 -21.01 23.35
C PRO B 62 -40.79 -20.92 23.83
N ARG B 63 -41.18 -21.72 24.81
CA ARG B 63 -42.61 -21.77 25.24
C ARG B 63 -42.88 -20.46 25.90
N LEU B 64 -41.84 -19.80 26.45
CA LEU B 64 -42.07 -18.53 27.10
C LEU B 64 -41.57 -17.33 26.25
N ASN B 65 -41.39 -17.56 24.95
CA ASN B 65 -40.92 -16.54 24.01
C ASN B 65 -39.53 -15.93 24.42
N ILE B 66 -38.62 -16.72 24.97
CA ILE B 66 -37.23 -16.20 25.29
C ILE B 66 -36.35 -16.85 24.23
N GLY B 67 -35.85 -16.10 23.27
CA GLY B 67 -34.92 -16.64 22.30
C GLY B 67 -33.59 -17.08 22.93
N GLY B 68 -32.93 -17.99 22.24
CA GLY B 68 -31.61 -18.48 22.73
C GLY B 68 -30.69 -17.25 22.85
N MET B 69 -29.81 -17.29 23.84
CA MET B 69 -28.89 -16.15 24.07
C MET B 69 -27.65 -16.32 23.20
N CYS B 70 -27.40 -15.28 22.38
CA CYS B 70 -26.29 -15.25 21.42
C CYS B 70 -25.12 -14.46 22.13
N LEU B 71 -24.00 -15.12 22.40
CA LEU B 71 -22.83 -14.52 23.02
C LEU B 71 -21.69 -14.44 21.95
N GLN B 72 -21.07 -13.27 21.76
CA GLN B 72 -20.12 -13.16 20.66
C GLN B 72 -18.94 -12.33 21.18
N ASP B 73 -17.74 -12.76 20.79
CA ASP B 73 -16.57 -11.90 20.91
C ASP B 73 -16.75 -10.67 20.03
N SER B 74 -15.96 -9.58 20.17
CA SER B 74 -14.80 -9.48 21.06
C SER B 74 -14.87 -8.23 21.87
N PRO B 75 -13.86 -8.02 22.75
CA PRO B 75 -13.84 -6.72 23.47
C PRO B 75 -13.64 -5.48 22.63
N LEU B 76 -13.30 -5.63 21.33
CA LEU B 76 -13.00 -4.46 20.47
C LEU B 76 -13.83 -4.42 19.17
N GLY B 77 -14.88 -5.30 19.08
CA GLY B 77 -15.80 -5.21 17.97
C GLY B 77 -16.28 -6.64 17.70
N ILE B 78 -17.31 -6.73 16.87
CA ILE B 78 -17.94 -8.07 16.67
C ILE B 78 -16.96 -8.98 15.94
N ARG B 79 -16.75 -10.20 16.45
CA ARG B 79 -15.90 -11.16 15.77
C ARG B 79 -16.65 -12.01 14.77
N ASP B 80 -15.95 -12.51 13.71
CA ASP B 80 -16.55 -13.57 12.86
C ASP B 80 -17.84 -13.14 12.18
N SER B 81 -17.89 -11.86 11.79
CA SER B 81 -19.11 -11.34 11.20
C SER B 81 -18.81 -10.51 9.97
N ASP B 82 -19.76 -9.65 9.54
CA ASP B 82 -19.47 -8.79 8.41
C ASP B 82 -20.09 -7.45 8.56
N TYR B 83 -19.55 -6.46 7.82
CA TYR B 83 -20.06 -5.08 7.85
C TYR B 83 -20.17 -4.52 9.29
N ASN B 84 -19.13 -4.84 10.09
CA ASN B 84 -19.01 -4.30 11.43
C ASN B 84 -17.74 -3.44 11.48
N SER B 85 -17.56 -2.69 12.57
CA SER B 85 -16.35 -1.88 12.73
C SER B 85 -15.28 -2.66 13.54
N ALA B 86 -14.01 -2.22 13.46
CA ALA B 86 -12.93 -2.75 14.26
C ALA B 86 -12.40 -1.57 15.06
N PHE B 87 -12.73 -1.51 16.36
CA PHE B 87 -12.29 -0.48 17.28
C PHE B 87 -10.80 -0.67 17.77
N PRO B 88 -10.19 0.42 18.28
CA PRO B 88 -8.87 0.24 18.86
C PRO B 88 -8.97 -0.67 20.11
N ALA B 89 -7.85 -1.33 20.41
CA ALA B 89 -7.85 -2.29 21.51
C ALA B 89 -8.06 -1.62 22.88
N GLY B 90 -8.30 -2.48 23.86
CA GLY B 90 -8.52 -1.91 25.21
C GLY B 90 -7.29 -1.14 25.72
N VAL B 91 -6.09 -1.56 25.34
CA VAL B 91 -4.89 -0.88 25.89
C VAL B 91 -4.90 0.58 25.35
N ASN B 92 -5.38 0.75 24.09
CA ASN B 92 -5.55 2.17 23.59
C ASN B 92 -6.52 2.96 24.43
N VAL B 93 -7.66 2.36 24.82
CA VAL B 93 -8.57 3.10 25.68
C VAL B 93 -7.80 3.45 26.96
N ALA B 94 -6.99 2.51 27.51
CA ALA B 94 -6.22 2.86 28.72
C ALA B 94 -5.28 4.12 28.49
N ALA B 95 -4.67 4.16 27.32
CA ALA B 95 -3.71 5.28 26.90
C ALA B 95 -4.49 6.60 26.79
N THR B 96 -5.82 6.57 26.55
CA THR B 96 -6.56 7.89 26.48
C THR B 96 -6.69 8.50 27.86
N TRP B 97 -6.63 7.69 28.92
CA TRP B 97 -7.03 8.12 30.28
C TRP B 97 -8.37 8.93 30.29
N ASP B 98 -9.35 8.47 29.46
CA ASP B 98 -10.51 9.34 29.14
C ASP B 98 -11.72 8.51 29.38
N LYS B 99 -12.36 8.72 30.56
CA LYS B 99 -13.61 8.06 30.94
C LYS B 99 -14.72 8.19 29.84
N ASN B 100 -14.83 9.37 29.24
CA ASN B 100 -15.89 9.60 28.29
C ASN B 100 -15.67 8.78 26.97
N LEU B 101 -14.44 8.76 26.48
CA LEU B 101 -14.15 7.95 25.32
C LEU B 101 -14.34 6.48 25.57
N ALA B 102 -13.98 6.00 26.79
CA ALA B 102 -14.16 4.58 27.13
C ALA B 102 -15.69 4.31 27.01
N TYR B 103 -16.49 5.25 27.54
CA TYR B 103 -17.96 5.06 27.56
C TYR B 103 -18.44 5.03 26.08
N LEU B 104 -17.98 6.03 25.31
CA LEU B 104 -18.53 6.21 23.94
C LEU B 104 -18.12 5.04 23.05
N ARG B 105 -16.91 4.54 23.27
CA ARG B 105 -16.50 3.30 22.59
C ARG B 105 -17.39 2.10 22.98
N GLY B 106 -17.68 1.90 24.31
CA GLY B 106 -18.71 0.92 24.80
C GLY B 106 -20.05 1.03 24.07
N GLN B 107 -20.54 2.27 23.97
CA GLN B 107 -21.86 2.55 23.34
C GLN B 107 -21.83 2.15 21.89
N ALA B 108 -20.78 2.60 21.21
CA ALA B 108 -20.77 2.30 19.75
C ALA B 108 -20.65 0.80 19.52
N MET B 109 -19.85 0.07 20.34
CA MET B 109 -19.84 -1.37 20.16
C MET B 109 -21.19 -2.02 20.51
N GLY B 110 -21.78 -1.65 21.65
CA GLY B 110 -23.11 -2.18 22.04
C GLY B 110 -24.12 -2.05 20.88
N GLN B 111 -24.18 -0.87 20.29
CA GLN B 111 -25.07 -0.67 19.17
C GLN B 111 -24.83 -1.65 18.05
N GLU B 112 -23.56 -1.85 17.65
CA GLU B 112 -23.32 -2.83 16.55
C GLU B 112 -23.68 -4.24 16.93
N PHE B 113 -23.26 -4.70 18.13
CA PHE B 113 -23.62 -6.07 18.54
C PHE B 113 -25.14 -6.20 18.57
N SER B 114 -25.82 -5.17 19.08
CA SER B 114 -27.28 -5.29 19.30
C SER B 114 -27.95 -5.49 17.93
N ASP B 115 -27.44 -4.74 16.91
CA ASP B 115 -28.00 -4.80 15.54
C ASP B 115 -27.69 -6.06 14.73
N LYS B 116 -26.76 -6.86 15.23
CA LYS B 116 -26.56 -8.21 14.66
C LYS B 116 -27.45 -9.29 15.37
N GLY B 117 -28.26 -8.89 16.33
CA GLY B 117 -29.03 -9.87 17.15
C GLY B 117 -28.15 -10.62 18.15
N ILE B 118 -27.14 -9.92 18.65
CA ILE B 118 -26.24 -10.50 19.71
C ILE B 118 -26.73 -9.95 21.07
N ASP B 119 -26.90 -10.86 22.04
CA ASP B 119 -27.48 -10.52 23.38
C ASP B 119 -26.39 -10.17 24.36
N VAL B 120 -25.23 -10.83 24.14
CA VAL B 120 -24.13 -10.78 25.15
C VAL B 120 -22.78 -10.58 24.42
N GLN B 121 -22.10 -9.49 24.77
CA GLN B 121 -20.76 -9.20 24.23
C GLN B 121 -19.72 -9.87 25.13
N LEU B 122 -18.77 -10.62 24.57
CA LEU B 122 -17.78 -11.22 25.46
C LEU B 122 -16.60 -10.24 25.73
N GLY B 123 -16.86 -9.21 26.54
CA GLY B 123 -15.84 -8.21 26.83
C GLY B 123 -16.65 -7.17 27.63
N PRO B 124 -15.98 -6.17 28.23
CA PRO B 124 -14.54 -5.95 28.05
C PRO B 124 -13.65 -6.84 28.99
N ALA B 125 -12.30 -6.66 28.94
CA ALA B 125 -11.34 -7.45 29.68
C ALA B 125 -10.61 -6.60 30.73
N ALA B 126 -10.39 -7.16 31.93
CA ALA B 126 -9.45 -6.50 32.89
C ALA B 126 -8.68 -7.63 33.55
N GLY B 127 -8.73 -8.83 32.97
CA GLY B 127 -7.90 -9.96 33.47
C GLY B 127 -7.54 -10.67 32.18
N PRO B 128 -6.26 -10.72 31.81
CA PRO B 128 -5.03 -10.30 32.56
C PRO B 128 -5.11 -8.82 32.89
N LEU B 129 -4.75 -8.50 34.12
CA LEU B 129 -4.46 -7.07 34.48
C LEU B 129 -3.16 -6.63 33.81
N GLY B 130 -2.16 -7.52 33.77
CA GLY B 130 -0.84 -7.21 33.13
C GLY B 130 0.37 -7.43 34.08
N ARG B 131 0.33 -8.51 34.85
CA ARG B 131 1.49 -8.92 35.72
C ARG B 131 2.82 -8.87 34.94
N SER B 132 2.83 -9.41 33.70
CA SER B 132 4.09 -9.51 32.96
C SER B 132 3.99 -8.68 31.64
N PRO B 133 5.04 -7.93 31.29
CA PRO B 133 4.93 -7.05 30.09
C PRO B 133 4.83 -7.87 28.82
N ASP B 134 5.25 -9.13 28.89
CA ASP B 134 5.29 -10.03 27.71
C ASP B 134 4.06 -11.00 27.71
N GLY B 135 3.15 -10.80 28.66
CA GLY B 135 1.89 -11.62 28.66
C GLY B 135 1.08 -11.41 27.37
N GLY B 136 0.59 -12.51 26.79
CA GLY B 136 0.08 -12.42 25.38
C GLY B 136 -1.26 -11.67 25.19
N ARG B 137 -1.99 -11.41 26.28
CA ARG B 137 -3.34 -10.87 26.10
C ARG B 137 -3.45 -9.57 26.89
N ASN B 138 -2.37 -8.98 27.43
CA ASN B 138 -2.61 -7.73 28.20
C ASN B 138 -3.30 -6.64 27.39
N TRP B 139 -2.99 -6.54 26.10
CA TRP B 139 -3.52 -5.51 25.22
C TRP B 139 -5.06 -5.56 25.10
N GLU B 140 -5.70 -6.72 25.40
CA GLU B 140 -7.18 -6.75 25.34
C GLU B 140 -7.81 -5.96 26.48
N GLY B 141 -7.10 -5.93 27.61
CA GLY B 141 -7.55 -5.27 28.87
C GLY B 141 -7.16 -3.78 28.80
N PHE B 142 -6.64 -3.25 29.91
CA PHE B 142 -6.40 -1.81 29.97
C PHE B 142 -4.97 -1.57 30.40
N SER B 143 -4.70 -1.68 31.73
CA SER B 143 -3.41 -1.23 32.28
C SER B 143 -3.02 -2.17 33.45
N PRO B 144 -1.72 -2.33 33.74
CA PRO B 144 -1.39 -3.10 34.98
C PRO B 144 -1.74 -2.30 36.26
N ASP B 145 -2.18 -1.04 36.11
CA ASP B 145 -2.65 -0.31 37.29
C ASP B 145 -4.17 -0.61 37.58
N PRO B 146 -4.52 -1.04 38.80
CA PRO B 146 -5.97 -1.39 39.05
C PRO B 146 -6.92 -0.17 39.03
N ALA B 147 -6.49 1.02 39.54
CA ALA B 147 -7.43 2.15 39.57
C ALA B 147 -7.77 2.59 38.14
N LEU B 148 -6.73 2.75 37.32
CA LEU B 148 -6.92 3.21 35.91
C LEU B 148 -7.80 2.15 35.14
N THR B 149 -7.43 0.89 35.32
CA THR B 149 -8.17 -0.20 34.64
C THR B 149 -9.58 -0.26 35.13
N GLY B 150 -9.76 -0.21 36.47
CA GLY B 150 -11.14 -0.42 37.02
C GLY B 150 -12.10 0.65 36.49
N VAL B 151 -11.63 1.93 36.46
CA VAL B 151 -12.53 3.03 36.01
C VAL B 151 -12.87 2.90 34.48
N LEU B 152 -11.89 2.62 33.63
CA LEU B 152 -12.14 2.59 32.18
C LEU B 152 -12.98 1.31 31.79
N PHE B 153 -12.70 0.23 32.51
CA PHE B 153 -13.43 -1.11 32.45
C PHE B 153 -14.91 -0.82 32.75
N ALA B 154 -15.21 -0.11 33.84
CA ALA B 154 -16.55 0.15 34.29
C ALA B 154 -17.22 1.06 33.22
N GLU B 155 -16.48 2.07 32.78
CA GLU B 155 -17.15 3.05 31.78
C GLU B 155 -17.45 2.25 30.50
N THR B 156 -16.53 1.37 30.12
CA THR B 156 -16.78 0.54 28.89
C THR B 156 -18.10 -0.31 29.02
N ILE B 157 -18.20 -0.98 30.17
CA ILE B 157 -19.37 -1.75 30.50
C ILE B 157 -20.61 -0.93 30.41
N LYS B 158 -20.62 0.19 31.11
CA LYS B 158 -21.80 1.03 31.12
C LYS B 158 -22.19 1.46 29.68
N GLY B 159 -21.20 1.78 28.85
CA GLY B 159 -21.55 2.13 27.45
C GLY B 159 -22.23 0.98 26.70
N ILE B 160 -21.66 -0.21 26.84
CA ILE B 160 -22.22 -1.37 26.13
C ILE B 160 -23.63 -1.65 26.64
N GLN B 161 -23.84 -1.68 27.98
CA GLN B 161 -25.12 -2.08 28.55
C GLN B 161 -26.19 -1.00 28.36
N ASP B 162 -25.79 0.26 28.42
CA ASP B 162 -26.74 1.35 28.08
C ASP B 162 -27.25 1.18 26.62
N ALA B 163 -26.46 0.55 25.72
CA ALA B 163 -26.91 0.29 24.37
C ALA B 163 -27.66 -1.02 24.24
N GLY B 164 -27.94 -1.65 25.40
CA GLY B 164 -28.93 -2.76 25.37
C GLY B 164 -28.28 -4.13 25.10
N VAL B 165 -26.98 -4.29 25.40
CA VAL B 165 -26.31 -5.63 25.19
C VAL B 165 -25.72 -5.98 26.59
N VAL B 166 -25.80 -7.23 27.02
CA VAL B 166 -25.15 -7.60 28.30
C VAL B 166 -23.59 -7.57 28.06
N ALA B 167 -22.85 -6.89 28.93
CA ALA B 167 -21.40 -6.98 28.87
C ALA B 167 -20.87 -8.16 29.77
N THR B 168 -19.68 -8.66 29.46
CA THR B 168 -19.11 -9.87 30.17
C THR B 168 -17.74 -9.45 30.63
N ALA B 169 -17.60 -9.15 31.94
CA ALA B 169 -16.30 -8.80 32.44
C ALA B 169 -15.47 -10.11 32.48
N LYS B 170 -14.33 -10.11 31.80
CA LYS B 170 -13.49 -11.32 31.72
C LYS B 170 -12.01 -10.93 31.85
N HIS B 171 -11.08 -11.86 32.10
CA HIS B 171 -11.32 -13.27 32.51
C HIS B 171 -11.10 -13.32 34.02
N TYR B 172 -12.03 -13.95 34.73
CA TYR B 172 -12.05 -13.91 36.24
C TYR B 172 -11.49 -15.32 36.74
N ILE B 173 -10.20 -15.44 37.13
CA ILE B 173 -9.34 -14.27 37.44
C ILE B 173 -7.92 -14.85 37.49
N LEU B 174 -6.89 -13.99 37.42
CA LEU B 174 -5.47 -14.40 37.45
C LEU B 174 -4.96 -15.11 36.21
N ASN B 175 -5.67 -14.99 35.05
CA ASN B 175 -5.17 -15.59 33.81
C ASN B 175 -4.12 -14.67 33.18
N GLU B 176 -2.96 -14.60 33.85
CA GLU B 176 -1.98 -13.54 33.59
C GLU B 176 -0.95 -14.00 32.54
N GLN B 177 -1.08 -15.21 32.01
CA GLN B 177 -0.18 -15.62 30.90
C GLN B 177 -0.86 -16.70 30.08
N GLU B 178 -0.47 -16.80 28.81
CA GLU B 178 -1.06 -17.79 27.88
C GLU B 178 -0.42 -19.16 28.09
N HIS B 179 0.87 -19.16 28.33
CA HIS B 179 1.62 -20.50 28.42
C HIS B 179 0.95 -21.42 29.46
N PHE B 180 0.62 -22.66 29.05
CA PHE B 180 0.08 -23.70 29.97
C PHE B 180 -1.34 -23.33 30.47
N ARG B 181 -2.08 -22.48 29.75
CA ARG B 181 -3.39 -22.11 30.22
C ARG B 181 -4.40 -23.20 29.88
N GLN B 182 -4.11 -24.06 28.88
CA GLN B 182 -4.99 -25.19 28.54
C GLN B 182 -4.15 -26.43 28.27
N VAL B 183 -4.68 -27.58 28.68
CA VAL B 183 -3.85 -28.80 28.64
C VAL B 183 -3.66 -29.19 27.15
N ALA B 184 -4.75 -29.13 26.38
CA ALA B 184 -4.62 -29.49 24.92
C ALA B 184 -3.72 -28.55 24.12
N GLU B 185 -3.73 -27.24 24.42
CA GLU B 185 -2.73 -26.30 23.83
C GLU B 185 -1.31 -26.60 24.18
N ALA B 186 -1.07 -26.80 25.48
CA ALA B 186 0.27 -27.15 25.91
C ALA B 186 0.71 -28.42 25.16
N ALA B 187 -0.15 -29.42 25.04
CA ALA B 187 0.24 -30.68 24.31
C ALA B 187 0.65 -30.33 22.88
N GLY B 188 -0.10 -29.46 22.19
CA GLY B 188 0.19 -29.09 20.80
C GLY B 188 1.54 -28.36 20.74
N TYR B 189 2.00 -27.75 21.84
CA TYR B 189 3.26 -27.05 21.84
C TYR B 189 4.35 -27.92 22.46
N GLY B 190 4.04 -29.19 22.74
CA GLY B 190 5.13 -30.16 23.11
C GLY B 190 5.26 -30.39 24.62
N PHE B 191 4.28 -29.94 25.41
CA PHE B 191 4.36 -30.10 26.86
C PHE B 191 3.25 -30.97 27.35
N ASN B 192 3.61 -31.88 28.27
CA ASN B 192 2.65 -32.80 28.82
C ASN B 192 2.31 -32.35 30.24
N ILE B 193 1.10 -31.82 30.43
CA ILE B 193 0.65 -31.39 31.76
C ILE B 193 -0.74 -31.99 32.03
N SER B 194 -1.04 -32.28 33.31
CA SER B 194 -2.29 -32.97 33.60
C SER B 194 -3.40 -31.98 33.86
N ASP B 195 -3.07 -30.71 34.16
CA ASP B 195 -4.07 -29.73 34.52
C ASP B 195 -3.50 -28.37 34.19
N THR B 196 -4.33 -27.32 34.14
CA THR B 196 -3.73 -26.05 33.64
C THR B 196 -2.92 -25.30 34.73
N ILE B 197 -2.14 -24.32 34.29
CA ILE B 197 -1.29 -23.50 35.15
C ILE B 197 -2.06 -22.95 36.33
N SER B 198 -1.48 -23.01 37.53
CA SER B 198 -2.13 -22.52 38.72
C SER B 198 -1.51 -21.22 39.14
N SER B 199 -2.33 -20.16 39.11
CA SER B 199 -1.85 -18.84 39.62
C SER B 199 -2.02 -18.93 41.16
N ASN B 200 -0.93 -18.72 41.89
CA ASN B 200 -0.96 -18.86 43.34
C ASN B 200 -0.70 -17.53 43.96
N VAL B 201 -1.68 -16.98 44.64
CA VAL B 201 -1.63 -15.49 44.97
C VAL B 201 -2.18 -15.36 46.39
N ASP B 202 -1.55 -14.50 47.16
CA ASP B 202 -2.01 -14.25 48.54
C ASP B 202 -3.24 -13.31 48.57
N ASP B 203 -3.94 -13.32 49.70
CA ASP B 203 -5.28 -12.71 49.79
C ASP B 203 -5.18 -11.19 49.71
N LYS B 204 -4.09 -10.59 50.24
CA LYS B 204 -4.02 -9.12 50.20
C LYS B 204 -3.78 -8.64 48.71
N THR B 205 -2.89 -9.35 48.04
CA THR B 205 -2.55 -9.04 46.63
C THR B 205 -3.78 -9.15 45.76
N ILE B 206 -4.55 -10.24 45.91
CA ILE B 206 -5.68 -10.41 45.01
C ILE B 206 -6.68 -9.25 45.24
N HIS B 207 -6.89 -8.83 46.50
CA HIS B 207 -7.84 -7.78 46.77
C HIS B 207 -7.37 -6.37 46.30
N GLU B 208 -6.07 -6.08 46.49
CA GLU B 208 -5.55 -4.77 46.18
C GLU B 208 -5.25 -4.60 44.68
N MET B 209 -5.07 -5.69 43.98
CA MET B 209 -4.63 -5.56 42.52
C MET B 209 -5.73 -6.26 41.66
N TYR B 210 -5.69 -7.58 41.53
CA TYR B 210 -6.46 -8.24 40.42
C TYR B 210 -7.97 -8.18 40.61
N LEU B 211 -8.41 -8.23 41.87
CA LEU B 211 -9.86 -8.17 42.05
C LEU B 211 -10.46 -6.77 41.91
N TRP B 212 -9.67 -5.74 42.17
CA TRP B 212 -10.21 -4.36 42.30
C TRP B 212 -10.95 -3.91 41.01
N PRO B 213 -10.41 -4.18 39.78
CA PRO B 213 -11.27 -3.78 38.61
C PRO B 213 -12.58 -4.59 38.49
N PHE B 214 -12.60 -5.82 39.02
CA PHE B 214 -13.87 -6.60 39.05
C PHE B 214 -14.87 -6.02 40.06
N ALA B 215 -14.36 -5.46 41.17
CA ALA B 215 -15.25 -4.78 42.12
C ALA B 215 -15.87 -3.54 41.35
N ASP B 216 -15.04 -2.77 40.65
CA ASP B 216 -15.61 -1.66 39.83
C ASP B 216 -16.65 -2.12 38.81
N ALA B 217 -16.40 -3.26 38.15
CA ALA B 217 -17.30 -3.77 37.03
C ALA B 217 -18.66 -4.13 37.70
N VAL B 218 -18.53 -4.86 38.82
CA VAL B 218 -19.70 -5.23 39.61
C VAL B 218 -20.56 -4.02 40.00
N ARG B 219 -19.90 -3.01 40.57
CA ARG B 219 -20.57 -1.81 41.07
C ARG B 219 -21.17 -1.04 39.91
N ALA B 220 -20.52 -1.14 38.76
CA ALA B 220 -21.03 -0.41 37.54
C ALA B 220 -22.23 -1.14 36.92
N GLY B 221 -22.62 -2.33 37.44
CA GLY B 221 -23.75 -3.09 36.98
C GLY B 221 -23.53 -4.11 35.88
N VAL B 222 -22.29 -4.59 35.71
CA VAL B 222 -21.97 -5.58 34.66
C VAL B 222 -22.92 -6.78 34.82
N GLY B 223 -23.45 -7.30 33.68
CA GLY B 223 -24.45 -8.36 33.83
C GLY B 223 -23.79 -9.78 33.90
N ALA B 224 -22.61 -9.95 33.30
CA ALA B 224 -22.02 -11.29 33.24
C ALA B 224 -20.56 -11.19 33.65
N ILE B 225 -20.00 -12.36 34.02
CA ILE B 225 -18.53 -12.47 34.31
C ILE B 225 -18.16 -13.78 33.62
N MET B 226 -17.00 -13.85 32.93
CA MET B 226 -16.45 -15.12 32.45
C MET B 226 -15.31 -15.61 33.28
N CYS B 227 -15.45 -16.82 33.85
CA CYS B 227 -14.34 -17.38 34.65
C CYS B 227 -13.29 -17.97 33.76
N SER B 228 -12.09 -18.23 34.31
CA SER B 228 -10.92 -18.32 33.50
C SER B 228 -10.41 -19.78 33.36
N TYR B 229 -9.48 -19.97 32.40
CA TYR B 229 -8.96 -21.33 32.09
C TYR B 229 -7.97 -21.76 33.18
N ASN B 230 -7.24 -20.81 33.79
CA ASN B 230 -6.14 -21.22 34.71
C ASN B 230 -6.79 -21.70 36.01
N GLN B 231 -6.00 -22.42 36.83
CA GLN B 231 -6.45 -22.63 38.17
C GLN B 231 -6.01 -21.46 39.05
N ILE B 232 -6.63 -21.32 40.25
CA ILE B 232 -6.16 -20.43 41.27
C ILE B 232 -5.95 -21.31 42.51
N ASN B 233 -4.73 -21.29 43.01
CA ASN B 233 -4.25 -22.25 44.02
C ASN B 233 -4.76 -23.66 43.75
N ASN B 234 -4.56 -24.17 42.52
CA ASN B 234 -4.92 -25.57 42.19
C ASN B 234 -6.40 -25.90 42.31
N SER B 235 -7.28 -24.90 42.06
CA SER B 235 -8.72 -25.15 41.87
C SER B 235 -9.12 -24.32 40.60
N TYR B 236 -9.64 -25.01 39.59
CA TYR B 236 -9.97 -24.38 38.28
C TYR B 236 -10.80 -23.15 38.43
N GLY B 237 -10.54 -22.14 37.60
CA GLY B 237 -11.30 -20.88 37.72
C GLY B 237 -12.80 -21.05 37.65
N CYS B 238 -13.29 -22.00 36.86
CA CYS B 238 -14.75 -22.14 36.70
C CYS B 238 -15.36 -23.15 37.67
N GLN B 239 -14.64 -23.49 38.72
CA GLN B 239 -15.26 -24.20 39.84
C GLN B 239 -14.51 -23.87 41.11
N ASN B 240 -14.07 -22.60 41.20
CA ASN B 240 -13.23 -22.22 42.32
C ASN B 240 -14.19 -21.56 43.28
N SER B 241 -14.56 -22.28 44.33
CA SER B 241 -15.61 -21.71 45.21
C SER B 241 -15.10 -20.50 45.94
N TYR B 242 -13.81 -20.43 46.22
CA TYR B 242 -13.29 -19.21 46.87
C TYR B 242 -13.43 -17.95 45.98
N THR B 243 -12.96 -17.99 44.72
CA THR B 243 -13.02 -16.77 43.89
C THR B 243 -14.47 -16.51 43.52
N LEU B 244 -15.24 -17.57 43.16
CA LEU B 244 -16.62 -17.35 42.69
C LEU B 244 -17.63 -17.13 43.79
N ASN B 245 -17.69 -18.04 44.76
CA ASN B 245 -18.71 -17.90 45.84
C ASN B 245 -18.31 -16.83 46.83
N LYS B 246 -17.03 -16.88 47.26
CA LYS B 246 -16.67 -15.91 48.32
C LYS B 246 -16.39 -14.53 47.79
N LEU B 247 -15.41 -14.44 46.88
CA LEU B 247 -14.97 -13.12 46.53
C LEU B 247 -16.03 -12.43 45.64
N LEU B 248 -16.40 -13.09 44.55
CA LEU B 248 -17.25 -12.43 43.58
C LEU B 248 -18.68 -12.27 44.12
N LYS B 249 -19.22 -13.39 44.62
CA LYS B 249 -20.68 -13.31 44.92
C LYS B 249 -20.97 -12.86 46.37
N ALA B 250 -20.25 -13.34 47.34
CA ALA B 250 -20.49 -12.92 48.74
C ALA B 250 -19.88 -11.53 49.03
N GLU B 251 -18.61 -11.31 48.69
CA GLU B 251 -17.96 -10.06 49.12
C GLU B 251 -18.31 -8.92 48.12
N LEU B 252 -18.09 -9.14 46.80
CA LEU B 252 -18.44 -8.05 45.86
C LEU B 252 -19.93 -7.95 45.58
N GLY B 253 -20.72 -8.98 45.97
CA GLY B 253 -22.24 -8.91 45.95
C GLY B 253 -22.77 -8.99 44.49
N PHE B 254 -22.01 -9.66 43.63
CA PHE B 254 -22.41 -9.81 42.19
C PHE B 254 -23.75 -10.48 42.02
N GLN B 255 -24.65 -9.84 41.27
CA GLN B 255 -26.03 -10.32 41.09
C GLN B 255 -26.27 -10.96 39.71
N GLY B 256 -25.27 -10.84 38.83
CA GLY B 256 -25.45 -11.37 37.43
C GLY B 256 -24.96 -12.82 37.40
N PHE B 257 -24.63 -13.28 36.17
CA PHE B 257 -24.29 -14.65 35.96
C PHE B 257 -22.81 -14.86 35.55
N VAL B 258 -22.22 -16.02 35.93
CA VAL B 258 -20.87 -16.37 35.63
C VAL B 258 -20.90 -17.48 34.57
N MET B 259 -20.30 -17.23 33.41
CA MET B 259 -20.21 -18.20 32.30
C MET B 259 -18.80 -18.76 32.26
N SER B 260 -18.62 -19.94 31.71
CA SER B 260 -17.25 -20.43 31.64
C SER B 260 -16.56 -19.89 30.41
N ASP B 261 -15.24 -19.80 30.45
CA ASP B 261 -14.52 -19.66 29.19
C ASP B 261 -14.63 -21.07 28.40
N TRP B 262 -14.21 -21.10 27.10
CA TRP B 262 -14.68 -22.16 26.19
C TRP B 262 -13.74 -23.32 26.32
N GLY B 263 -14.18 -24.37 27.01
CA GLY B 263 -13.21 -25.46 27.38
C GLY B 263 -12.78 -25.28 28.84
N ALA B 264 -13.30 -24.26 29.55
CA ALA B 264 -12.91 -24.01 30.97
C ALA B 264 -13.86 -24.73 31.97
N HIS B 265 -14.94 -25.35 31.44
CA HIS B 265 -15.90 -26.08 32.29
C HIS B 265 -15.30 -27.48 32.54
N HIS B 266 -15.13 -27.85 33.81
CA HIS B 266 -14.45 -29.16 34.12
C HIS B 266 -15.23 -30.14 35.04
N SER B 267 -16.48 -29.87 35.39
CA SER B 267 -17.29 -30.82 36.15
C SER B 267 -18.72 -30.33 36.16
N GLY B 268 -19.75 -31.21 36.36
CA GLY B 268 -21.14 -30.67 36.38
C GLY B 268 -21.49 -30.23 37.77
N VAL B 269 -21.52 -31.21 38.68
CA VAL B 269 -21.95 -30.94 40.09
C VAL B 269 -20.94 -29.96 40.71
N GLY B 270 -19.65 -30.24 40.60
CA GLY B 270 -18.63 -29.42 41.33
C GLY B 270 -18.77 -27.90 41.01
N SER B 271 -18.91 -27.61 39.72
CA SER B 271 -18.94 -26.22 39.28
C SER B 271 -20.26 -25.56 39.67
N ALA B 272 -21.38 -26.27 39.53
CA ALA B 272 -22.68 -25.67 39.85
C ALA B 272 -22.68 -25.25 41.31
N LEU B 273 -22.13 -26.09 42.19
CA LEU B 273 -22.16 -25.79 43.60
C LEU B 273 -21.08 -24.74 43.95
N ALA B 274 -20.01 -24.65 43.15
CA ALA B 274 -18.96 -23.70 43.42
C ALA B 274 -19.25 -22.31 42.80
N GLY B 275 -20.40 -22.12 42.17
CA GLY B 275 -20.84 -20.78 41.71
C GLY B 275 -20.91 -20.57 40.20
N LEU B 276 -20.60 -21.60 39.35
CA LEU B 276 -20.78 -21.40 37.88
C LEU B 276 -22.32 -21.26 37.58
N ASP B 277 -22.73 -20.41 36.60
CA ASP B 277 -24.12 -20.31 36.18
C ASP B 277 -24.38 -20.67 34.69
N MET B 278 -23.33 -20.59 33.86
CA MET B 278 -23.54 -20.89 32.43
C MET B 278 -22.28 -21.61 31.83
N SER B 279 -22.49 -22.73 31.09
CA SER B 279 -21.54 -23.54 30.51
C SER B 279 -21.41 -23.18 29.02
N MET B 280 -20.21 -22.78 28.59
CA MET B 280 -19.99 -22.44 27.14
C MET B 280 -18.79 -23.17 26.60
N PRO B 281 -18.82 -23.64 25.32
CA PRO B 281 -19.91 -23.47 24.38
C PRO B 281 -21.03 -24.52 24.69
N GLY B 282 -20.94 -25.32 25.75
CA GLY B 282 -22.08 -26.13 26.20
C GLY B 282 -21.62 -27.61 26.28
N ASP B 283 -20.61 -27.98 25.47
CA ASP B 283 -20.21 -29.41 25.43
C ASP B 283 -18.94 -29.56 26.27
N ILE B 284 -18.54 -30.80 26.49
CA ILE B 284 -17.33 -31.07 27.31
C ILE B 284 -16.04 -30.80 26.56
N THR B 285 -15.96 -31.26 25.33
CA THR B 285 -14.89 -30.75 24.42
C THR B 285 -15.67 -30.39 23.15
N PHE B 286 -15.06 -29.62 22.22
CA PHE B 286 -15.90 -29.11 21.07
C PHE B 286 -16.53 -30.25 20.25
N ASP B 287 -17.86 -30.22 20.10
CA ASP B 287 -18.63 -31.24 19.35
C ASP B 287 -18.45 -32.65 19.91
N SER B 288 -18.21 -32.77 21.22
CA SER B 288 -18.19 -34.12 21.81
C SER B 288 -19.59 -34.75 21.96
N ALA B 289 -20.65 -33.99 21.74
CA ALA B 289 -22.05 -34.39 22.01
C ALA B 289 -22.32 -34.76 23.46
N THR B 290 -21.49 -34.32 24.36
CA THR B 290 -21.68 -34.61 25.77
C THR B 290 -21.50 -33.27 26.48
N SER B 291 -22.06 -33.14 27.69
CA SER B 291 -21.96 -31.88 28.42
C SER B 291 -21.85 -32.24 29.88
N PHE B 292 -21.13 -31.43 30.69
CA PHE B 292 -21.20 -31.55 32.12
C PHE B 292 -22.54 -31.07 32.66
N TRP B 293 -23.26 -30.20 31.90
CA TRP B 293 -24.63 -29.77 32.29
C TRP B 293 -25.59 -30.32 31.22
N GLY B 294 -26.51 -29.52 30.62
CA GLY B 294 -27.59 -30.09 29.75
C GLY B 294 -28.26 -31.22 30.53
N THR B 295 -28.48 -32.34 29.84
CA THR B 295 -28.96 -33.57 30.46
C THR B 295 -28.44 -33.83 31.86
N ASN B 296 -27.12 -33.79 32.03
CA ASN B 296 -26.49 -34.04 33.36
C ASN B 296 -26.95 -33.08 34.42
N LEU B 297 -27.22 -31.81 34.10
CA LEU B 297 -27.66 -30.89 35.21
C LEU B 297 -29.14 -31.20 35.56
N THR B 298 -29.97 -31.52 34.57
CA THR B 298 -31.36 -31.88 34.84
C THR B 298 -31.36 -33.13 35.81
N ILE B 299 -30.52 -34.09 35.48
CA ILE B 299 -30.34 -35.31 36.33
C ILE B 299 -29.84 -34.96 37.73
N ALA B 300 -28.81 -34.08 37.85
CA ALA B 300 -28.27 -33.70 39.13
C ALA B 300 -29.29 -33.10 40.00
N VAL B 301 -30.29 -32.44 39.41
CA VAL B 301 -31.35 -31.87 40.27
C VAL B 301 -32.39 -32.97 40.63
N LEU B 302 -32.77 -33.76 39.64
CA LEU B 302 -33.76 -34.83 39.89
C LEU B 302 -33.25 -35.79 40.93
N ASN B 303 -31.94 -36.05 40.99
CA ASN B 303 -31.42 -37.07 41.93
C ASN B 303 -31.05 -36.54 43.30
N GLY B 304 -31.33 -35.25 43.53
CA GLY B 304 -31.13 -34.60 44.81
C GLY B 304 -29.71 -34.07 45.04
N THR B 305 -28.75 -34.22 44.12
CA THR B 305 -27.33 -33.82 44.42
C THR B 305 -27.16 -32.29 44.33
N VAL B 306 -27.70 -31.68 43.27
CA VAL B 306 -27.70 -30.18 43.16
C VAL B 306 -29.09 -29.70 43.58
N PRO B 307 -29.14 -28.88 44.61
CA PRO B 307 -30.45 -28.44 45.07
C PRO B 307 -31.16 -27.63 43.99
N GLN B 308 -32.50 -27.79 43.93
CA GLN B 308 -33.29 -26.89 43.07
C GLN B 308 -32.93 -25.41 43.23
N TRP B 309 -32.69 -24.95 44.46
CA TRP B 309 -32.47 -23.51 44.62
C TRP B 309 -31.22 -23.04 43.84
N ARG B 310 -30.27 -23.95 43.62
CA ARG B 310 -29.01 -23.56 42.94
C ARG B 310 -29.26 -23.35 41.41
N VAL B 311 -30.00 -24.25 40.78
CA VAL B 311 -30.33 -24.08 39.33
C VAL B 311 -31.33 -22.92 39.22
N ASP B 312 -32.27 -22.84 40.14
CA ASP B 312 -33.21 -21.70 40.10
C ASP B 312 -32.40 -20.40 40.13
N ASP B 313 -31.41 -20.32 41.00
CA ASP B 313 -30.65 -19.06 41.11
C ASP B 313 -29.80 -18.86 39.80
N MET B 314 -29.27 -19.95 39.20
CA MET B 314 -28.64 -19.71 37.86
C MET B 314 -29.57 -19.02 36.89
N ALA B 315 -30.78 -19.57 36.73
CA ALA B 315 -31.76 -19.02 35.79
C ALA B 315 -32.17 -17.60 36.14
N VAL B 316 -32.42 -17.31 37.42
CA VAL B 316 -32.67 -15.92 37.85
C VAL B 316 -31.53 -14.91 37.58
N ARG B 317 -30.29 -15.38 37.79
CA ARG B 317 -29.16 -14.46 37.50
C ARG B 317 -29.08 -14.20 35.96
N ILE B 318 -29.24 -15.26 35.16
CA ILE B 318 -29.18 -15.10 33.70
C ILE B 318 -30.32 -14.22 33.19
N MET B 319 -31.58 -14.49 33.62
CA MET B 319 -32.66 -13.64 33.14
C MET B 319 -32.56 -12.24 33.65
N ALA B 320 -32.07 -12.11 34.88
CA ALA B 320 -31.99 -10.74 35.49
C ALA B 320 -30.99 -9.86 34.69
N ALA B 321 -29.88 -10.43 34.30
CA ALA B 321 -28.89 -9.60 33.49
C ALA B 321 -29.52 -9.19 32.12
N TYR B 322 -30.27 -10.14 31.51
CA TYR B 322 -30.89 -9.95 30.19
C TYR B 322 -31.94 -8.83 30.34
N TYR B 323 -32.75 -8.84 31.43
CA TYR B 323 -33.74 -7.78 31.67
C TYR B 323 -33.14 -6.44 32.12
N LYS B 324 -32.02 -6.53 32.81
CA LYS B 324 -31.34 -5.33 33.39
C LYS B 324 -30.88 -4.42 32.23
N VAL B 325 -30.47 -5.02 31.11
CA VAL B 325 -30.06 -4.18 29.96
C VAL B 325 -31.15 -3.92 28.95
N GLY B 326 -32.36 -4.45 29.25
CA GLY B 326 -33.49 -4.32 28.38
C GLY B 326 -33.40 -5.17 27.11
N ARG B 327 -32.73 -6.31 27.13
CA ARG B 327 -32.54 -7.07 25.89
C ARG B 327 -33.83 -7.58 25.29
N ASP B 328 -34.77 -7.85 26.18
CA ASP B 328 -36.07 -8.33 25.74
C ASP B 328 -36.77 -7.33 24.77
N ARG B 329 -36.50 -6.06 24.93
CA ARG B 329 -37.21 -5.10 24.09
C ARG B 329 -36.48 -4.96 22.75
N LEU B 330 -35.25 -5.47 22.65
CA LEU B 330 -34.42 -5.36 21.39
C LEU B 330 -34.18 -6.67 20.69
N TYR B 331 -34.84 -7.74 21.18
CA TYR B 331 -34.52 -9.10 20.73
C TYR B 331 -34.72 -9.35 19.23
N GLN B 332 -33.73 -9.96 18.60
CA GLN B 332 -33.94 -10.60 17.29
C GLN B 332 -32.94 -11.72 17.19
N PRO B 333 -33.31 -12.80 16.49
CA PRO B 333 -32.33 -13.91 16.36
C PRO B 333 -31.03 -13.38 15.64
N PRO B 334 -29.86 -14.00 15.88
CA PRO B 334 -28.57 -13.50 15.27
C PRO B 334 -28.76 -13.55 13.74
N ASN B 335 -28.47 -12.46 13.05
CA ASN B 335 -28.79 -12.31 11.62
C ASN B 335 -27.53 -12.50 10.78
N PHE B 336 -26.53 -13.19 11.37
CA PHE B 336 -25.35 -13.57 10.67
C PHE B 336 -24.92 -14.95 11.21
N SER B 337 -23.91 -15.52 10.57
CA SER B 337 -23.30 -16.77 11.10
C SER B 337 -21.82 -16.55 11.39
N SER B 338 -21.36 -16.99 12.55
CA SER B 338 -19.90 -16.89 12.83
C SER B 338 -19.07 -17.87 11.96
N TRP B 339 -19.71 -18.89 11.34
CA TRP B 339 -18.96 -19.99 10.75
C TRP B 339 -18.93 -19.99 9.23
N THR B 340 -19.66 -19.09 8.60
CA THR B 340 -19.62 -18.96 7.15
C THR B 340 -20.06 -17.59 6.81
N ARG B 341 -19.61 -17.09 5.65
CA ARG B 341 -20.15 -15.79 5.14
C ARG B 341 -21.18 -15.98 4.03
N ASP B 342 -21.43 -17.23 3.68
CA ASP B 342 -22.47 -17.52 2.64
C ASP B 342 -23.85 -16.98 3.01
N GLU B 343 -24.61 -16.56 2.00
CA GLU B 343 -25.96 -16.11 2.33
C GLU B 343 -26.86 -17.24 2.92
N TYR B 344 -26.84 -18.39 2.24
CA TYR B 344 -27.57 -19.63 2.60
C TYR B 344 -26.64 -20.72 3.13
N GLY B 345 -27.19 -21.53 4.02
CA GLY B 345 -26.45 -22.69 4.59
C GLY B 345 -27.39 -23.56 5.45
N PHE B 346 -26.91 -24.72 5.89
CA PHE B 346 -27.71 -25.52 6.81
C PHE B 346 -27.75 -24.74 8.15
N LYS B 347 -28.93 -24.74 8.76
CA LYS B 347 -29.22 -24.02 9.99
C LYS B 347 -28.21 -24.39 11.10
N TYR B 348 -27.84 -25.67 11.21
CA TYR B 348 -26.88 -26.08 12.31
C TYR B 348 -25.59 -26.43 11.66
N PHE B 349 -24.64 -25.50 11.78
CA PHE B 349 -23.42 -25.54 10.93
C PHE B 349 -22.59 -26.77 11.12
N TYR B 350 -22.24 -27.07 12.37
CA TYR B 350 -21.20 -28.07 12.52
C TYR B 350 -21.58 -29.47 11.85
N PRO B 351 -22.77 -29.99 12.11
CA PRO B 351 -23.09 -31.29 11.44
C PRO B 351 -23.78 -31.04 10.09
N GLN B 352 -23.96 -29.77 9.65
CA GLN B 352 -24.69 -29.45 8.39
C GLN B 352 -26.10 -30.07 8.33
N GLU B 353 -26.88 -29.80 9.37
CA GLU B 353 -28.23 -30.34 9.50
C GLU B 353 -29.21 -29.25 9.68
N GLY B 354 -30.50 -29.60 9.67
CA GLY B 354 -31.57 -28.65 9.91
C GLY B 354 -32.01 -28.04 8.58
N PRO B 355 -32.94 -27.10 8.60
CA PRO B 355 -33.40 -26.53 7.29
C PRO B 355 -32.26 -25.89 6.54
N TYR B 356 -32.26 -25.91 5.19
CA TYR B 356 -31.30 -25.12 4.44
C TYR B 356 -31.95 -23.78 4.21
N GLU B 357 -31.37 -22.66 4.73
CA GLU B 357 -32.11 -21.42 4.79
C GLU B 357 -31.04 -20.31 4.86
N LYS B 358 -31.52 -19.05 4.93
CA LYS B 358 -30.64 -17.89 5.01
C LYS B 358 -29.99 -17.88 6.35
N VAL B 359 -28.66 -17.81 6.37
CA VAL B 359 -27.90 -17.79 7.64
C VAL B 359 -27.15 -16.43 7.76
N ASN B 360 -26.99 -15.68 6.65
CA ASN B 360 -26.44 -14.29 6.76
C ASN B 360 -27.33 -13.29 6.09
N HIS B 361 -27.55 -12.17 6.75
CA HIS B 361 -28.33 -11.10 6.15
C HIS B 361 -27.50 -9.87 5.87
N PHE B 362 -26.20 -9.90 6.14
CA PHE B 362 -25.31 -8.81 5.65
C PHE B 362 -25.74 -7.45 6.18
N VAL B 363 -26.20 -7.40 7.44
CA VAL B 363 -26.69 -6.13 7.95
C VAL B 363 -25.44 -5.19 8.24
N ASN B 364 -25.48 -3.99 7.68
CA ASN B 364 -24.34 -3.05 7.88
C ASN B 364 -24.65 -2.21 9.13
N VAL B 365 -24.06 -2.63 10.27
CA VAL B 365 -24.30 -2.00 11.56
C VAL B 365 -23.24 -0.89 11.87
N GLN B 366 -22.42 -0.49 10.87
CA GLN B 366 -21.28 0.45 11.18
C GLN B 366 -21.69 1.84 11.57
N ARG B 367 -22.86 2.28 11.08
CA ARG B 367 -23.28 3.72 11.29
C ARG B 367 -22.12 4.64 10.95
N ASN B 368 -21.92 5.72 11.74
CA ASN B 368 -20.74 6.60 11.60
C ASN B 368 -19.67 6.27 12.64
N HIS B 369 -19.62 5.01 13.12
CA HIS B 369 -18.62 4.63 14.11
C HIS B 369 -17.17 4.79 13.71
N SER B 370 -16.86 4.94 12.41
CA SER B 370 -15.49 5.23 12.03
C SER B 370 -15.03 6.56 12.72
N GLU B 371 -15.97 7.44 12.98
CA GLU B 371 -15.56 8.71 13.62
C GLU B 371 -15.01 8.52 15.04
N VAL B 372 -15.74 7.83 15.89
CA VAL B 372 -15.25 7.59 17.27
C VAL B 372 -13.94 6.75 17.22
N ILE B 373 -13.80 5.86 16.24
CA ILE B 373 -12.56 5.05 16.18
C ILE B 373 -11.36 5.96 15.80
N ARG B 374 -11.57 6.86 14.78
CA ARG B 374 -10.47 7.71 14.28
C ARG B 374 -10.09 8.65 15.46
N LYS B 375 -11.08 9.13 16.16
CA LYS B 375 -10.85 10.04 17.31
C LYS B 375 -10.13 9.31 18.46
N LEU B 376 -10.60 8.12 18.74
CA LEU B 376 -10.05 7.38 19.91
C LEU B 376 -8.61 6.95 19.54
N GLY B 377 -8.38 6.66 18.26
CA GLY B 377 -6.98 6.39 17.84
C GLY B 377 -6.08 7.57 18.03
N ALA B 378 -6.51 8.77 17.62
CA ALA B 378 -5.67 9.98 17.77
C ALA B 378 -5.45 10.28 19.27
N ASP B 379 -6.50 10.11 20.08
CA ASP B 379 -6.44 10.46 21.52
C ASP B 379 -5.74 9.36 22.35
N SER B 380 -5.36 8.25 21.71
CA SER B 380 -4.57 7.20 22.41
C SER B 380 -3.11 7.14 21.88
N THR B 381 -2.72 8.12 21.07
CA THR B 381 -1.39 8.17 20.51
C THR B 381 -0.48 8.95 21.48
N VAL B 382 0.39 8.20 22.18
CA VAL B 382 1.20 8.79 23.20
C VAL B 382 2.42 9.41 22.57
N LEU B 383 2.60 10.69 22.80
CA LEU B 383 3.86 11.32 22.29
C LEU B 383 4.90 11.12 23.38
N LEU B 384 5.84 10.21 23.15
CA LEU B 384 6.80 9.87 24.21
C LEU B 384 8.00 10.87 24.25
N LYS B 385 8.41 11.31 23.04
CA LYS B 385 9.58 12.21 22.88
C LYS B 385 9.20 13.23 21.78
N ASN B 386 9.56 14.51 21.93
CA ASN B 386 9.34 15.41 20.81
C ASN B 386 10.41 16.54 21.00
N ASN B 387 11.48 16.47 20.22
CA ASN B 387 12.52 17.53 20.24
C ASN B 387 12.16 18.60 19.22
N ASN B 388 11.03 19.27 19.49
CA ASN B 388 10.53 20.30 18.61
C ASN B 388 10.31 19.86 17.13
N ALA B 389 9.92 18.60 16.89
CA ALA B 389 9.86 18.01 15.54
C ALA B 389 8.40 18.00 15.09
N LEU B 390 7.48 17.88 16.04
CA LEU B 390 6.06 17.81 15.72
C LEU B 390 5.24 18.94 16.39
N PRO B 391 4.09 19.36 15.77
CA PRO B 391 3.48 18.80 14.58
C PRO B 391 4.25 19.16 13.27
N LEU B 392 4.15 18.32 12.26
CA LEU B 392 4.46 18.68 10.92
C LEU B 392 3.61 19.79 10.36
N THR B 393 4.14 20.49 9.35
CA THR B 393 3.37 21.57 8.74
C THR B 393 2.76 21.20 7.44
N GLY B 394 3.20 20.13 6.74
CA GLY B 394 2.66 19.96 5.41
C GLY B 394 3.60 20.56 4.40
N LYS B 395 4.56 21.37 4.83
CA LYS B 395 5.51 22.01 3.90
C LYS B 395 6.79 21.23 3.71
N GLU B 396 6.93 20.11 4.39
CA GLU B 396 8.16 19.33 4.31
C GLU B 396 8.26 18.91 2.79
N ARG B 397 9.42 19.19 2.19
CA ARG B 397 9.54 18.99 0.72
C ARG B 397 9.51 17.51 0.31
N LYS B 398 10.11 16.64 1.11
CA LYS B 398 10.24 15.24 0.74
C LYS B 398 10.07 14.43 2.04
N VAL B 399 9.09 13.48 2.03
CA VAL B 399 8.76 12.68 3.22
C VAL B 399 9.06 11.24 2.94
N ALA B 400 9.88 10.62 3.83
CA ALA B 400 10.20 9.18 3.69
C ALA B 400 9.35 8.41 4.68
N ILE B 401 8.48 7.51 4.20
CA ILE B 401 7.66 6.71 5.11
C ILE B 401 8.41 5.38 5.11
N LEU B 402 8.87 4.89 6.27
CA LEU B 402 9.79 3.72 6.29
C LEU B 402 9.31 2.68 7.29
N GLY B 403 9.17 1.42 6.84
CA GLY B 403 8.87 0.30 7.73
C GLY B 403 7.63 -0.45 7.18
N GLU B 404 7.69 -1.77 7.27
CA GLU B 404 6.53 -2.65 6.88
C GLU B 404 5.31 -2.23 7.71
N ASP B 405 5.51 -1.78 8.97
CA ASP B 405 4.40 -1.32 9.82
C ASP B 405 3.66 -0.06 9.30
N ALA B 406 4.16 0.60 8.28
CA ALA B 406 3.40 1.68 7.66
C ALA B 406 2.45 1.15 6.57
N GLY B 407 2.72 -0.07 6.04
CA GLY B 407 2.09 -0.46 4.80
C GLY B 407 0.97 -1.45 4.96
N SER B 408 0.59 -2.01 3.80
CA SER B 408 -0.61 -2.90 3.71
C SER B 408 -0.19 -4.33 4.06
N ASN B 409 -1.10 -5.11 4.63
CA ASN B 409 -0.90 -6.57 4.77
C ASN B 409 -1.16 -7.09 3.34
N SER B 410 -0.13 -7.73 2.71
CA SER B 410 -0.29 -8.24 1.28
C SER B 410 -1.35 -9.35 1.17
N TYR B 411 -1.86 -9.90 2.28
CA TYR B 411 -2.93 -10.89 2.23
C TYR B 411 -4.32 -10.29 2.39
N GLY B 412 -4.35 -8.99 2.49
CA GLY B 412 -5.57 -8.19 2.71
C GLY B 412 -5.62 -7.91 4.25
N ALA B 413 -6.37 -6.92 4.70
CA ALA B 413 -6.33 -6.55 6.14
C ALA B 413 -6.81 -7.75 7.02
N ASN B 414 -7.76 -8.56 6.48
CA ASN B 414 -8.28 -9.72 7.20
C ASN B 414 -7.63 -11.03 6.71
N GLY B 415 -6.50 -10.91 6.03
CA GLY B 415 -5.98 -12.08 5.32
C GLY B 415 -5.31 -13.12 6.21
N CYS B 416 -5.18 -12.82 7.52
CA CYS B 416 -4.68 -13.85 8.47
C CYS B 416 -5.76 -14.19 9.40
N SER B 417 -6.05 -15.49 9.49
CA SER B 417 -7.16 -15.92 10.31
C SER B 417 -7.00 -15.45 11.80
N ASP B 418 -8.04 -14.83 12.39
CA ASP B 418 -7.99 -14.26 13.78
C ASP B 418 -6.79 -13.29 13.95
N ARG B 419 -6.39 -12.67 12.84
CA ARG B 419 -5.21 -11.75 12.81
C ARG B 419 -3.89 -12.43 13.18
N GLY B 420 -3.77 -13.75 12.92
CA GLY B 420 -2.67 -14.47 13.44
C GLY B 420 -1.45 -14.28 12.49
N CYS B 421 -0.99 -13.05 12.27
CA CYS B 421 0.31 -12.77 11.66
C CYS B 421 0.66 -11.31 12.04
N ASP B 422 1.90 -10.88 11.73
CA ASP B 422 2.23 -9.52 11.94
C ASP B 422 2.72 -8.96 10.59
N ASN B 423 1.81 -8.80 9.65
CA ASN B 423 2.23 -8.39 8.27
C ASN B 423 1.57 -7.07 7.95
N GLY B 424 2.35 -6.16 7.44
CA GLY B 424 1.85 -4.79 7.24
C GLY B 424 1.54 -4.09 8.58
N THR B 425 0.74 -2.98 8.51
CA THR B 425 0.54 -2.16 9.73
C THR B 425 -0.20 -2.95 10.85
N LEU B 426 0.26 -2.82 12.08
CA LEU B 426 -0.32 -3.59 13.19
C LEU B 426 -1.44 -2.75 13.81
N ALA B 427 -2.71 -3.09 13.53
CA ALA B 427 -3.80 -2.31 14.05
C ALA B 427 -4.69 -3.17 14.94
N MET B 428 -4.40 -4.48 15.00
CA MET B 428 -5.18 -5.40 15.81
C MET B 428 -4.27 -6.64 16.07
N ALA B 429 -4.23 -7.09 17.32
CA ALA B 429 -3.40 -8.26 17.75
C ALA B 429 -4.27 -9.49 17.57
N TRP B 430 -3.79 -10.66 17.93
CA TRP B 430 -4.44 -11.89 17.49
C TRP B 430 -5.22 -12.73 18.54
N GLY B 431 -6.09 -13.62 18.01
CA GLY B 431 -6.84 -14.57 18.85
C GLY B 431 -8.35 -14.26 18.78
N SER B 432 -9.05 -14.58 19.89
CA SER B 432 -10.50 -14.32 19.94
C SER B 432 -10.84 -12.83 20.11
N GLY B 433 -9.82 -12.00 20.42
CA GLY B 433 -10.02 -10.62 20.85
C GLY B 433 -10.03 -9.74 19.64
N THR B 434 -10.61 -10.25 18.58
CA THR B 434 -10.54 -9.63 17.23
C THR B 434 -11.91 -9.43 16.49
N ALA B 435 -11.89 -8.66 15.38
CA ALA B 435 -13.11 -8.38 14.62
C ALA B 435 -12.56 -8.32 13.17
N GLU B 436 -13.42 -8.61 12.19
CA GLU B 436 -12.99 -8.44 10.75
C GLU B 436 -13.02 -6.94 10.52
N PHE B 437 -11.92 -6.39 9.99
CA PHE B 437 -11.98 -4.99 9.58
C PHE B 437 -12.97 -4.83 8.43
N PRO B 438 -13.72 -3.68 8.37
CA PRO B 438 -14.46 -3.35 7.16
C PRO B 438 -13.53 -2.81 6.07
N TYR B 439 -12.34 -2.32 6.52
CA TYR B 439 -11.25 -1.86 5.69
C TYR B 439 -10.18 -1.47 6.72
N LEU B 440 -8.98 -1.12 6.19
CA LEU B 440 -7.94 -0.67 7.12
C LEU B 440 -7.14 0.45 6.45
N VAL B 441 -7.21 1.65 7.05
CA VAL B 441 -6.45 2.80 6.52
C VAL B 441 -4.98 2.71 7.03
N THR B 442 -4.00 2.55 6.15
CA THR B 442 -2.63 2.32 6.61
C THR B 442 -1.97 3.73 6.83
N PRO B 443 -0.91 3.76 7.64
CA PRO B 443 -0.14 5.05 7.77
C PRO B 443 0.40 5.51 6.39
N GLU B 444 0.87 4.57 5.56
CA GLU B 444 1.27 4.95 4.27
C GLU B 444 0.17 5.73 3.49
N GLN B 445 -1.09 5.23 3.47
CA GLN B 445 -2.12 5.82 2.69
C GLN B 445 -2.40 7.22 3.26
N ALA B 446 -2.46 7.37 4.61
CA ALA B 446 -3.00 8.65 5.08
C ALA B 446 -1.89 9.68 4.94
N ILE B 447 -0.66 9.32 5.28
CA ILE B 447 0.46 10.32 5.21
C ILE B 447 0.81 10.65 3.75
N GLN B 448 0.84 9.65 2.87
CA GLN B 448 1.04 10.09 1.46
C GLN B 448 -0.10 11.04 0.99
N ALA B 449 -1.41 10.74 1.25
CA ALA B 449 -2.49 11.66 0.84
C ALA B 449 -2.19 13.08 1.40
N GLU B 450 -1.81 13.13 2.66
CA GLU B 450 -1.59 14.45 3.31
C GLU B 450 -0.46 15.23 2.55
N VAL B 451 0.65 14.56 2.30
CA VAL B 451 1.78 15.19 1.59
C VAL B 451 1.31 15.63 0.19
N LEU B 452 0.53 14.79 -0.50
CA LEU B 452 0.13 15.16 -1.93
C LEU B 452 -0.84 16.33 -1.96
N LYS B 453 -1.64 16.48 -0.89
CA LYS B 453 -2.49 17.64 -0.72
C LYS B 453 -1.66 18.95 -0.66
N HIS B 454 -0.42 18.87 -0.17
CA HIS B 454 0.46 20.06 -0.08
C HIS B 454 1.47 20.08 -1.30
N LYS B 455 1.32 19.16 -2.23
CA LYS B 455 2.19 19.08 -3.46
C LYS B 455 3.61 18.72 -3.07
N GLY B 456 3.75 17.96 -1.97
CA GLY B 456 5.06 17.52 -1.60
C GLY B 456 5.44 16.17 -2.31
N SER B 457 6.68 15.72 -2.10
CA SER B 457 7.17 14.46 -2.61
C SER B 457 7.19 13.46 -1.44
N VAL B 458 6.89 12.20 -1.76
CA VAL B 458 6.70 11.19 -0.68
C VAL B 458 6.79 9.76 -1.24
N TYR B 459 7.34 8.83 -0.42
CA TYR B 459 7.45 7.44 -0.82
C TYR B 459 7.33 6.55 0.42
N ALA B 460 7.04 5.28 0.20
CA ALA B 460 7.03 4.34 1.32
C ALA B 460 7.89 3.15 1.00
N ILE B 461 8.77 2.80 1.94
CA ILE B 461 9.61 1.58 1.86
C ILE B 461 9.09 0.69 2.96
N THR B 462 8.61 -0.51 2.61
CA THR B 462 7.88 -1.36 3.54
C THR B 462 8.54 -2.76 3.63
N ASP B 463 9.79 -2.85 3.18
CA ASP B 463 10.59 -4.07 3.39
C ASP B 463 11.69 -3.73 4.39
N ASN B 464 11.62 -4.28 5.63
CA ASN B 464 12.54 -3.81 6.66
C ASN B 464 13.99 -4.37 6.53
N TRP B 465 14.20 -5.15 5.49
CA TRP B 465 15.61 -5.57 5.20
C TRP B 465 16.07 -4.90 3.92
N ALA B 466 15.26 -3.99 3.41
CA ALA B 466 15.72 -3.25 2.25
C ALA B 466 16.54 -1.99 2.70
N LEU B 467 17.62 -2.20 3.49
CA LEU B 467 18.32 -1.05 4.11
C LEU B 467 19.12 -0.18 3.18
N SER B 468 19.50 -0.72 2.03
CA SER B 468 20.12 0.11 1.01
C SER B 468 19.20 1.24 0.57
N GLN B 469 17.96 0.84 0.17
CA GLN B 469 16.97 1.81 -0.22
C GLN B 469 16.60 2.71 0.92
N VAL B 470 16.51 2.19 2.15
CA VAL B 470 16.12 3.05 3.34
C VAL B 470 17.16 4.16 3.46
N GLU B 471 18.42 3.75 3.39
CA GLU B 471 19.52 4.69 3.59
C GLU B 471 19.55 5.74 2.51
N THR B 472 19.42 5.31 1.26
CA THR B 472 19.44 6.27 0.16
C THR B 472 18.32 7.27 0.28
N LEU B 473 17.08 6.78 0.56
CA LEU B 473 15.98 7.76 0.59
C LEU B 473 16.10 8.69 1.88
N ALA B 474 16.52 8.12 3.00
CA ALA B 474 16.63 8.88 4.27
C ALA B 474 17.59 10.06 4.07
N LYS B 475 18.66 9.81 3.27
CA LYS B 475 19.64 10.93 3.00
C LYS B 475 19.00 12.08 2.20
N GLN B 476 17.89 11.81 1.52
CA GLN B 476 17.29 12.83 0.60
C GLN B 476 16.09 13.53 1.24
N ALA B 477 15.64 13.05 2.42
CA ALA B 477 14.28 13.40 2.97
C ALA B 477 14.34 14.58 3.93
N SER B 478 13.23 15.31 4.03
CA SER B 478 13.15 16.42 4.99
C SER B 478 12.81 15.80 6.36
N VAL B 479 12.07 14.68 6.32
CA VAL B 479 11.61 14.01 7.55
C VAL B 479 11.44 12.49 7.19
N SER B 480 11.91 11.59 8.06
CA SER B 480 11.76 10.16 7.93
C SER B 480 10.85 9.71 9.07
N LEU B 481 9.71 9.09 8.69
CA LEU B 481 8.73 8.59 9.66
C LEU B 481 8.88 7.08 9.63
N VAL B 482 9.34 6.48 10.72
CA VAL B 482 9.80 5.10 10.75
C VAL B 482 8.84 4.34 11.62
N PHE B 483 8.22 3.32 11.03
CA PHE B 483 7.17 2.51 11.71
C PHE B 483 7.64 1.14 12.12
N VAL B 484 7.41 0.76 13.38
CA VAL B 484 7.92 -0.54 13.93
C VAL B 484 6.84 -1.10 14.85
N ASN B 485 6.84 -2.40 15.00
CA ASN B 485 5.84 -3.05 15.78
C ASN B 485 6.33 -4.23 16.64
N SER B 486 5.43 -4.69 17.52
CA SER B 486 5.64 -5.89 18.35
C SER B 486 4.21 -6.42 18.66
N ASP B 487 3.97 -7.69 18.35
CA ASP B 487 2.58 -8.21 18.34
C ASP B 487 2.49 -9.36 19.35
N ALA B 488 1.26 -9.84 19.68
CA ALA B 488 1.17 -10.95 20.65
C ALA B 488 -0.31 -11.34 20.55
N GLY B 489 -0.70 -12.41 21.21
CA GLY B 489 -2.17 -12.66 21.23
C GLY B 489 -2.54 -13.90 22.01
N GLU B 490 -3.73 -14.41 21.73
CA GLU B 490 -4.22 -15.49 22.51
C GLU B 490 -3.35 -16.75 22.28
N GLY B 491 -3.18 -17.55 23.31
CA GLY B 491 -2.21 -18.72 23.22
C GLY B 491 -2.44 -19.85 22.19
N TYR B 492 -3.62 -19.97 21.57
CA TYR B 492 -3.90 -21.08 20.63
C TYR B 492 -3.32 -20.76 19.28
N ILE B 493 -2.81 -19.52 19.10
CA ILE B 493 -2.08 -19.19 17.86
C ILE B 493 -0.60 -18.85 18.15
N SER B 494 0.29 -19.30 17.30
CA SER B 494 1.69 -18.98 17.45
C SER B 494 2.20 -18.28 16.21
N VAL B 495 2.89 -17.11 16.33
CA VAL B 495 3.41 -16.45 15.15
C VAL B 495 4.88 -16.34 15.39
N ASP B 496 5.68 -16.82 14.44
CA ASP B 496 7.14 -16.86 14.64
C ASP B 496 7.61 -17.45 15.99
N GLY B 497 6.92 -18.50 16.45
CA GLY B 497 7.33 -19.21 17.68
C GLY B 497 6.90 -18.45 18.94
N ASN B 498 6.16 -17.33 18.79
CA ASN B 498 5.61 -16.67 20.03
C ASN B 498 4.19 -17.29 20.27
N GLU B 499 4.09 -18.21 21.25
CA GLU B 499 2.87 -18.96 21.56
C GLU B 499 2.00 -18.05 22.39
N GLY B 500 1.39 -17.09 21.71
CA GLY B 500 0.49 -16.10 22.38
C GLY B 500 1.39 -15.10 23.12
N ASP B 501 1.95 -15.48 24.27
CA ASP B 501 2.93 -14.59 24.94
C ASP B 501 4.07 -14.20 23.99
N ARG B 502 4.59 -12.99 24.18
CA ARG B 502 5.83 -12.51 23.51
C ARG B 502 7.05 -13.23 24.04
N ASN B 503 7.90 -13.72 23.14
CA ASN B 503 9.17 -14.26 23.64
C ASN B 503 10.12 -13.15 24.06
N ASN B 504 9.92 -11.89 23.64
CA ASN B 504 10.79 -10.83 24.11
C ASN B 504 10.10 -9.47 23.93
N LEU B 505 10.73 -8.37 24.37
CA LEU B 505 10.10 -7.07 24.20
C LEU B 505 10.81 -6.27 23.09
N THR B 506 11.54 -6.93 22.21
CA THR B 506 12.32 -6.22 21.16
C THR B 506 11.45 -6.00 19.91
N LEU B 507 11.66 -4.92 19.21
CA LEU B 507 10.80 -4.68 17.98
C LEU B 507 10.95 -5.85 17.00
N TRP B 508 9.84 -6.28 16.43
CA TRP B 508 9.81 -7.34 15.41
C TRP B 508 10.28 -6.72 14.07
N LYS B 509 10.52 -7.62 13.14
CA LYS B 509 10.83 -7.31 11.73
C LYS B 509 11.98 -6.31 11.58
N ASN B 510 13.06 -6.57 12.26
CA ASN B 510 14.27 -5.80 12.11
C ASN B 510 14.08 -4.33 12.56
N GLY B 511 13.12 -4.07 13.47
CA GLY B 511 12.76 -2.70 13.78
C GLY B 511 13.94 -1.87 14.28
N ASP B 512 14.71 -2.39 15.24
CA ASP B 512 15.81 -1.56 15.77
C ASP B 512 16.86 -1.18 14.64
N ASN B 513 17.16 -2.11 13.78
CA ASN B 513 18.18 -1.81 12.73
C ASN B 513 17.61 -0.86 11.73
N LEU B 514 16.30 -0.96 11.50
CA LEU B 514 15.65 -0.01 10.56
C LEU B 514 15.71 1.38 11.06
N ILE B 515 15.36 1.58 12.35
CA ILE B 515 15.43 2.93 12.94
C ILE B 515 16.90 3.47 12.86
N LYS B 516 17.87 2.63 13.23
CA LYS B 516 19.31 3.10 13.24
C LYS B 516 19.79 3.44 11.81
N ALA B 517 19.29 2.72 10.83
CA ALA B 517 19.65 2.95 9.40
C ALA B 517 19.08 4.28 8.96
N ALA B 518 17.85 4.61 9.43
CA ALA B 518 17.26 5.87 9.07
C ALA B 518 17.96 6.99 9.83
N ALA B 519 18.13 6.82 11.15
CA ALA B 519 18.66 7.91 11.95
C ALA B 519 20.14 8.16 11.63
N ASN B 520 20.87 7.14 11.16
CA ASN B 520 22.28 7.31 10.77
C ASN B 520 22.36 8.31 9.60
N ASN B 521 21.24 8.44 8.86
CA ASN B 521 21.23 9.19 7.62
C ASN B 521 20.28 10.39 7.51
N CYS B 522 19.35 10.68 8.47
CA CYS B 522 18.26 11.76 8.39
C CYS B 522 18.38 12.33 9.78
N ASN B 523 18.55 13.64 9.85
CA ASN B 523 18.63 14.38 11.13
C ASN B 523 17.22 14.67 11.71
N ASN B 524 16.13 14.15 11.09
CA ASN B 524 14.78 14.39 11.61
C ASN B 524 14.01 13.02 11.39
N THR B 525 14.37 12.03 12.23
CA THR B 525 13.81 10.68 12.19
C THR B 525 12.79 10.62 13.30
N ILE B 526 11.55 10.29 12.93
CA ILE B 526 10.41 10.24 13.90
C ILE B 526 9.91 8.80 13.94
N VAL B 527 9.92 8.17 15.13
CA VAL B 527 9.56 6.76 15.22
C VAL B 527 8.10 6.61 15.70
N VAL B 528 7.37 5.71 15.06
CA VAL B 528 5.99 5.45 15.38
C VAL B 528 5.96 3.95 15.69
N ILE B 529 5.49 3.60 16.89
CA ILE B 529 5.45 2.21 17.32
C ILE B 529 3.97 1.75 17.42
N HIS B 530 3.62 0.69 16.71
CA HIS B 530 2.31 0.05 17.02
C HIS B 530 2.61 -1.23 17.81
N SER B 531 2.02 -1.41 18.98
CA SER B 531 2.39 -2.63 19.67
C SER B 531 1.38 -2.95 20.77
N VAL B 532 1.39 -4.21 21.23
CA VAL B 532 0.48 -4.70 22.28
C VAL B 532 0.90 -4.22 23.66
N GLY B 533 2.05 -3.54 23.79
CA GLY B 533 2.51 -3.25 25.15
C GLY B 533 3.93 -2.65 24.98
N PRO B 534 4.68 -2.51 26.08
CA PRO B 534 5.98 -1.83 25.93
C PRO B 534 6.94 -2.61 25.13
N VAL B 535 7.87 -1.91 24.51
CA VAL B 535 8.95 -2.55 23.81
C VAL B 535 10.20 -1.90 24.30
N LEU B 536 11.35 -2.55 24.07
CA LEU B 536 12.65 -1.92 24.42
C LEU B 536 13.13 -0.88 23.42
N VAL B 537 13.49 0.34 23.87
CA VAL B 537 13.78 1.44 22.97
C VAL B 537 15.25 1.92 23.25
N ASP B 538 15.94 1.25 24.18
CA ASP B 538 17.23 1.78 24.70
C ASP B 538 18.27 1.88 23.60
N GLU B 539 18.19 1.04 22.58
CA GLU B 539 19.19 1.13 21.52
C GLU B 539 19.11 2.42 20.65
N TRP B 540 18.02 3.16 20.70
CA TRP B 540 17.94 4.27 19.74
C TRP B 540 17.20 5.46 20.24
N TYR B 541 16.50 5.38 21.37
CA TYR B 541 15.55 6.44 21.71
C TYR B 541 16.27 7.77 21.94
N ASP B 542 17.53 7.68 22.33
CA ASP B 542 18.33 8.90 22.62
C ASP B 542 19.30 9.21 21.51
N HIS B 543 19.15 8.55 20.37
CA HIS B 543 19.95 8.92 19.18
C HIS B 543 19.70 10.42 18.84
N PRO B 544 20.78 11.19 18.49
CA PRO B 544 20.54 12.65 18.34
C PRO B 544 19.72 12.98 17.10
N ASN B 545 19.61 12.07 16.14
CA ASN B 545 18.75 12.41 14.97
C ASN B 545 17.34 11.78 15.14
N VAL B 546 17.11 11.06 16.26
CA VAL B 546 15.69 10.66 16.50
C VAL B 546 15.02 11.85 17.23
N THR B 547 14.17 12.55 16.52
CA THR B 547 13.59 13.80 17.03
C THR B 547 12.18 13.65 17.63
N ALA B 548 11.55 12.52 17.40
CA ALA B 548 10.27 12.29 18.14
C ALA B 548 9.95 10.83 18.11
N ILE B 549 9.21 10.37 19.13
CA ILE B 549 8.81 9.00 19.20
C ILE B 549 7.36 9.04 19.69
N LEU B 550 6.52 8.19 19.06
CA LEU B 550 5.12 8.00 19.46
C LEU B 550 4.75 6.54 19.59
N TRP B 551 3.89 6.22 20.58
CA TRP B 551 3.36 4.87 20.65
C TRP B 551 1.88 4.95 20.38
N ALA B 552 1.40 4.20 19.35
CA ALA B 552 0.00 4.38 18.90
C ALA B 552 -0.80 3.15 19.21
N GLY B 553 -0.19 2.13 19.88
CA GLY B 553 -0.95 0.97 20.28
C GLY B 553 -1.52 0.20 19.07
N LEU B 554 -2.82 -0.19 19.14
CA LEU B 554 -3.48 -1.12 18.15
C LEU B 554 -4.76 -0.34 17.78
N PRO B 555 -4.69 0.50 16.74
CA PRO B 555 -5.74 1.60 16.58
C PRO B 555 -6.98 1.16 15.85
N GLY B 556 -7.06 -0.09 15.33
CA GLY B 556 -8.32 -0.43 14.67
C GLY B 556 -8.33 0.20 13.24
N GLN B 557 -9.53 0.27 12.67
CA GLN B 557 -9.62 0.46 11.18
C GLN B 557 -9.21 1.79 10.63
N GLU B 558 -9.12 2.87 11.47
CA GLU B 558 -8.81 4.20 10.98
C GLU B 558 -7.35 4.57 11.31
N SER B 559 -6.52 3.52 11.54
CA SER B 559 -5.15 3.72 12.03
C SER B 559 -4.43 4.85 11.38
N GLY B 560 -4.34 4.84 10.04
CA GLY B 560 -3.44 5.85 9.40
C GLY B 560 -4.06 7.25 9.59
N ASN B 561 -5.38 7.38 9.56
CA ASN B 561 -6.00 8.74 9.72
C ASN B 561 -5.85 9.22 11.16
N SER B 562 -6.02 8.30 12.13
CA SER B 562 -5.79 8.70 13.55
C SER B 562 -4.39 9.28 13.71
N LEU B 563 -3.40 8.57 13.14
CA LEU B 563 -1.99 9.02 13.25
C LEU B 563 -1.76 10.35 12.51
N ALA B 564 -2.17 10.43 11.23
CA ALA B 564 -1.97 11.69 10.47
C ALA B 564 -2.58 12.86 11.24
N ASP B 565 -3.75 12.68 11.88
CA ASP B 565 -4.39 13.82 12.62
C ASP B 565 -3.44 14.32 13.70
N VAL B 566 -2.78 13.39 14.40
CA VAL B 566 -1.78 13.79 15.39
C VAL B 566 -0.51 14.43 14.73
N LEU B 567 0.10 13.75 13.74
CA LEU B 567 1.36 14.22 13.18
C LEU B 567 1.15 15.58 12.56
N TYR B 568 0.01 15.85 11.95
CA TYR B 568 -0.16 17.16 11.28
C TYR B 568 -0.91 18.19 12.15
N GLY B 569 -1.07 17.89 13.46
CA GLY B 569 -1.55 18.92 14.37
C GLY B 569 -3.08 19.12 14.37
N ARG B 570 -3.87 18.30 13.69
CA ARG B 570 -5.33 18.45 13.80
C ARG B 570 -5.76 18.09 15.19
N VAL B 571 -5.04 17.15 15.79
CA VAL B 571 -5.32 16.68 17.13
C VAL B 571 -4.03 16.90 17.92
N ASN B 572 -4.14 17.56 19.06
CA ASN B 572 -3.01 17.73 19.94
C ASN B 572 -2.94 16.49 20.87
N PRO B 573 -1.87 15.66 20.81
CA PRO B 573 -1.89 14.40 21.57
C PRO B 573 -2.07 14.66 23.10
N GLY B 574 -2.93 13.91 23.76
CA GLY B 574 -3.20 14.07 25.17
C GLY B 574 -2.96 12.75 25.88
N ALA B 575 -2.73 11.68 25.11
CA ALA B 575 -2.61 10.33 25.75
C ALA B 575 -1.40 10.25 26.68
N LYS B 576 -1.47 9.31 27.64
CA LYS B 576 -0.37 9.05 28.56
C LYS B 576 -0.12 7.56 28.60
N SER B 577 1.13 7.20 28.80
CA SER B 577 1.48 5.78 28.81
C SER B 577 0.72 5.07 29.93
N PRO B 578 0.02 3.92 29.59
CA PRO B 578 -0.68 3.27 30.69
C PRO B 578 0.17 2.12 31.26
N PHE B 579 1.45 2.09 30.93
CA PHE B 579 2.36 1.11 31.55
C PHE B 579 3.75 1.76 31.52
N THR B 580 4.75 1.02 32.00
CA THR B 580 6.09 1.53 32.15
C THR B 580 6.93 1.05 30.92
N TRP B 581 7.81 1.94 30.47
CA TRP B 581 8.80 1.60 29.46
C TRP B 581 10.20 1.47 30.09
N GLY B 582 10.66 0.23 30.25
CA GLY B 582 11.87 -0.02 31.05
C GLY B 582 13.10 -0.11 30.16
N LYS B 583 14.27 0.01 30.78
CA LYS B 583 15.54 -0.19 29.99
C LYS B 583 15.79 -1.62 29.54
N THR B 584 15.34 -2.61 30.31
CA THR B 584 15.60 -4.03 29.99
C THR B 584 14.35 -4.82 30.36
N ARG B 585 14.22 -6.07 29.89
CA ARG B 585 13.13 -6.94 30.35
C ARG B 585 13.31 -7.21 31.85
N GLU B 586 14.56 -7.45 32.30
CA GLU B 586 14.77 -7.68 33.77
C GLU B 586 14.17 -6.61 34.70
N ALA B 587 14.13 -5.39 34.20
CA ALA B 587 13.66 -4.25 35.04
C ALA B 587 12.19 -4.47 35.46
N TYR B 588 11.43 -5.22 34.66
CA TYR B 588 9.98 -5.45 35.01
C TYR B 588 9.81 -6.61 35.97
N GLY B 589 10.84 -7.47 36.11
CA GLY B 589 10.67 -8.72 36.88
C GLY B 589 9.45 -9.52 36.42
N ASP B 590 8.77 -10.18 37.33
CA ASP B 590 7.49 -10.87 36.99
C ASP B 590 7.64 -11.76 35.70
N TYR B 591 8.56 -12.72 35.77
CA TYR B 591 8.85 -13.56 34.58
C TYR B 591 7.68 -14.54 34.30
N LEU B 592 7.42 -14.82 33.02
CA LEU B 592 6.43 -15.83 32.67
C LEU B 592 6.97 -17.20 33.11
N VAL B 593 6.05 -18.09 33.42
CA VAL B 593 6.40 -19.53 33.62
C VAL B 593 6.43 -20.12 32.21
N ARG B 594 7.61 -20.53 31.77
CA ARG B 594 7.75 -20.97 30.34
C ARG B 594 8.21 -22.46 30.31
N GLU B 595 8.41 -23.05 31.48
CA GLU B 595 8.84 -24.45 31.55
C GLU B 595 8.11 -25.16 32.65
N LEU B 596 7.95 -26.46 32.49
CA LEU B 596 7.24 -27.25 33.49
C LEU B 596 8.07 -27.20 34.78
N ASN B 597 7.42 -26.93 35.90
CA ASN B 597 8.12 -26.86 37.19
C ASN B 597 7.46 -27.73 38.23
N ASN B 598 6.50 -28.56 37.85
CA ASN B 598 5.80 -29.40 38.81
C ASN B 598 5.63 -30.76 38.11
N GLY B 599 6.73 -31.20 37.49
CA GLY B 599 6.75 -32.44 36.72
C GLY B 599 5.74 -32.32 35.62
N ASN B 600 4.89 -33.37 35.47
CA ASN B 600 3.82 -33.35 34.48
C ASN B 600 2.45 -32.99 35.06
N GLY B 601 2.48 -32.49 36.29
CA GLY B 601 1.32 -31.90 36.95
C GLY B 601 1.11 -30.43 36.40
N ALA B 602 0.15 -29.69 36.98
CA ALA B 602 -0.04 -28.28 36.68
C ALA B 602 1.19 -27.47 37.00
N PRO B 603 1.68 -26.64 36.04
CA PRO B 603 2.79 -25.72 36.32
C PRO B 603 2.27 -24.74 37.39
N GLN B 604 3.16 -24.30 38.25
CA GLN B 604 2.76 -23.50 39.45
C GLN B 604 3.32 -22.10 39.23
N ASP B 605 2.43 -21.10 39.19
CA ASP B 605 2.82 -19.72 38.88
C ASP B 605 2.64 -18.89 40.14
N ASP B 606 3.66 -18.83 41.01
CA ASP B 606 3.56 -18.08 42.30
C ASP B 606 3.73 -16.59 42.04
N PHE B 607 2.74 -15.78 42.41
CA PHE B 607 2.84 -14.33 42.19
C PHE B 607 3.63 -13.81 43.40
N SER B 608 4.91 -14.19 43.42
CA SER B 608 5.71 -13.91 44.63
C SER B 608 6.05 -12.42 44.79
N GLU B 609 5.99 -11.62 43.71
CA GLU B 609 6.12 -10.16 43.83
C GLU B 609 4.97 -9.46 44.63
N GLY B 610 3.83 -10.12 44.85
CA GLY B 610 2.76 -9.49 45.56
C GLY B 610 2.20 -8.37 44.66
N VAL B 611 1.98 -7.19 45.23
CA VAL B 611 1.42 -6.07 44.44
C VAL B 611 2.38 -5.42 43.45
N PHE B 612 3.66 -5.83 43.50
CA PHE B 612 4.74 -5.02 42.89
C PHE B 612 4.89 -5.39 41.43
N ILE B 613 3.89 -4.98 40.66
CA ILE B 613 3.94 -5.17 39.18
C ILE B 613 4.07 -3.78 38.51
N ASP B 614 4.69 -3.79 37.30
CA ASP B 614 4.82 -2.55 36.46
C ASP B 614 5.41 -1.45 37.36
N TYR B 615 4.79 -0.28 37.39
CA TYR B 615 5.53 0.89 38.05
C TYR B 615 5.77 0.68 39.57
N ARG B 616 4.87 -0.03 40.24
CA ARG B 616 5.06 -0.31 41.70
C ARG B 616 6.38 -1.10 41.90
N GLY B 617 6.70 -1.98 40.95
CA GLY B 617 7.94 -2.80 41.04
C GLY B 617 9.16 -1.95 40.66
N PHE B 618 9.08 -1.12 39.60
CA PHE B 618 10.21 -0.25 39.25
C PHE B 618 10.51 0.69 40.45
N ASP B 619 9.49 1.21 41.11
CA ASP B 619 9.67 2.27 42.15
C ASP B 619 10.24 1.54 43.36
N LYS B 620 9.75 0.34 43.63
CA LYS B 620 10.23 -0.45 44.81
C LYS B 620 11.71 -0.74 44.64
N ARG B 621 12.11 -1.10 43.42
CA ARG B 621 13.53 -1.39 43.09
C ARG B 621 14.41 -0.17 42.79
N ASN B 622 13.87 1.01 43.01
CA ASN B 622 14.54 2.25 42.62
C ASN B 622 15.09 2.22 41.20
N GLU B 623 14.35 1.68 40.24
CA GLU B 623 14.86 1.64 38.84
C GLU B 623 14.24 2.88 38.19
N THR B 624 14.93 3.45 37.22
CA THR B 624 14.43 4.59 36.45
C THR B 624 13.91 4.12 35.12
N PRO B 625 12.60 4.29 34.88
CA PRO B 625 12.12 3.92 33.53
C PRO B 625 12.65 4.87 32.48
N ILE B 626 12.68 4.48 31.21
CA ILE B 626 12.88 5.51 30.15
C ILE B 626 11.66 6.41 30.06
N TYR B 627 10.47 5.80 30.02
CA TYR B 627 9.22 6.55 30.03
C TYR B 627 8.38 5.92 31.16
N GLU B 628 7.99 6.73 32.12
CA GLU B 628 7.30 6.17 33.27
C GLU B 628 5.79 6.03 32.98
N PHE B 629 5.16 5.23 33.83
CA PHE B 629 3.66 5.14 33.84
C PHE B 629 3.10 6.55 34.00
N GLY B 630 2.13 6.92 33.16
CA GLY B 630 1.61 8.27 33.17
C GLY B 630 2.25 9.33 32.32
N HIS B 631 3.34 8.96 31.63
CA HIS B 631 4.10 9.91 30.85
C HIS B 631 3.50 10.11 29.45
N GLY B 632 3.34 11.35 29.02
CA GLY B 632 3.06 11.57 27.61
C GLY B 632 3.18 13.09 27.41
N LEU B 633 3.66 13.53 26.25
CA LEU B 633 3.89 14.97 26.00
C LEU B 633 2.72 15.50 25.24
N SER B 634 2.73 16.81 25.03
CA SER B 634 1.63 17.49 24.34
C SER B 634 2.26 18.52 23.40
N TYR B 635 1.48 19.07 22.47
CA TYR B 635 1.92 20.24 21.75
C TYR B 635 1.75 21.56 22.56
N THR B 636 1.35 21.46 23.81
CA THR B 636 1.36 22.62 24.69
C THR B 636 1.93 22.20 26.01
N THR B 637 1.95 23.11 27.01
CA THR B 637 2.51 22.74 28.31
C THR B 637 1.44 23.05 29.30
N PHE B 638 1.55 22.41 30.47
CA PHE B 638 0.57 22.61 31.57
C PHE B 638 1.30 22.90 32.89
N ASN B 639 0.63 23.63 33.77
CA ASN B 639 1.15 23.90 35.09
C ASN B 639 0.16 23.41 36.10
N TYR B 640 0.61 22.74 37.20
CA TYR B 640 -0.24 22.34 38.28
C TYR B 640 0.19 23.12 39.51
N SER B 641 -0.74 23.70 40.23
CA SER B 641 -0.37 24.50 41.42
C SER B 641 -1.53 24.44 42.37
N GLY B 642 -1.30 24.96 43.57
CA GLY B 642 -2.47 25.29 44.46
C GLY B 642 -3.18 24.04 45.01
N LEU B 643 -2.43 23.07 45.52
CA LEU B 643 -3.07 21.90 46.18
C LEU B 643 -3.84 22.32 47.43
N HIS B 644 -5.10 21.89 47.55
CA HIS B 644 -5.91 22.14 48.77
C HIS B 644 -6.58 20.84 49.17
N ILE B 645 -6.67 20.57 50.47
CA ILE B 645 -7.18 19.28 50.89
C ILE B 645 -8.25 19.60 51.95
N GLN B 646 -9.37 18.91 51.93
CA GLN B 646 -10.47 19.22 52.87
C GLN B 646 -11.02 17.90 53.41
N VAL B 647 -11.03 17.72 54.73
CA VAL B 647 -11.70 16.57 55.35
C VAL B 647 -13.18 16.72 55.20
N LEU B 648 -13.90 15.66 54.77
CA LEU B 648 -15.36 15.75 54.51
C LEU B 648 -16.13 15.16 55.74
N ASN B 649 -17.41 15.53 55.91
CA ASN B 649 -18.23 15.00 57.01
C ASN B 649 -18.56 13.54 56.77
N ALA B 657 -27.36 -4.99 56.12
CA ALA B 657 -27.88 -6.34 56.40
C ALA B 657 -26.77 -7.20 57.00
N THR B 658 -27.04 -7.92 58.10
CA THR B 658 -26.02 -8.80 58.66
C THR B 658 -26.26 -10.31 58.28
N GLU B 659 -27.46 -10.65 57.82
CA GLU B 659 -27.82 -12.02 57.33
C GLU B 659 -28.53 -11.96 55.94
N THR B 660 -28.44 -13.01 55.16
CA THR B 660 -29.22 -13.12 53.92
C THR B 660 -30.60 -13.76 54.20
N GLY B 661 -31.46 -13.75 53.19
CA GLY B 661 -32.72 -14.52 53.18
C GLY B 661 -32.33 -15.99 53.03
N ALA B 662 -33.28 -16.94 53.27
CA ALA B 662 -33.02 -18.35 52.94
C ALA B 662 -33.05 -18.48 51.39
N ALA B 663 -32.40 -19.50 50.81
CA ALA B 663 -32.41 -19.66 49.36
C ALA B 663 -33.84 -19.96 48.90
N PRO B 664 -34.36 -19.27 47.86
CA PRO B 664 -35.74 -19.52 47.41
C PRO B 664 -35.78 -20.55 46.29
N THR B 665 -36.94 -21.18 46.08
CA THR B 665 -37.15 -21.96 44.87
C THR B 665 -38.30 -21.27 44.11
N PHE B 666 -38.21 -21.31 42.80
CA PHE B 666 -39.14 -20.67 41.93
C PHE B 666 -39.72 -21.73 40.99
N GLY B 667 -41.03 -22.05 41.11
CA GLY B 667 -41.57 -23.12 40.27
C GLY B 667 -41.31 -24.51 40.87
N GLN B 668 -41.77 -25.52 40.14
CA GLN B 668 -41.84 -26.90 40.62
C GLN B 668 -40.99 -27.80 39.74
N VAL B 669 -40.48 -28.86 40.37
CA VAL B 669 -39.78 -29.94 39.67
C VAL B 669 -40.64 -31.22 39.75
N GLY B 670 -40.93 -31.88 38.63
CA GLY B 670 -41.74 -33.14 38.65
C GLY B 670 -40.89 -34.44 38.60
N ASN B 671 -41.41 -35.49 37.97
CA ASN B 671 -40.78 -36.82 37.93
C ASN B 671 -39.80 -36.83 36.77
N ALA B 672 -38.89 -37.82 36.69
CA ALA B 672 -38.01 -37.95 35.51
C ALA B 672 -38.78 -37.95 34.16
N SER B 673 -39.99 -38.55 34.12
CA SER B 673 -40.64 -38.80 32.86
C SER B 673 -41.09 -37.44 32.28
N ASP B 674 -41.25 -36.41 33.10
CA ASP B 674 -41.48 -35.08 32.52
C ASP B 674 -40.27 -34.53 31.64
N TYR B 675 -39.07 -35.11 31.76
CA TYR B 675 -37.85 -34.51 31.14
C TYR B 675 -37.19 -35.42 30.14
N VAL B 676 -37.93 -36.45 29.70
CA VAL B 676 -37.44 -37.35 28.65
C VAL B 676 -37.58 -36.61 27.33
N TYR B 677 -36.71 -36.87 26.36
CA TYR B 677 -36.87 -36.22 25.01
C TYR B 677 -38.30 -36.26 24.49
N PRO B 678 -38.85 -35.10 24.03
CA PRO B 678 -40.22 -35.18 23.52
C PRO B 678 -40.20 -35.97 22.23
N GLU B 679 -41.27 -36.70 21.98
CA GLU B 679 -41.26 -37.66 20.87
C GLU B 679 -41.28 -37.00 19.49
N GLY B 680 -41.93 -35.87 19.30
CA GLY B 680 -41.89 -35.31 17.90
C GLY B 680 -40.55 -34.66 17.51
N LEU B 681 -39.53 -34.69 18.35
CA LEU B 681 -38.43 -33.76 18.12
C LEU B 681 -37.30 -34.47 17.41
N THR B 682 -36.83 -33.98 16.26
CA THR B 682 -35.58 -34.48 15.62
C THR B 682 -34.33 -33.98 16.31
N ARG B 683 -33.57 -34.88 16.90
CA ARG B 683 -32.35 -34.46 17.56
C ARG B 683 -31.24 -34.19 16.56
N ILE B 684 -30.64 -33.01 16.59
CA ILE B 684 -29.62 -32.62 15.71
C ILE B 684 -28.31 -33.22 16.24
N SER B 685 -27.46 -33.80 15.37
CA SER B 685 -26.20 -34.40 15.83
C SER B 685 -25.32 -33.33 16.49
N LYS B 686 -24.72 -33.71 17.64
CA LYS B 686 -23.76 -32.91 18.46
C LYS B 686 -24.53 -31.79 19.16
N PHE B 687 -25.87 -31.70 18.90
CA PHE B 687 -26.60 -30.59 19.61
C PHE B 687 -26.76 -30.99 21.11
N ILE B 688 -26.58 -30.02 22.03
CA ILE B 688 -26.72 -30.26 23.51
C ILE B 688 -28.11 -29.82 23.95
N TYR B 689 -28.85 -30.80 24.57
CA TYR B 689 -30.25 -30.64 24.99
C TYR B 689 -30.31 -30.81 26.54
N PRO B 690 -31.46 -30.46 27.19
CA PRO B 690 -31.63 -30.55 28.62
C PRO B 690 -32.27 -31.93 29.02
N TRP B 691 -32.51 -32.78 28.01
CA TRP B 691 -33.48 -33.88 28.20
C TRP B 691 -32.80 -35.23 28.42
N LEU B 692 -33.59 -36.19 28.93
CA LEU B 692 -33.03 -37.49 29.29
C LEU B 692 -33.44 -38.56 28.29
N ASN B 693 -32.59 -39.55 28.02
CA ASN B 693 -33.03 -40.60 27.06
C ASN B 693 -34.21 -41.39 27.67
N SER B 694 -34.24 -41.52 29.01
CA SER B 694 -35.29 -42.35 29.65
C SER B 694 -35.37 -41.96 31.14
N THR B 695 -36.35 -42.48 31.92
CA THR B 695 -36.42 -42.24 33.36
C THR B 695 -35.27 -42.90 34.13
N ASP B 696 -34.46 -43.74 33.47
CA ASP B 696 -33.30 -44.31 34.13
C ASP B 696 -32.16 -43.22 34.18
N LEU B 697 -31.92 -42.69 35.37
CA LEU B 697 -31.07 -41.48 35.56
C LEU B 697 -29.66 -41.84 35.27
N LYS B 698 -29.21 -42.95 35.86
CA LYS B 698 -27.88 -43.43 35.64
C LYS B 698 -27.56 -43.67 34.19
N ALA B 699 -28.43 -44.40 33.48
CA ALA B 699 -28.16 -44.68 32.10
C ALA B 699 -28.24 -43.40 31.22
N SER B 700 -29.15 -42.49 31.53
CA SER B 700 -29.31 -41.30 30.68
C SER B 700 -28.09 -40.34 30.91
N SER B 701 -27.47 -40.41 32.09
CA SER B 701 -26.29 -39.56 32.32
C SER B 701 -25.08 -40.11 31.55
N GLY B 702 -24.91 -41.44 31.44
CA GLY B 702 -23.68 -41.92 30.79
C GLY B 702 -22.43 -41.68 31.66
N ASP B 703 -22.54 -41.09 32.86
CA ASP B 703 -21.36 -40.76 33.58
C ASP B 703 -20.73 -41.99 34.28
N PRO B 704 -19.46 -42.30 34.01
CA PRO B 704 -18.85 -43.50 34.61
C PRO B 704 -18.79 -43.36 36.07
N TYR B 705 -18.75 -42.14 36.58
CA TYR B 705 -18.79 -41.99 38.05
C TYR B 705 -20.17 -41.81 38.64
N TYR B 706 -21.23 -42.03 37.86
CA TYR B 706 -22.59 -41.69 38.33
C TYR B 706 -22.94 -42.35 39.69
N GLY B 707 -23.35 -41.55 40.69
CA GLY B 707 -23.88 -42.15 41.92
C GLY B 707 -22.81 -42.84 42.79
N VAL B 708 -21.52 -42.63 42.50
CA VAL B 708 -20.39 -43.27 43.26
C VAL B 708 -19.70 -42.22 44.18
N ASP B 709 -19.74 -42.43 45.53
CA ASP B 709 -19.09 -41.59 46.51
C ASP B 709 -19.58 -40.15 46.42
N THR B 710 -20.83 -40.00 46.04
CA THR B 710 -21.34 -38.67 45.73
C THR B 710 -21.23 -37.72 46.91
N ALA B 711 -21.69 -38.10 48.10
CA ALA B 711 -21.58 -37.20 49.19
C ALA B 711 -20.13 -36.80 49.60
N GLU B 712 -19.15 -37.72 49.48
CA GLU B 712 -17.77 -37.37 49.79
C GLU B 712 -17.20 -36.40 48.72
N HIS B 713 -17.87 -36.29 47.58
CA HIS B 713 -17.41 -35.31 46.51
C HIS B 713 -18.14 -33.94 46.55
N VAL B 714 -19.05 -33.76 47.50
CA VAL B 714 -19.83 -32.54 47.65
C VAL B 714 -19.33 -31.87 48.89
N PRO B 715 -18.70 -30.67 48.78
CA PRO B 715 -18.09 -30.05 49.98
C PRO B 715 -19.08 -29.68 51.04
N GLU B 716 -18.64 -29.61 52.29
CA GLU B 716 -19.60 -29.36 53.36
C GLU B 716 -20.23 -27.94 53.11
N GLY B 717 -21.53 -27.80 53.33
CA GLY B 717 -22.19 -26.50 53.15
C GLY B 717 -22.66 -26.27 51.69
N ALA B 718 -22.24 -27.09 50.73
CA ALA B 718 -22.52 -26.82 49.27
C ALA B 718 -24.03 -26.91 49.03
N THR B 719 -24.77 -27.60 49.93
CA THR B 719 -26.24 -27.68 49.74
C THR B 719 -27.05 -26.95 50.80
N ASP B 720 -26.40 -26.09 51.59
CA ASP B 720 -27.02 -25.36 52.68
C ASP B 720 -27.81 -24.17 52.16
N GLY B 721 -29.13 -24.28 52.06
CA GLY B 721 -29.97 -23.15 51.67
C GLY B 721 -30.48 -22.23 52.77
N SER B 722 -29.93 -22.35 53.95
CA SER B 722 -30.41 -21.51 55.05
C SER B 722 -29.76 -20.10 54.95
N PRO B 723 -30.31 -19.09 55.68
CA PRO B 723 -29.78 -17.74 55.73
C PRO B 723 -28.29 -17.79 56.07
N GLN B 724 -27.52 -16.92 55.43
CA GLN B 724 -26.06 -16.91 55.66
C GLN B 724 -25.61 -15.57 56.29
N PRO B 725 -24.44 -15.55 56.98
CA PRO B 725 -23.82 -14.28 57.42
C PRO B 725 -23.42 -13.41 56.24
N VAL B 726 -23.61 -12.11 56.37
CA VAL B 726 -23.11 -11.18 55.35
C VAL B 726 -21.64 -10.93 55.73
N LEU B 727 -20.70 -10.99 54.78
CA LEU B 727 -19.28 -10.77 55.13
C LEU B 727 -19.05 -9.27 55.51
N PRO B 728 -18.11 -8.98 56.44
CA PRO B 728 -17.78 -7.58 56.86
C PRO B 728 -17.53 -6.68 55.61
N ALA B 729 -16.86 -7.26 54.61
CA ALA B 729 -16.48 -6.44 53.42
C ALA B 729 -17.49 -6.49 52.32
N GLY B 730 -18.60 -7.23 52.53
CA GLY B 730 -19.71 -7.39 51.52
C GLY B 730 -20.93 -6.58 51.96
N GLY B 731 -22.09 -6.87 51.41
CA GLY B 731 -23.31 -6.19 51.77
C GLY B 731 -23.69 -5.09 50.79
N GLY B 732 -22.92 -4.87 49.71
CA GLY B 732 -23.32 -3.76 48.83
C GLY B 732 -22.98 -4.20 47.44
N SER B 733 -22.71 -3.28 46.54
CA SER B 733 -22.38 -3.72 45.13
C SER B 733 -20.93 -3.32 44.91
N GLY B 734 -20.02 -4.28 44.76
CA GLY B 734 -18.57 -3.91 44.70
C GLY B 734 -17.96 -3.81 46.09
N GLY B 735 -18.66 -4.37 47.07
CA GLY B 735 -18.17 -4.24 48.44
C GLY B 735 -19.15 -3.49 49.34
N ASN B 736 -18.95 -3.66 50.65
CA ASN B 736 -19.69 -2.88 51.64
C ASN B 736 -19.84 -1.42 51.21
N PRO B 737 -21.05 -0.87 51.27
CA PRO B 737 -21.20 0.53 50.81
C PRO B 737 -20.35 1.55 51.59
N ARG B 738 -20.00 1.29 52.84
CA ARG B 738 -19.18 2.23 53.60
C ARG B 738 -17.77 2.42 52.89
N LEU B 739 -17.36 1.45 52.06
CA LEU B 739 -16.07 1.59 51.38
C LEU B 739 -16.15 2.80 50.41
N TYR B 740 -17.35 3.16 50.02
CA TYR B 740 -17.45 4.23 49.00
C TYR B 740 -17.81 5.62 49.53
N ASP B 741 -17.88 5.76 50.84
CA ASP B 741 -18.03 7.05 51.50
C ASP B 741 -16.85 7.93 51.14
N GLU B 742 -17.11 9.18 50.81
CA GLU B 742 -16.03 10.08 50.45
C GLU B 742 -15.42 10.70 51.70
N LEU B 743 -14.11 10.55 51.97
CA LEU B 743 -13.56 11.04 53.24
C LEU B 743 -12.73 12.32 53.10
N ILE B 744 -12.05 12.51 51.92
CA ILE B 744 -11.17 13.71 51.78
C ILE B 744 -11.43 14.27 50.35
N ARG B 745 -11.60 15.58 50.23
CA ARG B 745 -11.62 16.22 48.90
C ARG B 745 -10.27 16.84 48.59
N VAL B 746 -9.80 16.74 47.33
CA VAL B 746 -8.47 17.24 46.97
C VAL B 746 -8.72 18.17 45.70
N SER B 747 -8.12 19.38 45.66
CA SER B 747 -8.29 20.29 44.50
C SER B 747 -6.92 20.78 44.09
N VAL B 748 -6.71 21.07 42.76
CA VAL B 748 -5.47 21.71 42.34
C VAL B 748 -5.94 22.58 41.15
N THR B 749 -5.13 23.56 40.82
CA THR B 749 -5.43 24.41 39.67
C THR B 749 -4.56 23.92 38.54
N VAL B 750 -5.15 23.87 37.33
CA VAL B 750 -4.42 23.36 36.21
C VAL B 750 -4.50 24.46 35.13
N LYS B 751 -3.35 24.84 34.54
CA LYS B 751 -3.38 25.93 33.54
C LYS B 751 -2.66 25.47 32.26
N ASN B 752 -3.23 25.81 31.12
CA ASN B 752 -2.49 25.62 29.84
C ASN B 752 -1.55 26.83 29.61
N THR B 753 -0.25 26.61 29.72
CA THR B 753 0.71 27.72 29.74
C THR B 753 1.36 27.77 28.39
N GLY B 754 0.92 26.91 27.46
CA GLY B 754 1.47 27.01 26.08
C GLY B 754 0.61 27.72 25.08
N ARG B 755 0.77 27.33 23.78
CA ARG B 755 0.15 28.14 22.71
C ARG B 755 -0.94 27.33 22.00
N VAL B 756 -1.15 26.07 22.42
CA VAL B 756 -2.06 25.14 21.56
C VAL B 756 -3.16 24.65 22.51
N ALA B 757 -4.46 24.78 22.16
CA ALA B 757 -5.51 24.07 22.97
C ALA B 757 -5.19 22.58 23.09
N GLY B 758 -5.53 21.99 24.23
CA GLY B 758 -5.29 20.57 24.35
C GLY B 758 -5.75 20.05 25.71
N ASP B 759 -5.42 18.77 25.93
CA ASP B 759 -5.86 18.16 27.15
C ASP B 759 -4.81 17.85 28.10
N ALA B 760 -5.05 18.20 29.36
CA ALA B 760 -4.17 17.70 30.46
C ALA B 760 -4.77 16.45 31.06
N VAL B 761 -3.91 15.62 31.65
CA VAL B 761 -4.33 14.42 32.39
C VAL B 761 -3.74 14.54 33.79
N PRO B 762 -4.42 15.30 34.67
CA PRO B 762 -3.90 15.39 36.06
C PRO B 762 -4.01 13.98 36.67
N GLN B 763 -3.03 13.61 37.54
CA GLN B 763 -3.02 12.29 38.13
C GLN B 763 -2.79 12.49 39.63
N LEU B 764 -3.60 11.81 40.40
CA LEU B 764 -3.54 11.95 41.90
C LEU B 764 -3.11 10.57 42.40
N TYR B 765 -1.96 10.51 43.06
CA TYR B 765 -1.41 9.25 43.65
C TYR B 765 -1.48 9.39 45.17
N VAL B 766 -1.56 8.28 45.88
CA VAL B 766 -1.43 8.39 47.39
C VAL B 766 -0.27 7.51 47.79
N SER B 767 0.21 7.72 49.02
CA SER B 767 1.22 6.84 49.59
C SER B 767 0.49 6.40 50.86
N LEU B 768 0.12 5.12 50.90
CA LEU B 768 -0.64 4.62 52.06
C LEU B 768 0.22 4.32 53.31
N GLY B 769 1.55 4.22 53.10
CA GLY B 769 2.49 4.13 54.24
C GLY B 769 2.66 2.68 54.68
N GLY B 770 3.70 2.43 55.43
CA GLY B 770 3.94 1.09 55.96
C GLY B 770 5.06 0.42 55.20
N PRO B 771 5.74 -0.51 55.86
CA PRO B 771 6.94 -1.16 55.26
C PRO B 771 6.65 -1.91 53.94
N ASN B 772 5.47 -2.45 53.74
CA ASN B 772 5.27 -3.24 52.54
C ASN B 772 4.48 -2.56 51.41
N GLU B 773 4.18 -1.26 51.54
CA GLU B 773 3.31 -0.57 50.57
C GLU B 773 4.14 0.06 49.47
N PRO B 774 3.63 0.11 48.20
CA PRO B 774 4.32 0.84 47.13
C PRO B 774 4.50 2.32 47.57
N LYS B 775 5.56 2.97 47.09
CA LYS B 775 5.84 4.39 47.39
C LYS B 775 4.68 5.26 46.97
N VAL B 776 4.16 5.01 45.76
CA VAL B 776 2.92 5.78 45.28
C VAL B 776 1.94 4.80 44.50
N VAL B 777 0.64 5.04 44.60
CA VAL B 777 -0.39 4.24 43.90
C VAL B 777 -1.39 5.25 43.34
N LEU B 778 -1.73 5.14 42.06
CA LEU B 778 -2.70 6.04 41.43
C LEU B 778 -4.09 5.85 42.07
N ARG B 779 -4.81 6.93 42.33
CA ARG B 779 -6.18 6.81 42.77
C ARG B 779 -7.15 7.61 41.97
N LYS B 780 -6.79 8.83 41.49
CA LYS B 780 -7.76 9.58 40.68
C LYS B 780 -7.10 10.15 39.44
N PHE B 781 -7.91 10.48 38.43
CA PHE B 781 -7.31 11.14 37.24
C PHE B 781 -8.48 11.70 36.49
N ASP B 782 -8.17 12.57 35.52
CA ASP B 782 -9.25 13.07 34.62
C ASP B 782 -8.57 13.55 33.35
N ARG B 783 -9.34 13.84 32.31
CA ARG B 783 -8.71 14.41 31.15
C ARG B 783 -9.42 15.73 30.87
N LEU B 784 -8.72 16.84 30.99
CA LEU B 784 -9.36 18.19 31.01
C LEU B 784 -8.88 19.02 29.82
N THR B 785 -9.82 19.58 29.08
CA THR B 785 -9.49 20.28 27.86
C THR B 785 -9.35 21.78 28.25
N LEU B 786 -8.22 22.39 27.90
CA LEU B 786 -7.95 23.79 28.19
C LEU B 786 -7.46 24.47 26.92
N LYS B 787 -8.01 25.67 26.65
CA LYS B 787 -7.45 26.45 25.54
C LYS B 787 -6.16 27.18 26.11
N PRO B 788 -5.40 27.82 25.23
CA PRO B 788 -4.14 28.49 25.71
C PRO B 788 -4.48 29.57 26.74
N SER B 789 -3.72 29.52 27.84
CA SER B 789 -3.83 30.44 29.00
C SER B 789 -5.01 30.08 29.88
N GLU B 790 -5.89 29.17 29.42
CA GLU B 790 -7.10 28.84 30.23
C GLU B 790 -6.74 28.01 31.48
N GLU B 791 -7.46 28.22 32.59
CA GLU B 791 -7.17 27.43 33.80
C GLU B 791 -8.44 26.77 34.29
N THR B 792 -8.33 25.77 35.13
CA THR B 792 -9.56 25.25 35.70
C THR B 792 -9.13 24.66 37.09
N VAL B 793 -10.11 24.50 37.99
CA VAL B 793 -9.80 23.75 39.24
C VAL B 793 -10.21 22.30 39.06
N TRP B 794 -9.34 21.33 39.34
CA TRP B 794 -9.72 19.90 39.18
C TRP B 794 -10.00 19.49 40.66
N THR B 795 -11.22 19.03 40.95
CA THR B 795 -11.51 18.59 42.34
C THR B 795 -11.86 17.13 42.23
N THR B 796 -11.41 16.34 43.20
CA THR B 796 -11.79 14.94 43.16
C THR B 796 -11.91 14.48 44.65
N THR B 797 -12.31 13.26 44.93
CA THR B 797 -12.47 12.86 46.37
C THR B 797 -11.79 11.51 46.57
N LEU B 798 -11.34 11.23 47.78
CA LEU B 798 -10.73 9.93 48.16
C LEU B 798 -11.78 9.22 49.03
N THR B 799 -12.16 8.01 48.61
CA THR B 799 -13.10 7.21 49.33
C THR B 799 -12.35 6.43 50.45
N ARG B 800 -13.12 5.87 51.38
CA ARG B 800 -12.61 4.92 52.37
C ARG B 800 -11.77 3.79 51.67
N ARG B 801 -12.34 3.16 50.64
CA ARG B 801 -11.57 2.17 49.88
C ARG B 801 -10.22 2.73 49.37
N ASP B 802 -10.24 3.91 48.76
CA ASP B 802 -8.97 4.52 48.28
C ASP B 802 -7.83 4.66 49.27
N LEU B 803 -8.18 4.84 50.55
CA LEU B 803 -7.13 4.96 51.60
C LEU B 803 -6.90 3.67 52.43
N SER B 804 -7.46 2.54 51.98
CA SER B 804 -7.45 1.29 52.78
C SER B 804 -6.48 0.30 52.28
N ASN B 805 -6.12 -0.66 53.16
CA ASN B 805 -5.41 -1.82 52.74
C ASN B 805 -6.23 -3.04 53.12
N TRP B 806 -6.01 -4.16 52.44
CA TRP B 806 -6.82 -5.33 52.80
C TRP B 806 -6.15 -6.05 53.97
N ASP B 807 -6.92 -6.22 55.03
CA ASP B 807 -6.39 -6.86 56.26
C ASP B 807 -6.81 -8.35 56.31
N VAL B 808 -5.87 -9.27 56.12
CA VAL B 808 -6.22 -10.76 56.00
C VAL B 808 -6.85 -11.29 57.32
N ALA B 809 -6.47 -10.71 58.47
CA ALA B 809 -6.99 -11.17 59.78
C ALA B 809 -8.46 -10.67 59.98
N ALA B 810 -8.76 -9.43 59.59
CA ALA B 810 -10.12 -8.92 59.67
C ALA B 810 -11.01 -9.39 58.50
N GLN B 811 -10.37 -9.81 57.41
CA GLN B 811 -11.15 -10.06 56.19
C GLN B 811 -11.93 -8.77 55.87
N ASP B 812 -11.20 -7.64 55.88
CA ASP B 812 -11.88 -6.38 55.59
C ASP B 812 -10.78 -5.35 55.17
N TRP B 813 -11.21 -4.32 54.46
CA TRP B 813 -10.40 -3.13 54.15
C TRP B 813 -10.28 -2.33 55.43
N VAL B 814 -9.07 -1.89 55.75
CA VAL B 814 -8.82 -1.08 56.96
C VAL B 814 -7.95 0.08 56.54
N ILE B 815 -8.21 1.24 57.13
CA ILE B 815 -7.27 2.37 56.95
C ILE B 815 -6.17 2.19 58.01
N THR B 816 -4.95 1.87 57.58
CA THR B 816 -3.96 1.57 58.53
C THR B 816 -3.47 2.86 59.24
N SER B 817 -2.76 2.69 60.38
CA SER B 817 -2.36 3.86 61.20
C SER B 817 -1.11 4.54 60.61
N TYR B 818 -0.45 3.98 59.60
CA TYR B 818 0.76 4.66 59.05
C TYR B 818 0.33 5.97 58.39
N PRO B 819 1.14 7.03 58.45
CA PRO B 819 0.61 8.32 57.91
C PRO B 819 0.59 8.22 56.37
N LYS B 820 -0.35 8.91 55.76
CA LYS B 820 -0.54 8.80 54.30
C LYS B 820 -0.27 10.17 53.65
N LYS B 821 0.10 10.19 52.37
CA LYS B 821 0.37 11.45 51.69
C LYS B 821 -0.34 11.40 50.37
N VAL B 822 -0.56 12.58 49.78
CA VAL B 822 -1.18 12.68 48.42
C VAL B 822 -0.21 13.43 47.55
N HIS B 823 -0.18 13.07 46.23
CA HIS B 823 0.72 13.71 45.31
C HIS B 823 -0.07 13.99 44.03
N VAL B 824 0.10 15.15 43.41
CA VAL B 824 -0.67 15.41 42.18
C VAL B 824 0.33 15.92 41.14
N GLY B 825 0.14 15.49 39.89
CA GLY B 825 1.00 16.07 38.88
C GLY B 825 0.70 15.40 37.54
N SER B 826 1.71 15.29 36.70
CA SER B 826 1.50 14.93 35.24
C SER B 826 1.96 13.45 34.95
N SER B 827 2.58 12.75 35.91
CA SER B 827 2.98 11.34 35.72
C SER B 827 3.30 10.71 37.06
N SER B 828 3.61 9.45 37.05
CA SER B 828 3.99 8.81 38.38
C SER B 828 5.33 9.30 38.91
N ARG B 829 6.11 9.97 38.02
CA ARG B 829 7.43 10.49 38.40
C ARG B 829 7.50 12.01 38.43
N GLN B 830 6.45 12.74 38.00
CA GLN B 830 6.50 14.20 37.96
C GLN B 830 5.32 14.67 38.80
N LEU B 831 5.52 14.83 40.12
CA LEU B 831 4.44 15.06 41.06
C LEU B 831 4.95 16.29 41.88
N PRO B 832 4.77 17.50 41.35
CA PRO B 832 5.30 18.67 42.06
C PRO B 832 4.47 19.00 43.29
N LEU B 833 3.22 18.57 43.38
CA LEU B 833 2.38 18.95 44.49
C LEU B 833 2.18 17.78 45.41
N HIS B 834 2.35 18.03 46.72
CA HIS B 834 2.31 16.91 47.64
C HIS B 834 1.99 17.41 49.03
N ALA B 835 1.26 16.65 49.80
CA ALA B 835 0.95 17.01 51.19
C ALA B 835 0.72 15.75 52.02
N ALA B 836 0.89 15.89 53.32
CA ALA B 836 0.45 14.87 54.25
C ALA B 836 -1.10 14.89 54.28
N LEU B 837 -1.75 13.71 54.31
CA LEU B 837 -3.19 13.71 54.46
C LEU B 837 -3.56 13.72 55.92
N PRO B 838 -4.69 14.33 56.25
CA PRO B 838 -5.13 14.33 57.64
C PRO B 838 -5.58 12.93 57.98
N LYS B 839 -5.44 12.54 59.25
CA LYS B 839 -5.89 11.23 59.69
C LYS B 839 -7.44 11.12 59.55
N VAL B 840 -7.96 10.05 58.93
CA VAL B 840 -9.39 9.86 58.76
C VAL B 840 -9.62 8.36 59.02
N GLN B 841 -10.86 7.91 59.25
CA GLN B 841 -11.10 6.45 59.43
C GLN B 841 -12.41 6.00 58.80
#